data_2ELC
#
_entry.id   2ELC
#
_cell.length_a   165.319
_cell.length_b   72.913
_cell.length_c   141.263
_cell.angle_alpha   90.00
_cell.angle_beta   125.21
_cell.angle_gamma   90.00
#
_symmetry.space_group_name_H-M   'C 1 2 1'
#
loop_
_entity.id
_entity.type
_entity.pdbx_description
1 polymer 'Anthranilate phosphoribosyltransferase'
2 non-polymer GLYCEROL
3 non-polymer 'SODIUM ION'
4 water water
#
_entity_poly.entity_id   1
_entity_poly.type   'polypeptide(L)'
_entity_poly.pdbx_seq_one_letter_code
;MDAVKKAILGEVLEEEEAYEVMRALMAGEVSPVRAAGLLVALSLRGERPHEIAAMARAMREAARPLRVHRRPLLDIVGTG
GDGKGLMNLSTLAALVAAAGGVAVAKHGNRAASSRAGSADLLEALGVDLEAPPERVGEAIEELGFGFLFARVFHPAMRHV
APVRAELGVRTVFNLLGPLTNPAGADAYVLGVFSPEWLAPMAEALERLGARGLVVHGEGADELVLGENRVVEVGKGAYAL
TPEEVGLKRAPLEALKGGGPEENAALARRLLKGEEKGPLADAVALAAGAGFYAAGKTPSLKEGVALAREVLASGEAYLLL
ERYVAFLRA
;
_entity_poly.pdbx_strand_id   A,B,C,D
#
loop_
_chem_comp.id
_chem_comp.type
_chem_comp.name
_chem_comp.formula
GOL non-polymer GLYCEROL 'C3 H8 O3'
NA non-polymer 'SODIUM ION' 'Na 1'
#
# COMPACT_ATOMS: atom_id res chain seq x y z
N MET A 1 14.60 -22.46 9.99
CA MET A 1 14.28 -21.11 9.42
C MET A 1 14.78 -20.98 7.99
N ASP A 2 13.89 -20.55 7.10
CA ASP A 2 14.32 -20.43 5.72
C ASP A 2 15.27 -19.25 5.56
N ALA A 3 16.06 -19.32 4.50
CA ALA A 3 17.10 -18.34 4.25
C ALA A 3 16.58 -16.92 4.05
N VAL A 4 15.42 -16.77 3.43
CA VAL A 4 14.85 -15.45 3.20
C VAL A 4 14.50 -14.79 4.54
N LYS A 5 13.89 -15.54 5.44
CA LYS A 5 13.55 -14.98 6.75
C LYS A 5 14.82 -14.59 7.49
N LYS A 6 15.85 -15.44 7.41
CA LYS A 6 17.12 -15.18 8.06
C LYS A 6 17.69 -13.85 7.55
N ALA A 7 17.56 -13.62 6.25
CA ALA A 7 18.05 -12.40 5.64
C ALA A 7 17.28 -11.20 6.19
N ILE A 8 15.96 -11.34 6.25
CA ILE A 8 15.10 -10.27 6.76
C ILE A 8 15.42 -9.93 8.20
N LEU A 9 15.86 -10.93 8.97
CA LEU A 9 16.19 -10.71 10.38
C LEU A 9 17.53 -10.00 10.56
N GLY A 10 18.22 -9.74 9.44
CA GLY A 10 19.49 -9.05 9.49
C GLY A 10 20.69 -9.92 9.79
N GLU A 11 20.54 -11.23 9.68
CA GLU A 11 21.65 -12.11 9.94
C GLU A 11 22.46 -12.34 8.67
N VAL A 12 23.77 -12.53 8.83
CA VAL A 12 24.63 -12.77 7.69
C VAL A 12 24.32 -14.18 7.20
N LEU A 13 24.19 -14.34 5.88
CA LEU A 13 23.87 -15.64 5.31
C LEU A 13 25.10 -16.47 5.01
N GLU A 14 24.97 -17.79 5.15
CA GLU A 14 26.07 -18.66 4.81
C GLU A 14 26.08 -18.59 3.29
N GLU A 15 27.21 -18.88 2.66
CA GLU A 15 27.31 -18.79 1.22
C GLU A 15 26.18 -19.47 0.44
N GLU A 16 25.88 -20.72 0.78
CA GLU A 16 24.82 -21.42 0.05
C GLU A 16 23.42 -20.96 0.41
N GLU A 17 23.28 -20.26 1.54
CA GLU A 17 21.98 -19.71 1.90
C GLU A 17 21.78 -18.50 0.99
N ALA A 18 22.87 -17.77 0.72
CA ALA A 18 22.80 -16.62 -0.16
C ALA A 18 22.49 -17.09 -1.58
N TYR A 19 23.11 -18.20 -1.99
CA TYR A 19 22.84 -18.73 -3.32
C TYR A 19 21.35 -19.08 -3.40
N GLU A 20 20.84 -19.76 -2.38
CA GLU A 20 19.44 -20.17 -2.34
C GLU A 20 18.47 -19.00 -2.40
N VAL A 21 18.74 -17.93 -1.65
CA VAL A 21 17.88 -16.76 -1.67
C VAL A 21 17.78 -16.18 -3.07
N MET A 22 18.92 -16.06 -3.75
CA MET A 22 18.89 -15.50 -5.10
C MET A 22 18.29 -16.46 -6.10
N ARG A 23 18.52 -17.76 -5.93
CA ARG A 23 17.95 -18.74 -6.83
C ARG A 23 16.42 -18.64 -6.74
N ALA A 24 15.91 -18.56 -5.52
CA ALA A 24 14.47 -18.44 -5.29
C ALA A 24 13.93 -17.15 -5.90
N LEU A 25 14.66 -16.06 -5.70
CA LEU A 25 14.24 -14.77 -6.24
C LEU A 25 14.12 -14.83 -7.76
N MET A 26 15.15 -15.37 -8.41
CA MET A 26 15.17 -15.48 -9.86
C MET A 26 14.15 -16.47 -10.41
N ALA A 27 13.75 -17.42 -9.58
CA ALA A 27 12.79 -18.44 -9.98
C ALA A 27 11.35 -17.98 -9.80
N GLY A 28 11.16 -16.78 -9.26
CA GLY A 28 9.83 -16.25 -9.04
C GLY A 28 9.13 -16.85 -7.83
N GLU A 29 9.93 -17.36 -6.89
CA GLU A 29 9.42 -18.00 -5.68
C GLU A 29 9.26 -17.06 -4.49
N VAL A 30 9.84 -15.87 -4.58
CA VAL A 30 9.77 -14.91 -3.48
C VAL A 30 8.79 -13.78 -3.78
N SER A 31 7.89 -13.54 -2.84
CA SER A 31 6.89 -12.49 -3.02
C SER A 31 7.53 -11.11 -3.03
N PRO A 32 6.88 -10.14 -3.68
CA PRO A 32 7.42 -8.78 -3.74
C PRO A 32 7.70 -8.23 -2.33
N VAL A 33 6.80 -8.53 -1.39
CA VAL A 33 6.97 -8.08 -0.01
C VAL A 33 8.22 -8.65 0.66
N ARG A 34 8.41 -9.97 0.55
CA ARG A 34 9.58 -10.59 1.16
C ARG A 34 10.85 -10.18 0.41
N ALA A 35 10.72 -9.95 -0.89
CA ALA A 35 11.86 -9.54 -1.69
C ALA A 35 12.29 -8.15 -1.21
N ALA A 36 11.31 -7.27 -1.01
CA ALA A 36 11.58 -5.92 -0.54
C ALA A 36 12.25 -5.95 0.82
N GLY A 37 11.72 -6.78 1.72
CA GLY A 37 12.28 -6.88 3.05
C GLY A 37 13.71 -7.38 3.05
N LEU A 38 14.00 -8.44 2.30
CA LEU A 38 15.35 -8.96 2.28
C LEU A 38 16.34 -8.02 1.62
N LEU A 39 15.93 -7.32 0.55
CA LEU A 39 16.85 -6.40 -0.11
C LEU A 39 17.22 -5.24 0.82
N VAL A 40 16.25 -4.73 1.58
CA VAL A 40 16.53 -3.65 2.50
C VAL A 40 17.43 -4.13 3.64
N ALA A 41 17.13 -5.30 4.18
CA ALA A 41 17.94 -5.84 5.27
C ALA A 41 19.39 -6.05 4.83
N LEU A 42 19.59 -6.66 3.66
CA LEU A 42 20.94 -6.90 3.17
C LEU A 42 21.70 -5.61 2.97
N SER A 43 21.04 -4.61 2.40
CA SER A 43 21.70 -3.33 2.15
C SER A 43 22.09 -2.62 3.44
N LEU A 44 21.22 -2.65 4.44
CA LEU A 44 21.52 -1.97 5.70
C LEU A 44 22.64 -2.60 6.51
N ARG A 45 22.70 -3.93 6.57
CA ARG A 45 23.76 -4.53 7.37
C ARG A 45 25.08 -4.69 6.61
N GLY A 46 24.97 -4.66 5.26
CA GLY A 46 26.19 -4.74 4.44
C GLY A 46 26.44 -6.16 3.93
N GLU A 47 26.28 -6.31 2.60
CA GLU A 47 26.53 -7.60 1.99
C GLU A 47 28.03 -7.94 2.02
N ARG A 48 28.29 -9.19 2.50
CA ARG A 48 29.64 -9.73 2.48
C ARG A 48 29.93 -10.41 1.11
N PRO A 49 31.27 -10.49 0.76
CA PRO A 49 31.80 -11.12 -0.47
C PRO A 49 31.32 -12.53 -0.78
N HIS A 50 31.33 -13.38 0.27
CA HIS A 50 30.86 -14.73 0.05
C HIS A 50 29.38 -14.77 -0.37
N GLU A 51 28.59 -13.79 0.15
CA GLU A 51 27.19 -13.72 -0.24
C GLU A 51 27.05 -13.20 -1.67
N ILE A 52 27.80 -12.12 -1.95
CA ILE A 52 27.74 -11.48 -3.26
C ILE A 52 28.12 -12.43 -4.39
N ALA A 53 29.21 -13.18 -4.20
CA ALA A 53 29.65 -14.13 -5.22
C ALA A 53 28.61 -15.24 -5.44
N ALA A 54 28.07 -15.78 -4.36
CA ALA A 54 27.08 -16.85 -4.49
C ALA A 54 25.83 -16.36 -5.22
N MET A 55 25.37 -15.16 -4.89
CA MET A 55 24.18 -14.64 -5.54
C MET A 55 24.46 -14.35 -7.02
N ALA A 56 25.67 -13.92 -7.33
CA ALA A 56 26.04 -13.68 -8.72
C ALA A 56 25.95 -14.98 -9.51
N ARG A 57 26.42 -16.08 -8.91
CA ARG A 57 26.35 -17.37 -9.60
C ARG A 57 24.91 -17.81 -9.81
N ALA A 58 24.05 -17.58 -8.82
CA ALA A 58 22.65 -17.97 -8.94
C ALA A 58 21.99 -17.18 -10.06
N MET A 59 22.33 -15.90 -10.17
CA MET A 59 21.78 -15.04 -11.20
C MET A 59 22.27 -15.47 -12.58
N ARG A 60 23.56 -15.77 -12.67
CA ARG A 60 24.15 -16.21 -13.93
C ARG A 60 23.49 -17.49 -14.42
N GLU A 61 23.17 -18.38 -13.48
CA GLU A 61 22.56 -19.66 -13.82
C GLU A 61 21.16 -19.49 -14.42
N ALA A 62 20.47 -18.42 -14.04
CA ALA A 62 19.12 -18.16 -14.52
C ALA A 62 19.06 -17.39 -15.82
N ALA A 63 20.20 -16.86 -16.26
CA ALA A 63 20.26 -16.08 -17.49
C ALA A 63 20.16 -16.95 -18.73
N ARG A 64 19.87 -16.31 -19.86
CA ARG A 64 19.80 -17.05 -21.12
C ARG A 64 21.24 -17.43 -21.43
N PRO A 65 21.46 -18.68 -21.86
CA PRO A 65 22.80 -19.18 -22.18
C PRO A 65 23.50 -18.47 -23.34
N LEU A 66 24.82 -18.39 -23.25
CA LEU A 66 25.65 -17.76 -24.26
C LEU A 66 27.09 -18.21 -24.04
N ARG A 67 27.57 -19.08 -24.93
CA ARG A 67 28.93 -19.58 -24.81
C ARG A 67 29.85 -18.91 -25.82
N VAL A 68 30.88 -18.25 -25.30
CA VAL A 68 31.87 -17.57 -26.12
C VAL A 68 33.17 -18.34 -25.94
N HIS A 69 33.74 -18.81 -27.04
CA HIS A 69 34.97 -19.59 -26.99
C HIS A 69 36.22 -18.75 -26.77
N ARG A 70 36.19 -17.50 -27.22
CA ARG A 70 37.34 -16.63 -27.09
C ARG A 70 37.66 -16.22 -25.66
N ARG A 71 38.95 -16.27 -25.33
CA ARG A 71 39.47 -15.91 -24.02
C ARG A 71 40.88 -15.35 -24.19
N PRO A 72 41.26 -14.35 -23.38
CA PRO A 72 40.43 -13.72 -22.35
C PRO A 72 39.26 -12.96 -22.94
N LEU A 73 38.23 -12.75 -22.12
CA LEU A 73 37.04 -12.03 -22.54
C LEU A 73 36.86 -10.88 -21.54
N LEU A 74 36.97 -9.66 -22.04
CA LEU A 74 36.91 -8.45 -21.23
C LEU A 74 35.59 -7.69 -21.17
N ASP A 75 35.31 -7.14 -19.99
CA ASP A 75 34.13 -6.32 -19.77
C ASP A 75 34.60 -5.10 -18.97
N ILE A 76 34.07 -3.93 -19.32
CA ILE A 76 34.39 -2.70 -18.62
C ILE A 76 33.00 -2.26 -18.21
N VAL A 77 32.74 -2.28 -16.90
CA VAL A 77 31.40 -1.99 -16.41
C VAL A 77 31.42 -1.39 -15.01
N GLY A 78 30.31 -0.76 -14.61
CA GLY A 78 30.23 -0.17 -13.29
C GLY A 78 28.95 -0.53 -12.57
N THR A 79 28.91 -0.26 -11.27
CA THR A 79 27.73 -0.56 -10.45
C THR A 79 26.63 0.47 -10.66
N GLY A 80 27.01 1.62 -11.22
CA GLY A 80 26.07 2.68 -11.51
C GLY A 80 25.56 3.52 -10.35
N GLY A 81 24.75 4.52 -10.70
CA GLY A 81 24.14 5.42 -9.74
C GLY A 81 24.99 6.29 -8.84
N ASP A 82 26.30 6.38 -9.11
CA ASP A 82 27.19 7.19 -8.27
C ASP A 82 26.68 8.62 -8.03
N GLY A 83 25.77 9.08 -8.86
CA GLY A 83 25.24 10.43 -8.69
C GLY A 83 26.00 11.49 -9.46
N LYS A 84 27.26 11.23 -9.77
CA LYS A 84 28.08 12.17 -10.51
C LYS A 84 27.46 12.45 -11.87
N GLY A 85 26.63 11.52 -12.34
CA GLY A 85 25.97 11.68 -13.61
C GLY A 85 26.91 11.93 -14.78
N LEU A 86 28.14 11.46 -14.67
CA LEU A 86 29.13 11.65 -15.73
C LEU A 86 28.77 10.78 -16.93
N MET A 87 29.33 11.10 -18.10
CA MET A 87 29.06 10.33 -19.30
C MET A 87 29.59 8.91 -19.11
N ASN A 88 28.80 7.92 -19.53
CA ASN A 88 29.21 6.53 -19.40
C ASN A 88 30.24 6.25 -20.49
N LEU A 89 31.52 6.25 -20.10
CA LEU A 89 32.63 6.03 -21.02
C LEU A 89 33.03 4.57 -21.16
N SER A 90 32.54 3.72 -20.27
CA SER A 90 32.90 2.30 -20.31
C SER A 90 32.65 1.66 -21.67
N THR A 91 31.56 2.05 -22.31
CA THR A 91 31.22 1.50 -23.62
C THR A 91 32.29 1.86 -24.66
N LEU A 92 32.71 3.12 -24.65
CA LEU A 92 33.71 3.59 -25.59
C LEU A 92 35.06 2.92 -25.32
N ALA A 93 35.41 2.77 -24.04
CA ALA A 93 36.66 2.12 -23.68
C ALA A 93 36.65 0.65 -24.12
N ALA A 94 35.47 0.01 -24.02
CA ALA A 94 35.32 -1.38 -24.42
C ALA A 94 35.55 -1.52 -25.93
N LEU A 95 35.04 -0.56 -26.70
CA LEU A 95 35.22 -0.60 -28.16
C LEU A 95 36.69 -0.41 -28.53
N VAL A 96 37.39 0.46 -27.79
CA VAL A 96 38.81 0.69 -28.05
C VAL A 96 39.59 -0.60 -27.78
N ALA A 97 39.30 -1.26 -26.65
CA ALA A 97 39.99 -2.50 -26.31
C ALA A 97 39.74 -3.55 -27.39
N ALA A 98 38.51 -3.62 -27.88
CA ALA A 98 38.17 -4.59 -28.92
C ALA A 98 38.90 -4.26 -30.22
N ALA A 99 39.00 -2.97 -30.53
CA ALA A 99 39.70 -2.54 -31.74
C ALA A 99 41.18 -2.87 -31.62
N GLY A 100 41.63 -3.03 -30.37
CA GLY A 100 43.01 -3.36 -30.10
C GLY A 100 43.30 -4.84 -30.09
N GLY A 101 42.29 -5.65 -30.41
CA GLY A 101 42.49 -7.09 -30.47
C GLY A 101 42.02 -7.93 -29.30
N VAL A 102 41.43 -7.30 -28.29
CA VAL A 102 40.95 -8.06 -27.14
C VAL A 102 39.48 -8.40 -27.34
N ALA A 103 39.11 -9.66 -27.08
CA ALA A 103 37.71 -10.06 -27.21
C ALA A 103 36.94 -9.37 -26.09
N VAL A 104 35.88 -8.65 -26.45
CA VAL A 104 35.08 -7.90 -25.50
C VAL A 104 33.59 -8.24 -25.51
N ALA A 105 33.02 -8.38 -24.32
CA ALA A 105 31.60 -8.65 -24.16
C ALA A 105 31.18 -7.68 -23.06
N LYS A 106 30.79 -6.47 -23.48
CA LYS A 106 30.41 -5.42 -22.54
C LYS A 106 28.96 -5.55 -22.10
N HIS A 107 28.77 -5.64 -20.78
CA HIS A 107 27.46 -5.80 -20.16
C HIS A 107 26.85 -4.43 -19.85
N GLY A 108 25.60 -4.21 -20.27
CA GLY A 108 24.97 -2.92 -20.00
C GLY A 108 23.45 -2.95 -19.98
N ASN A 109 22.85 -1.80 -19.70
CA ASN A 109 21.40 -1.69 -19.61
C ASN A 109 21.00 -0.24 -19.93
N ARG A 110 19.70 0.04 -19.84
CA ARG A 110 19.17 1.38 -20.06
C ARG A 110 19.26 2.20 -18.79
N ALA A 111 19.06 3.52 -18.96
CA ALA A 111 19.04 4.45 -17.82
C ALA A 111 17.73 5.27 -17.75
N ALA A 112 16.73 4.68 -17.05
CA ALA A 112 15.41 5.32 -16.98
C ALA A 112 15.50 6.84 -16.97
N SER A 113 16.62 7.33 -16.42
CA SER A 113 17.11 8.64 -16.79
C SER A 113 18.56 8.51 -17.24
N SER A 114 19.25 9.42 -17.99
CA SER A 114 18.56 10.20 -19.03
C SER A 114 18.18 9.29 -20.18
N ARG A 115 17.78 8.05 -19.86
CA ARG A 115 18.12 6.93 -20.71
C ARG A 115 19.40 7.21 -21.49
N ALA A 116 20.40 7.65 -20.68
CA ALA A 116 21.79 7.72 -21.08
C ALA A 116 22.57 6.52 -20.51
N GLY A 117 21.84 5.42 -20.32
CA GLY A 117 22.50 4.17 -20.02
C GLY A 117 23.35 3.72 -21.21
N SER A 118 24.24 2.75 -20.97
CA SER A 118 25.10 2.29 -22.04
C SER A 118 24.27 1.75 -23.21
N ALA A 119 23.18 1.05 -22.87
CA ALA A 119 22.31 0.51 -23.91
C ALA A 119 21.63 1.65 -24.69
N ASP A 120 21.31 2.74 -23.96
CA ASP A 120 20.71 3.89 -24.62
C ASP A 120 21.65 4.51 -25.64
N LEU A 121 22.92 4.68 -25.21
CA LEU A 121 23.92 5.29 -26.07
C LEU A 121 24.15 4.47 -27.34
N LEU A 122 24.32 3.15 -27.15
CA LEU A 122 24.59 2.28 -28.30
C LEU A 122 23.42 2.23 -29.29
N GLU A 123 22.20 2.22 -28.73
CA GLU A 123 21.03 2.23 -29.61
C GLU A 123 21.00 3.50 -30.46
N ALA A 124 21.35 4.63 -29.80
CA ALA A 124 21.37 5.90 -30.52
C ALA A 124 22.46 5.89 -31.60
N LEU A 125 23.39 4.93 -31.47
CA LEU A 125 24.48 4.85 -32.44
C LEU A 125 24.22 3.78 -33.51
N GLY A 126 23.03 3.14 -33.41
CA GLY A 126 22.63 2.23 -34.49
C GLY A 126 22.46 0.78 -34.03
N VAL A 127 22.90 0.49 -32.80
CA VAL A 127 22.80 -0.90 -32.32
C VAL A 127 21.34 -1.32 -32.13
N ASP A 128 21.00 -2.50 -32.65
CA ASP A 128 19.66 -3.05 -32.52
C ASP A 128 19.62 -3.90 -31.25
N LEU A 129 19.05 -3.33 -30.19
CA LEU A 129 18.97 -4.00 -28.90
C LEU A 129 18.11 -5.26 -28.90
N GLU A 130 17.34 -5.46 -29.97
CA GLU A 130 16.48 -6.64 -30.06
C GLU A 130 17.21 -7.85 -30.63
N ALA A 131 18.49 -7.69 -30.95
CA ALA A 131 19.27 -8.78 -31.50
C ALA A 131 19.28 -9.96 -30.53
N PRO A 132 19.04 -11.19 -31.04
CA PRO A 132 19.03 -12.38 -30.19
C PRO A 132 20.42 -12.75 -29.67
N PRO A 133 20.48 -13.40 -28.50
CA PRO A 133 21.74 -13.80 -27.89
C PRO A 133 22.71 -14.51 -28.83
N GLU A 134 22.19 -15.41 -29.66
CA GLU A 134 23.03 -16.15 -30.59
C GLU A 134 23.76 -15.24 -31.56
N ARG A 135 23.05 -14.22 -32.07
CA ARG A 135 23.64 -13.29 -33.02
C ARG A 135 24.73 -12.46 -32.34
N VAL A 136 24.48 -12.04 -31.10
CA VAL A 136 25.45 -11.26 -30.36
C VAL A 136 26.70 -12.12 -30.13
N GLY A 137 26.49 -13.40 -29.82
CA GLY A 137 27.62 -14.30 -29.60
C GLY A 137 28.43 -14.46 -30.87
N GLU A 138 27.75 -14.50 -32.00
CA GLU A 138 28.42 -14.65 -33.29
C GLU A 138 29.27 -13.42 -33.57
N ALA A 139 28.78 -12.25 -33.13
CA ALA A 139 29.49 -11.00 -33.33
C ALA A 139 30.80 -11.00 -32.53
N ILE A 140 30.73 -11.48 -31.30
CA ILE A 140 31.91 -11.53 -30.45
C ILE A 140 32.98 -12.42 -31.08
N GLU A 141 32.57 -13.56 -31.61
CA GLU A 141 33.49 -14.49 -32.23
C GLU A 141 34.09 -13.93 -33.52
N GLU A 142 33.24 -13.35 -34.36
CA GLU A 142 33.68 -12.80 -35.64
C GLU A 142 34.31 -11.42 -35.60
N LEU A 143 33.72 -10.51 -34.84
CA LEU A 143 34.21 -9.14 -34.76
C LEU A 143 35.05 -8.84 -33.53
N GLY A 144 34.92 -9.67 -32.50
CA GLY A 144 35.69 -9.46 -31.29
C GLY A 144 35.02 -8.54 -30.30
N PHE A 145 33.79 -8.12 -30.61
CA PHE A 145 33.03 -7.24 -29.74
C PHE A 145 31.56 -7.61 -29.73
N GLY A 146 30.94 -7.41 -28.58
CA GLY A 146 29.52 -7.68 -28.44
C GLY A 146 29.01 -6.92 -27.23
N PHE A 147 27.79 -6.41 -27.31
CA PHE A 147 27.19 -5.70 -26.19
C PHE A 147 26.07 -6.58 -25.66
N LEU A 148 26.17 -6.94 -24.38
CA LEU A 148 25.19 -7.79 -23.73
C LEU A 148 24.12 -6.96 -23.02
N PHE A 149 22.95 -6.85 -23.65
CA PHE A 149 21.84 -6.08 -23.09
C PHE A 149 21.18 -6.90 -21.99
N ALA A 150 21.26 -6.39 -20.76
CA ALA A 150 20.72 -7.06 -19.59
C ALA A 150 19.30 -7.57 -19.72
N ARG A 151 18.43 -6.76 -20.31
CA ARG A 151 17.02 -7.14 -20.48
C ARG A 151 16.84 -8.37 -21.35
N VAL A 152 17.74 -8.57 -22.30
CA VAL A 152 17.65 -9.71 -23.19
C VAL A 152 18.19 -10.99 -22.55
N PHE A 153 19.29 -10.87 -21.81
CA PHE A 153 19.92 -12.00 -21.17
C PHE A 153 19.41 -12.35 -19.78
N HIS A 154 18.78 -11.38 -19.12
CA HIS A 154 18.27 -11.63 -17.77
C HIS A 154 16.76 -11.46 -17.64
N PRO A 155 15.99 -12.28 -18.38
CA PRO A 155 14.53 -12.18 -18.30
C PRO A 155 13.98 -12.42 -16.89
N ALA A 156 14.74 -13.14 -16.07
CA ALA A 156 14.32 -13.44 -14.71
C ALA A 156 14.29 -12.20 -13.83
N MET A 157 14.98 -11.14 -14.24
CA MET A 157 15.00 -9.92 -13.47
C MET A 157 13.62 -9.25 -13.42
N ARG A 158 12.67 -9.82 -14.15
CA ARG A 158 11.31 -9.28 -14.16
C ARG A 158 10.67 -9.53 -12.80
N HIS A 159 11.21 -10.49 -12.06
CA HIS A 159 10.70 -10.83 -10.74
C HIS A 159 11.17 -9.85 -9.67
N VAL A 160 12.14 -9.01 -9.99
CA VAL A 160 12.67 -8.07 -9.00
C VAL A 160 12.78 -6.62 -9.48
N ALA A 161 13.00 -6.41 -10.76
CA ALA A 161 13.11 -5.05 -11.31
C ALA A 161 12.05 -4.13 -10.72
N PRO A 162 10.80 -4.58 -10.69
CA PRO A 162 9.71 -3.75 -10.15
C PRO A 162 9.96 -3.35 -8.69
N VAL A 163 10.41 -4.31 -7.88
CA VAL A 163 10.66 -4.06 -6.47
C VAL A 163 11.82 -3.07 -6.29
N ARG A 164 12.83 -3.17 -7.14
CA ARG A 164 13.98 -2.29 -7.08
C ARG A 164 13.54 -0.84 -7.30
N ALA A 165 12.83 -0.61 -8.39
CA ALA A 165 12.36 0.73 -8.74
C ALA A 165 11.41 1.27 -7.68
N GLU A 166 10.54 0.40 -7.18
CA GLU A 166 9.57 0.79 -6.16
C GLU A 166 10.26 1.19 -4.85
N LEU A 167 11.32 0.48 -4.46
CA LEU A 167 12.05 0.81 -3.24
C LEU A 167 12.79 2.13 -3.41
N GLY A 168 13.30 2.36 -4.62
CA GLY A 168 14.00 3.60 -4.91
C GLY A 168 15.36 3.82 -4.27
N VAL A 169 15.98 2.76 -3.78
CA VAL A 169 17.29 2.86 -3.15
C VAL A 169 18.23 1.80 -3.71
N ARG A 170 19.53 1.95 -3.47
CA ARG A 170 20.49 0.98 -3.96
C ARG A 170 20.31 -0.33 -3.20
N THR A 171 20.55 -1.45 -3.87
CA THR A 171 20.44 -2.77 -3.25
C THR A 171 21.58 -3.63 -3.76
N VAL A 172 21.60 -4.89 -3.35
CA VAL A 172 22.65 -5.79 -3.78
C VAL A 172 22.67 -5.93 -5.30
N PHE A 173 21.53 -5.66 -5.95
CA PHE A 173 21.49 -5.77 -7.40
C PHE A 173 22.43 -4.76 -8.09
N ASN A 174 22.77 -3.67 -7.41
CA ASN A 174 23.72 -2.71 -8.02
C ASN A 174 25.08 -3.39 -8.11
N LEU A 175 25.40 -4.20 -7.11
CA LEU A 175 26.66 -4.91 -7.07
C LEU A 175 26.65 -6.10 -8.02
N LEU A 176 25.51 -6.77 -8.11
CA LEU A 176 25.41 -7.95 -8.95
C LEU A 176 25.42 -7.68 -10.46
N GLY A 177 24.94 -6.51 -10.87
CA GLY A 177 24.93 -6.21 -12.30
C GLY A 177 26.27 -6.47 -12.97
N PRO A 178 27.35 -5.86 -12.47
CA PRO A 178 28.69 -6.05 -13.06
C PRO A 178 29.23 -7.47 -12.92
N LEU A 179 28.72 -8.22 -11.95
CA LEU A 179 29.17 -9.57 -11.67
C LEU A 179 28.37 -10.66 -12.37
N THR A 180 27.45 -10.28 -13.24
CA THR A 180 26.63 -11.26 -13.93
C THR A 180 26.71 -11.21 -15.45
N ASN A 181 27.91 -10.92 -15.95
CA ASN A 181 28.16 -10.87 -17.39
C ASN A 181 27.65 -12.18 -17.98
N PRO A 182 26.65 -12.13 -18.87
CA PRO A 182 26.10 -13.35 -19.47
C PRO A 182 26.97 -14.12 -20.46
N ALA A 183 28.12 -13.56 -20.82
CA ALA A 183 29.04 -14.23 -21.74
C ALA A 183 30.16 -14.91 -20.97
N GLY A 184 30.17 -14.73 -19.65
CA GLY A 184 31.19 -15.33 -18.83
C GLY A 184 32.54 -14.63 -18.95
N ALA A 185 32.51 -13.32 -19.21
CA ALA A 185 33.75 -12.55 -19.31
C ALA A 185 34.59 -12.86 -18.08
N ASP A 186 35.91 -13.00 -18.26
CA ASP A 186 36.78 -13.32 -17.15
C ASP A 186 37.76 -12.22 -16.76
N ALA A 187 37.79 -11.14 -17.54
CA ALA A 187 38.68 -10.01 -17.26
C ALA A 187 37.82 -8.75 -17.12
N TYR A 188 38.13 -7.94 -16.11
CA TYR A 188 37.33 -6.75 -15.83
C TYR A 188 38.02 -5.47 -15.41
N VAL A 189 37.32 -4.37 -15.65
CA VAL A 189 37.66 -3.04 -15.16
C VAL A 189 36.26 -2.75 -14.62
N LEU A 190 36.10 -2.97 -13.32
CA LEU A 190 34.81 -2.83 -12.65
C LEU A 190 34.77 -1.63 -11.73
N GLY A 191 33.92 -0.66 -12.06
CA GLY A 191 33.82 0.54 -11.25
C GLY A 191 32.77 0.43 -10.15
N VAL A 192 33.08 0.98 -8.98
CA VAL A 192 32.15 0.95 -7.85
C VAL A 192 31.82 2.38 -7.39
N PHE A 193 30.66 2.56 -6.78
CA PHE A 193 30.22 3.89 -6.38
C PHE A 193 30.86 4.50 -5.15
N SER A 194 31.53 3.70 -4.33
CA SER A 194 32.20 4.20 -3.14
C SER A 194 33.44 3.34 -2.91
N PRO A 195 34.51 3.94 -2.32
CA PRO A 195 35.73 3.18 -2.08
C PRO A 195 35.59 1.99 -1.14
N GLU A 196 34.62 2.03 -0.24
CA GLU A 196 34.40 0.93 0.70
C GLU A 196 34.07 -0.37 -0.04
N TRP A 197 33.60 -0.26 -1.27
CA TRP A 197 33.25 -1.45 -2.06
C TRP A 197 34.37 -2.02 -2.92
N LEU A 198 35.51 -1.34 -2.96
CA LEU A 198 36.63 -1.82 -3.77
C LEU A 198 37.10 -3.21 -3.37
N ALA A 199 37.50 -3.37 -2.12
CA ALA A 199 38.00 -4.65 -1.63
C ALA A 199 36.96 -5.77 -1.71
N PRO A 200 35.73 -5.52 -1.21
CA PRO A 200 34.70 -6.57 -1.27
C PRO A 200 34.41 -7.04 -2.69
N MET A 201 34.31 -6.09 -3.63
CA MET A 201 34.02 -6.45 -5.00
C MET A 201 35.20 -7.13 -5.68
N ALA A 202 36.42 -6.77 -5.29
CA ALA A 202 37.59 -7.42 -5.86
C ALA A 202 37.60 -8.88 -5.37
N GLU A 203 37.20 -9.08 -4.12
CA GLU A 203 37.17 -10.44 -3.60
C GLU A 203 36.06 -11.23 -4.30
N ALA A 204 34.94 -10.57 -4.55
CA ALA A 204 33.83 -11.23 -5.24
C ALA A 204 34.30 -11.66 -6.63
N LEU A 205 35.04 -10.80 -7.31
CA LEU A 205 35.54 -11.13 -8.64
C LEU A 205 36.48 -12.33 -8.58
N GLU A 206 37.39 -12.31 -7.61
CA GLU A 206 38.33 -13.40 -7.46
C GLU A 206 37.57 -14.71 -7.16
N ARG A 207 36.57 -14.63 -6.30
CA ARG A 207 35.77 -15.79 -5.96
C ARG A 207 35.09 -16.38 -7.21
N LEU A 208 34.72 -15.51 -8.13
CA LEU A 208 34.06 -15.93 -9.37
C LEU A 208 35.05 -16.42 -10.42
N GLY A 209 36.34 -16.42 -10.08
CA GLY A 209 37.35 -16.89 -11.00
C GLY A 209 37.74 -15.85 -12.04
N ALA A 210 37.44 -14.59 -11.75
CA ALA A 210 37.76 -13.52 -12.69
C ALA A 210 39.02 -12.77 -12.27
N ARG A 211 39.50 -11.91 -13.17
CA ARG A 211 40.70 -11.12 -12.92
C ARG A 211 40.44 -9.69 -13.35
N GLY A 212 41.35 -8.79 -12.99
CA GLY A 212 41.18 -7.42 -13.40
C GLY A 212 41.32 -6.40 -12.30
N LEU A 213 40.73 -5.23 -12.55
CA LEU A 213 40.79 -4.13 -11.61
C LEU A 213 39.41 -3.63 -11.19
N VAL A 214 39.28 -3.32 -9.90
CA VAL A 214 38.04 -2.76 -9.38
C VAL A 214 38.49 -1.33 -9.14
N VAL A 215 37.72 -0.37 -9.63
CA VAL A 215 38.10 1.03 -9.55
C VAL A 215 37.04 2.00 -9.02
N HIS A 216 37.53 3.14 -8.53
CA HIS A 216 36.69 4.20 -8.02
C HIS A 216 37.44 5.51 -8.25
N GLY A 217 36.77 6.47 -8.87
CA GLY A 217 37.42 7.73 -9.17
C GLY A 217 36.77 8.98 -8.63
N GLU A 218 37.27 9.45 -7.49
CA GLU A 218 36.80 10.65 -6.82
C GLU A 218 35.27 10.79 -6.79
N GLY A 219 34.61 9.71 -6.41
CA GLY A 219 33.16 9.73 -6.33
C GLY A 219 32.41 9.05 -7.45
N ALA A 220 33.10 8.79 -8.56
CA ALA A 220 32.46 8.16 -9.71
C ALA A 220 32.81 6.68 -9.82
N ASP A 221 31.92 5.90 -10.41
CA ASP A 221 32.15 4.46 -10.58
C ASP A 221 32.90 4.19 -11.88
N GLU A 222 33.93 4.98 -12.13
CA GLU A 222 34.76 4.83 -13.32
C GLU A 222 36.10 5.49 -13.04
N LEU A 223 37.10 5.18 -13.86
CA LEU A 223 38.40 5.81 -13.72
C LEU A 223 38.28 7.24 -14.21
N VAL A 224 38.81 8.18 -13.44
CA VAL A 224 38.75 9.59 -13.81
C VAL A 224 40.16 10.16 -13.89
N LEU A 225 40.26 11.42 -14.26
CA LEU A 225 41.56 12.07 -14.38
C LEU A 225 41.96 12.75 -13.08
N GLY A 226 42.05 11.94 -12.03
CA GLY A 226 42.42 12.42 -10.71
C GLY A 226 42.98 11.25 -9.94
N GLU A 227 42.88 11.29 -8.61
CA GLU A 227 43.42 10.20 -7.81
C GLU A 227 42.42 9.05 -7.70
N ASN A 228 42.63 8.03 -8.52
CA ASN A 228 41.77 6.86 -8.52
C ASN A 228 42.21 5.86 -7.47
N ARG A 229 41.25 5.13 -6.92
CA ARG A 229 41.51 4.10 -5.92
C ARG A 229 41.28 2.80 -6.70
N VAL A 230 42.21 1.85 -6.55
CA VAL A 230 42.12 0.59 -7.27
C VAL A 230 42.45 -0.61 -6.39
N VAL A 231 41.79 -1.74 -6.67
CA VAL A 231 42.13 -3.00 -6.01
C VAL A 231 42.22 -3.96 -7.19
N GLU A 232 43.42 -4.50 -7.40
CA GLU A 232 43.68 -5.42 -8.48
C GLU A 232 43.61 -6.84 -7.98
N VAL A 233 42.80 -7.67 -8.63
CA VAL A 233 42.67 -9.07 -8.24
C VAL A 233 44.05 -9.71 -8.32
N GLY A 234 44.49 -10.31 -7.22
CA GLY A 234 45.79 -10.96 -7.18
C GLY A 234 46.99 -10.04 -7.04
N LYS A 235 46.75 -8.77 -6.74
CA LYS A 235 47.83 -7.81 -6.61
C LYS A 235 47.68 -6.96 -5.35
N GLY A 236 46.47 -6.49 -5.10
CA GLY A 236 46.24 -5.66 -3.94
C GLY A 236 45.80 -4.26 -4.31
N ALA A 237 45.75 -3.38 -3.30
CA ALA A 237 45.32 -2.01 -3.49
C ALA A 237 46.43 -1.02 -3.83
N TYR A 238 46.04 0.05 -4.49
CA TYR A 238 46.94 1.12 -4.85
C TYR A 238 46.16 2.29 -5.42
N ALA A 239 46.82 3.44 -5.48
CA ALA A 239 46.20 4.63 -6.05
C ALA A 239 46.73 4.73 -7.46
N LEU A 240 45.92 5.26 -8.37
CA LEU A 240 46.35 5.41 -9.75
C LEU A 240 46.02 6.81 -10.24
N THR A 241 47.05 7.56 -10.61
CA THR A 241 46.89 8.93 -11.10
C THR A 241 47.18 9.03 -12.58
N PRO A 242 46.67 10.08 -13.25
CA PRO A 242 46.89 10.26 -14.69
C PRO A 242 48.38 10.37 -15.04
N GLU A 243 49.12 11.14 -14.24
CA GLU A 243 50.55 11.33 -14.51
C GLU A 243 51.36 10.04 -14.54
N GLU A 244 50.92 9.02 -13.81
CA GLU A 244 51.64 7.74 -13.78
C GLU A 244 51.54 7.00 -15.10
N VAL A 245 50.55 7.35 -15.92
CA VAL A 245 50.38 6.68 -17.20
C VAL A 245 50.45 7.65 -18.38
N GLY A 246 51.12 8.78 -18.17
CA GLY A 246 51.28 9.76 -19.24
C GLY A 246 50.11 10.65 -19.60
N LEU A 247 49.12 10.76 -18.71
CA LEU A 247 47.96 11.59 -18.97
C LEU A 247 47.94 12.78 -18.01
N LYS A 248 47.16 13.79 -18.34
CA LYS A 248 47.01 15.01 -17.57
C LYS A 248 45.75 14.96 -16.71
N ARG A 249 45.78 15.55 -15.53
CA ARG A 249 44.59 15.61 -14.70
C ARG A 249 43.62 16.63 -15.24
N ALA A 250 42.35 16.45 -14.91
CA ALA A 250 41.28 17.35 -15.34
C ALA A 250 40.14 17.20 -14.35
N PRO A 251 39.37 18.26 -14.12
CA PRO A 251 38.25 18.20 -13.18
C PRO A 251 37.17 17.23 -13.67
N LEU A 252 36.41 16.66 -12.72
CA LEU A 252 35.31 15.75 -13.01
C LEU A 252 34.35 16.36 -14.03
N GLU A 253 34.16 17.66 -13.90
CA GLU A 253 33.18 18.33 -14.74
C GLU A 253 33.55 18.21 -16.23
N ALA A 254 34.83 18.08 -16.55
CA ALA A 254 35.25 17.91 -17.93
C ALA A 254 34.82 16.55 -18.49
N LEU A 255 34.44 15.64 -17.60
CA LEU A 255 34.01 14.30 -18.01
C LEU A 255 32.49 14.15 -17.99
N LYS A 256 31.80 15.26 -17.69
CA LYS A 256 30.35 15.24 -17.66
C LYS A 256 29.85 15.28 -19.09
N GLY A 257 28.90 14.42 -19.42
CA GLY A 257 28.38 14.43 -20.76
C GLY A 257 27.28 15.46 -20.84
N GLY A 258 26.17 15.08 -21.42
CA GLY A 258 25.03 15.95 -21.55
C GLY A 258 23.84 15.03 -21.67
N GLY A 259 22.84 15.43 -22.46
CA GLY A 259 21.70 14.56 -22.65
C GLY A 259 22.11 13.39 -23.53
N PRO A 260 21.19 12.46 -23.80
CA PRO A 260 21.46 11.28 -24.62
C PRO A 260 21.99 11.62 -26.02
N GLU A 261 21.39 12.63 -26.65
CA GLU A 261 21.79 13.03 -28.00
C GLU A 261 23.18 13.66 -28.02
N GLU A 262 23.50 14.42 -26.98
CA GLU A 262 24.81 15.06 -26.90
C GLU A 262 25.88 13.98 -26.73
N ASN A 263 25.61 13.00 -25.87
CA ASN A 263 26.55 11.92 -25.64
C ASN A 263 26.81 11.11 -26.88
N ALA A 264 25.78 10.93 -27.71
CA ALA A 264 25.94 10.18 -28.95
C ALA A 264 26.91 10.95 -29.85
N ALA A 265 26.73 12.26 -29.89
CA ALA A 265 27.59 13.12 -30.70
C ALA A 265 29.04 13.04 -30.21
N LEU A 266 29.21 13.14 -28.90
CA LEU A 266 30.55 13.07 -28.30
C LEU A 266 31.17 11.70 -28.52
N ALA A 267 30.36 10.66 -28.40
CA ALA A 267 30.84 9.29 -28.58
C ALA A 267 31.41 9.10 -29.98
N ARG A 268 30.70 9.60 -30.98
CA ARG A 268 31.14 9.50 -32.38
C ARG A 268 32.50 10.16 -32.56
N ARG A 269 32.60 11.41 -32.13
CA ARG A 269 33.84 12.17 -32.25
C ARG A 269 35.01 11.51 -31.53
N LEU A 270 34.74 10.92 -30.37
CA LEU A 270 35.78 10.25 -29.61
C LEU A 270 36.27 9.01 -30.35
N LEU A 271 35.34 8.17 -30.77
CA LEU A 271 35.68 6.92 -31.47
C LEU A 271 36.36 7.18 -32.81
N LYS A 272 36.03 8.30 -33.45
CA LYS A 272 36.63 8.65 -34.74
C LYS A 272 38.05 9.20 -34.54
N GLY A 273 38.40 9.46 -33.29
CA GLY A 273 39.72 10.00 -33.00
C GLY A 273 39.76 11.49 -33.24
N GLU A 274 38.59 12.13 -33.20
CA GLU A 274 38.48 13.57 -33.44
C GLU A 274 38.55 14.38 -32.14
N GLU A 275 37.84 13.93 -31.11
CA GLU A 275 37.86 14.62 -29.82
C GLU A 275 39.19 14.31 -29.13
N LYS A 276 39.89 15.36 -28.70
CA LYS A 276 41.21 15.18 -28.09
C LYS A 276 41.39 15.68 -26.65
N GLY A 277 40.31 16.15 -26.01
CA GLY A 277 40.44 16.65 -24.66
C GLY A 277 40.36 15.61 -23.56
N PRO A 278 39.99 16.02 -22.34
CA PRO A 278 39.87 15.13 -21.18
C PRO A 278 39.05 13.86 -21.45
N LEU A 279 37.95 13.99 -22.20
CA LEU A 279 37.12 12.82 -22.50
C LEU A 279 37.94 11.75 -23.20
N ALA A 280 38.81 12.17 -24.11
CA ALA A 280 39.65 11.23 -24.85
C ALA A 280 40.64 10.57 -23.89
N ASP A 281 41.20 11.36 -22.98
CA ASP A 281 42.15 10.84 -22.01
C ASP A 281 41.48 9.84 -21.08
N ALA A 282 40.26 10.14 -20.66
CA ALA A 282 39.51 9.27 -19.76
C ALA A 282 39.17 7.94 -20.45
N VAL A 283 38.85 8.00 -21.74
CA VAL A 283 38.53 6.78 -22.47
C VAL A 283 39.82 5.95 -22.56
N ALA A 284 40.94 6.60 -22.85
CA ALA A 284 42.21 5.90 -22.97
C ALA A 284 42.63 5.28 -21.64
N LEU A 285 42.34 5.98 -20.54
CA LEU A 285 42.68 5.45 -19.22
C LEU A 285 41.92 4.16 -18.93
N ALA A 286 40.61 4.16 -19.16
CA ALA A 286 39.80 2.96 -18.92
C ALA A 286 40.15 1.84 -19.89
N ALA A 287 40.33 2.18 -21.17
CA ALA A 287 40.67 1.16 -22.15
C ALA A 287 42.05 0.57 -21.84
N GLY A 288 42.96 1.42 -21.37
CA GLY A 288 44.30 0.97 -21.03
C GLY A 288 44.24 0.02 -19.85
N ALA A 289 43.35 0.32 -18.89
CA ALA A 289 43.18 -0.55 -17.73
C ALA A 289 42.61 -1.88 -18.23
N GLY A 290 41.77 -1.81 -19.26
CA GLY A 290 41.20 -3.02 -19.84
C GLY A 290 42.25 -3.88 -20.52
N PHE A 291 43.13 -3.25 -21.31
CA PHE A 291 44.19 -4.00 -21.97
C PHE A 291 45.04 -4.72 -20.93
N TYR A 292 45.37 -4.01 -19.86
CA TYR A 292 46.18 -4.59 -18.80
C TYR A 292 45.43 -5.71 -18.07
N ALA A 293 44.16 -5.48 -17.76
CA ALA A 293 43.37 -6.47 -17.05
C ALA A 293 43.23 -7.77 -17.85
N ALA A 294 43.13 -7.64 -19.17
CA ALA A 294 42.99 -8.78 -20.06
C ALA A 294 44.32 -9.45 -20.40
N GLY A 295 45.42 -8.86 -19.94
CA GLY A 295 46.73 -9.43 -20.22
C GLY A 295 47.29 -9.08 -21.58
N LYS A 296 46.65 -8.13 -22.26
CA LYS A 296 47.09 -7.71 -23.59
C LYS A 296 48.39 -6.90 -23.50
N THR A 297 48.48 -6.05 -22.48
CA THR A 297 49.68 -5.24 -22.27
C THR A 297 50.28 -5.64 -20.92
N PRO A 298 51.60 -5.51 -20.76
CA PRO A 298 52.26 -5.88 -19.50
C PRO A 298 52.08 -4.92 -18.34
N SER A 299 51.57 -3.73 -18.63
CA SER A 299 51.39 -2.71 -17.60
C SER A 299 50.26 -1.78 -17.95
N LEU A 300 49.86 -0.97 -16.97
CA LEU A 300 48.81 0.01 -17.19
C LEU A 300 49.35 1.10 -18.12
N LYS A 301 50.62 1.46 -17.95
CA LYS A 301 51.23 2.49 -18.79
C LYS A 301 51.19 2.11 -20.27
N GLU A 302 51.60 0.89 -20.60
CA GLU A 302 51.58 0.47 -22.01
C GLU A 302 50.14 0.25 -22.47
N GLY A 303 49.25 -0.12 -21.55
CA GLY A 303 47.86 -0.28 -21.94
C GLY A 303 47.29 1.07 -22.36
N VAL A 304 47.61 2.11 -21.59
CA VAL A 304 47.12 3.45 -21.91
C VAL A 304 47.75 3.93 -23.22
N ALA A 305 49.03 3.61 -23.42
CA ALA A 305 49.71 4.02 -24.64
C ALA A 305 49.03 3.39 -25.86
N LEU A 306 48.73 2.10 -25.77
CA LEU A 306 48.07 1.39 -26.85
C LEU A 306 46.68 1.97 -27.07
N ALA A 307 45.98 2.27 -25.97
CA ALA A 307 44.64 2.82 -26.05
C ALA A 307 44.62 4.18 -26.74
N ARG A 308 45.58 5.04 -26.42
CA ARG A 308 45.64 6.37 -27.02
C ARG A 308 45.86 6.26 -28.53
N GLU A 309 46.69 5.30 -28.92
CA GLU A 309 46.99 5.08 -30.33
C GLU A 309 45.76 4.53 -31.06
N VAL A 310 45.13 3.53 -30.48
CA VAL A 310 43.93 2.94 -31.09
C VAL A 310 42.82 3.98 -31.21
N LEU A 311 42.61 4.75 -30.15
CA LEU A 311 41.57 5.77 -30.17
C LEU A 311 41.82 6.78 -31.29
N ALA A 312 43.06 7.27 -31.39
CA ALA A 312 43.43 8.25 -32.41
C ALA A 312 43.30 7.73 -33.83
N SER A 313 43.45 6.42 -34.01
CA SER A 313 43.36 5.80 -35.33
C SER A 313 41.95 5.78 -35.90
N GLY A 314 40.95 5.91 -35.04
CA GLY A 314 39.56 5.88 -35.49
C GLY A 314 39.07 4.46 -35.72
N GLU A 315 39.91 3.47 -35.45
CA GLU A 315 39.55 2.07 -35.64
C GLU A 315 38.36 1.62 -34.78
N ALA A 316 38.19 2.24 -33.61
CA ALA A 316 37.08 1.87 -32.74
C ALA A 316 35.74 2.25 -33.38
N TYR A 317 35.73 3.34 -34.14
CA TYR A 317 34.51 3.77 -34.81
C TYR A 317 34.19 2.78 -35.92
N LEU A 318 35.22 2.38 -36.66
CA LEU A 318 35.03 1.42 -37.74
C LEU A 318 34.47 0.12 -37.20
N LEU A 319 34.95 -0.28 -36.02
CA LEU A 319 34.47 -1.52 -35.40
C LEU A 319 32.99 -1.37 -35.04
N LEU A 320 32.64 -0.23 -34.47
CA LEU A 320 31.26 0.04 -34.10
C LEU A 320 30.37 -0.09 -35.33
N GLU A 321 30.81 0.49 -36.44
CA GLU A 321 30.05 0.42 -37.69
C GLU A 321 29.88 -1.02 -38.18
N ARG A 322 30.94 -1.81 -38.06
CA ARG A 322 30.89 -3.21 -38.47
C ARG A 322 29.92 -3.97 -37.58
N TYR A 323 29.92 -3.64 -36.29
CA TYR A 323 29.04 -4.30 -35.33
C TYR A 323 27.58 -3.98 -35.63
N VAL A 324 27.29 -2.71 -35.85
CA VAL A 324 25.93 -2.28 -36.16
C VAL A 324 25.41 -2.98 -37.40
N ALA A 325 26.25 -3.04 -38.44
CA ALA A 325 25.87 -3.70 -39.67
C ALA A 325 25.67 -5.19 -39.45
N PHE A 326 26.56 -5.79 -38.66
CA PHE A 326 26.49 -7.21 -38.35
C PHE A 326 25.15 -7.59 -37.72
N LEU A 327 24.66 -6.74 -36.82
CA LEU A 327 23.38 -6.99 -36.16
C LEU A 327 22.19 -6.78 -37.09
N ARG A 328 22.31 -5.81 -37.98
CA ARG A 328 21.24 -5.50 -38.93
C ARG A 328 21.22 -6.48 -40.10
N ALA A 329 22.29 -7.27 -40.21
CA ALA A 329 22.40 -8.25 -41.28
C ALA A 329 21.30 -9.30 -41.19
N MET B 1 -29.94 -0.92 2.73
CA MET B 1 -28.51 -1.27 2.54
C MET B 1 -27.59 -0.20 3.12
N ASP B 2 -26.43 -0.65 3.59
CA ASP B 2 -25.42 0.25 4.16
C ASP B 2 -25.19 1.40 3.17
N ALA B 3 -25.26 2.64 3.65
CA ALA B 3 -25.10 3.80 2.78
C ALA B 3 -23.78 3.86 2.03
N VAL B 4 -22.69 3.55 2.73
CA VAL B 4 -21.37 3.57 2.10
C VAL B 4 -21.28 2.52 1.00
N LYS B 5 -21.79 1.31 1.27
CA LYS B 5 -21.76 0.27 0.25
C LYS B 5 -22.60 0.69 -0.95
N LYS B 6 -23.75 1.32 -0.70
CA LYS B 6 -24.62 1.77 -1.77
C LYS B 6 -23.85 2.76 -2.66
N ALA B 7 -23.06 3.62 -2.03
CA ALA B 7 -22.29 4.62 -2.76
C ALA B 7 -21.24 3.93 -3.63
N ILE B 8 -20.55 2.95 -3.06
CA ILE B 8 -19.52 2.20 -3.78
C ILE B 8 -20.11 1.44 -4.97
N LEU B 9 -21.37 1.02 -4.84
CA LEU B 9 -22.05 0.30 -5.90
C LEU B 9 -22.41 1.20 -7.09
N GLY B 10 -22.24 2.50 -6.91
CA GLY B 10 -22.54 3.44 -7.98
C GLY B 10 -23.98 3.92 -8.04
N GLU B 11 -24.73 3.64 -6.97
CA GLU B 11 -26.13 4.04 -6.92
C GLU B 11 -26.26 5.47 -6.37
N VAL B 12 -27.25 6.19 -6.86
CA VAL B 12 -27.49 7.54 -6.38
C VAL B 12 -28.06 7.41 -4.98
N LEU B 13 -27.54 8.19 -4.04
CA LEU B 13 -27.99 8.12 -2.66
C LEU B 13 -29.18 9.02 -2.39
N GLU B 14 -30.04 8.59 -1.47
CA GLU B 14 -31.17 9.42 -1.08
C GLU B 14 -30.48 10.51 -0.26
N GLU B 15 -31.15 11.65 -0.11
CA GLU B 15 -30.55 12.77 0.61
C GLU B 15 -29.98 12.43 2.00
N GLU B 16 -30.75 11.74 2.83
CA GLU B 16 -30.25 11.40 4.15
C GLU B 16 -29.20 10.29 4.14
N GLU B 17 -29.12 9.54 3.04
CA GLU B 17 -28.09 8.51 2.91
C GLU B 17 -26.78 9.25 2.63
N ALA B 18 -26.87 10.32 1.85
CA ALA B 18 -25.69 11.13 1.54
C ALA B 18 -25.23 11.82 2.83
N TYR B 19 -26.18 12.32 3.62
CA TYR B 19 -25.83 12.97 4.88
C TYR B 19 -25.07 11.98 5.76
N GLU B 20 -25.62 10.76 5.86
CA GLU B 20 -25.03 9.70 6.68
C GLU B 20 -23.61 9.33 6.24
N VAL B 21 -23.38 9.22 4.94
CA VAL B 21 -22.05 8.87 4.45
C VAL B 21 -21.04 9.93 4.89
N MET B 22 -21.38 11.20 4.72
CA MET B 22 -20.47 12.28 5.09
C MET B 22 -20.34 12.36 6.60
N ARG B 23 -21.43 12.13 7.32
CA ARG B 23 -21.37 12.16 8.78
C ARG B 23 -20.37 11.10 9.26
N ALA B 24 -20.49 9.89 8.71
CA ALA B 24 -19.61 8.79 9.08
C ALA B 24 -18.15 9.13 8.75
N LEU B 25 -17.92 9.70 7.58
CA LEU B 25 -16.57 10.09 7.18
C LEU B 25 -15.95 11.09 8.14
N MET B 26 -16.71 12.14 8.45
CA MET B 26 -16.22 13.19 9.35
C MET B 26 -16.06 12.70 10.78
N ALA B 27 -16.78 11.64 11.13
CA ALA B 27 -16.72 11.07 12.48
C ALA B 27 -15.59 10.05 12.63
N GLY B 28 -14.84 9.83 11.56
CA GLY B 28 -13.74 8.88 11.59
C GLY B 28 -14.19 7.43 11.64
N GLU B 29 -15.40 7.17 11.13
CA GLU B 29 -15.96 5.82 11.14
C GLU B 29 -15.73 5.00 9.87
N VAL B 30 -15.22 5.62 8.83
CA VAL B 30 -15.01 4.91 7.57
C VAL B 30 -13.54 4.60 7.35
N SER B 31 -13.24 3.36 6.96
CA SER B 31 -11.86 2.97 6.73
C SER B 31 -11.31 3.68 5.51
N PRO B 32 -9.98 3.86 5.45
CA PRO B 32 -9.33 4.52 4.32
C PRO B 32 -9.71 3.89 2.98
N VAL B 33 -9.73 2.56 2.93
CA VAL B 33 -10.08 1.86 1.70
C VAL B 33 -11.52 2.14 1.24
N ARG B 34 -12.46 2.09 2.17
CA ARG B 34 -13.85 2.35 1.80
C ARG B 34 -14.07 3.82 1.44
N ALA B 35 -13.34 4.71 2.11
CA ALA B 35 -13.45 6.13 1.81
C ALA B 35 -12.94 6.36 0.39
N ALA B 36 -11.82 5.73 0.05
CA ALA B 36 -11.25 5.87 -1.29
C ALA B 36 -12.23 5.35 -2.32
N GLY B 37 -12.81 4.18 -2.05
CA GLY B 37 -13.77 3.59 -2.97
C GLY B 37 -15.01 4.42 -3.18
N LEU B 38 -15.59 4.92 -2.09
CA LEU B 38 -16.82 5.66 -2.30
C LEU B 38 -16.56 7.04 -2.91
N LEU B 39 -15.41 7.66 -2.68
CA LEU B 39 -15.12 8.94 -3.33
C LEU B 39 -14.96 8.76 -4.83
N VAL B 40 -14.31 7.67 -5.23
CA VAL B 40 -14.12 7.43 -6.65
C VAL B 40 -15.47 7.10 -7.31
N ALA B 41 -16.29 6.29 -6.63
CA ALA B 41 -17.60 5.94 -7.18
C ALA B 41 -18.48 7.18 -7.36
N LEU B 42 -18.55 8.03 -6.34
CA LEU B 42 -19.35 9.24 -6.45
C LEU B 42 -18.87 10.15 -7.58
N SER B 43 -17.55 10.28 -7.70
CA SER B 43 -17.01 11.15 -8.73
C SER B 43 -17.27 10.63 -10.15
N LEU B 44 -17.14 9.32 -10.34
CA LEU B 44 -17.35 8.75 -11.66
C LEU B 44 -18.78 8.83 -12.16
N ARG B 45 -19.75 8.46 -11.32
CA ARG B 45 -21.10 8.54 -11.89
C ARG B 45 -21.72 9.93 -11.70
N GLY B 46 -21.06 10.82 -10.98
CA GLY B 46 -21.52 12.20 -10.89
C GLY B 46 -22.40 12.51 -9.68
N GLU B 47 -21.91 13.38 -8.80
CA GLU B 47 -22.65 13.75 -7.60
C GLU B 47 -23.83 14.64 -7.96
N ARG B 48 -24.99 14.38 -7.34
CA ARG B 48 -26.17 15.17 -7.61
C ARG B 48 -26.36 16.27 -6.56
N PRO B 49 -27.01 17.38 -6.92
CA PRO B 49 -27.22 18.49 -5.99
C PRO B 49 -27.79 18.13 -4.62
N HIS B 50 -28.78 17.26 -4.56
CA HIS B 50 -29.32 16.98 -3.24
C HIS B 50 -28.34 16.15 -2.40
N GLU B 51 -27.41 15.44 -3.04
CA GLU B 51 -26.38 14.73 -2.30
C GLU B 51 -25.33 15.70 -1.82
N ILE B 52 -24.93 16.60 -2.71
CA ILE B 52 -23.91 17.60 -2.42
C ILE B 52 -24.34 18.47 -1.23
N ALA B 53 -25.57 18.99 -1.29
CA ALA B 53 -26.07 19.85 -0.21
C ALA B 53 -26.13 19.10 1.12
N ALA B 54 -26.59 17.86 1.09
CA ALA B 54 -26.68 17.08 2.31
C ALA B 54 -25.29 16.82 2.92
N MET B 55 -24.32 16.51 2.07
CA MET B 55 -22.99 16.27 2.61
C MET B 55 -22.37 17.56 3.13
N ALA B 56 -22.73 18.69 2.54
CA ALA B 56 -22.23 19.97 3.01
C ALA B 56 -22.79 20.23 4.42
N ARG B 57 -24.06 19.87 4.64
CA ARG B 57 -24.65 20.08 5.95
C ARG B 57 -23.96 19.20 7.00
N ALA B 58 -23.65 17.96 6.62
CA ALA B 58 -22.98 17.05 7.55
C ALA B 58 -21.59 17.58 7.91
N MET B 59 -20.89 18.13 6.93
CA MET B 59 -19.56 18.66 7.17
C MET B 59 -19.62 19.91 8.03
N ARG B 60 -20.60 20.77 7.75
CA ARG B 60 -20.77 21.99 8.54
C ARG B 60 -21.02 21.62 10.00
N GLU B 61 -21.74 20.51 10.22
CA GLU B 61 -22.06 20.09 11.57
C GLU B 61 -20.82 19.62 12.34
N ALA B 62 -19.86 19.05 11.62
CA ALA B 62 -18.63 18.54 12.25
C ALA B 62 -17.59 19.63 12.51
N ALA B 63 -17.83 20.82 11.97
CA ALA B 63 -16.90 21.93 12.13
C ALA B 63 -17.02 22.58 13.50
N ARG B 64 -16.00 23.35 13.89
CA ARG B 64 -16.05 24.04 15.16
C ARG B 64 -17.16 25.06 14.97
N PRO B 65 -18.09 25.15 15.93
CA PRO B 65 -19.22 26.07 15.86
C PRO B 65 -18.88 27.55 15.86
N LEU B 66 -19.69 28.31 15.14
CA LEU B 66 -19.56 29.76 15.04
C LEU B 66 -20.87 30.32 14.53
N ARG B 67 -21.48 31.19 15.32
CA ARG B 67 -22.75 31.80 14.94
C ARG B 67 -22.56 33.30 14.76
N VAL B 68 -22.95 33.78 13.59
CA VAL B 68 -22.85 35.19 13.25
C VAL B 68 -24.28 35.68 13.02
N HIS B 69 -24.66 36.74 13.71
CA HIS B 69 -26.03 37.27 13.61
C HIS B 69 -26.26 38.11 12.35
N ARG B 70 -25.21 38.74 11.84
CA ARG B 70 -25.34 39.59 10.68
C ARG B 70 -25.70 38.86 9.39
N ARG B 71 -26.65 39.43 8.66
CA ARG B 71 -27.12 38.90 7.39
C ARG B 71 -27.57 40.08 6.55
N PRO B 72 -27.35 40.04 5.22
CA PRO B 72 -26.70 38.93 4.51
C PRO B 72 -25.22 38.80 4.90
N LEU B 73 -24.70 37.60 4.73
CA LEU B 73 -23.31 37.30 5.05
C LEU B 73 -22.71 36.73 3.78
N LEU B 74 -21.74 37.44 3.22
CA LEU B 74 -21.12 37.07 1.95
C LEU B 74 -19.78 36.35 2.01
N ASP B 75 -19.60 35.42 1.07
CA ASP B 75 -18.34 34.70 0.92
C ASP B 75 -18.02 34.71 -0.57
N ILE B 76 -16.74 34.89 -0.90
CA ILE B 76 -16.28 34.87 -2.29
C ILE B 76 -15.22 33.78 -2.18
N VAL B 77 -15.51 32.64 -2.80
CA VAL B 77 -14.67 31.48 -2.65
C VAL B 77 -14.80 30.55 -3.86
N GLY B 78 -13.88 29.61 -4.00
CA GLY B 78 -13.94 28.69 -5.12
C GLY B 78 -13.58 27.27 -4.74
N THR B 79 -13.73 26.34 -5.69
CA THR B 79 -13.42 24.94 -5.43
C THR B 79 -11.91 24.69 -5.50
N GLY B 80 -11.18 25.68 -6.02
CA GLY B 80 -9.73 25.58 -6.11
C GLY B 80 -9.16 24.55 -7.08
N GLY B 81 -7.83 24.51 -7.15
CA GLY B 81 -7.16 23.57 -8.02
C GLY B 81 -7.15 23.87 -9.51
N ASP B 82 -7.44 25.11 -9.90
CA ASP B 82 -7.46 25.34 -11.34
C ASP B 82 -6.04 25.53 -11.90
N GLY B 83 -5.04 25.61 -11.01
CA GLY B 83 -3.65 25.65 -11.44
C GLY B 83 -3.30 26.85 -12.31
N LYS B 84 -3.94 27.99 -12.04
CA LYS B 84 -3.66 29.21 -12.81
C LYS B 84 -2.67 30.12 -12.10
N GLY B 85 -2.45 29.88 -10.81
CA GLY B 85 -1.51 30.68 -10.04
C GLY B 85 -1.80 32.17 -10.07
N LEU B 86 -3.06 32.52 -9.87
CA LEU B 86 -3.46 33.93 -9.88
C LEU B 86 -3.32 34.57 -8.52
N MET B 87 -3.33 35.90 -8.50
CA MET B 87 -3.25 36.68 -7.28
C MET B 87 -4.50 36.27 -6.47
N ASN B 88 -4.46 36.51 -5.16
CA ASN B 88 -5.59 36.16 -4.30
C ASN B 88 -6.71 37.17 -4.48
N LEU B 89 -7.30 37.18 -5.67
CA LEU B 89 -8.36 38.11 -6.00
C LEU B 89 -9.61 38.04 -5.12
N SER B 90 -10.04 36.83 -4.76
CA SER B 90 -11.24 36.72 -3.93
C SER B 90 -11.07 37.29 -2.53
N THR B 91 -9.87 37.20 -1.98
CA THR B 91 -9.62 37.73 -0.64
C THR B 91 -9.72 39.26 -0.69
N LEU B 92 -9.12 39.86 -1.71
CA LEU B 92 -9.16 41.31 -1.83
C LEU B 92 -10.60 41.76 -2.13
N ALA B 93 -11.30 41.00 -2.97
CA ALA B 93 -12.68 41.33 -3.31
C ALA B 93 -13.56 41.27 -2.07
N ALA B 94 -13.28 40.31 -1.19
CA ALA B 94 -14.04 40.16 0.05
C ALA B 94 -13.83 41.37 0.96
N LEU B 95 -12.59 41.86 1.03
CA LEU B 95 -12.29 43.02 1.86
C LEU B 95 -13.00 44.24 1.30
N VAL B 96 -13.03 44.35 -0.03
CA VAL B 96 -13.71 45.47 -0.68
C VAL B 96 -15.19 45.43 -0.38
N ALA B 97 -15.81 44.25 -0.49
CA ALA B 97 -17.23 44.14 -0.21
C ALA B 97 -17.54 44.54 1.24
N ALA B 98 -16.67 44.15 2.16
CA ALA B 98 -16.87 44.49 3.57
C ALA B 98 -16.71 46.00 3.77
N ALA B 99 -15.75 46.61 3.09
CA ALA B 99 -15.52 48.05 3.20
C ALA B 99 -16.72 48.79 2.62
N GLY B 100 -17.47 48.09 1.77
CA GLY B 100 -18.64 48.67 1.14
C GLY B 100 -19.90 48.50 1.97
N GLY B 101 -19.78 47.88 3.13
CA GLY B 101 -20.94 47.72 3.99
C GLY B 101 -21.60 46.35 4.09
N VAL B 102 -21.10 45.39 3.31
CA VAL B 102 -21.66 44.04 3.36
C VAL B 102 -20.89 43.20 4.37
N ALA B 103 -21.63 42.47 5.21
CA ALA B 103 -20.98 41.60 6.20
C ALA B 103 -20.32 40.47 5.42
N VAL B 104 -19.04 40.23 5.68
CA VAL B 104 -18.29 39.21 4.96
C VAL B 104 -17.58 38.21 5.87
N ALA B 105 -17.67 36.94 5.49
CA ALA B 105 -16.99 35.85 6.21
C ALA B 105 -16.35 35.03 5.09
N LYS B 106 -15.11 35.37 4.74
CA LYS B 106 -14.42 34.68 3.66
C LYS B 106 -13.72 33.42 4.14
N HIS B 107 -14.04 32.32 3.47
CA HIS B 107 -13.51 30.99 3.80
C HIS B 107 -12.26 30.73 2.97
N GLY B 108 -11.17 30.27 3.60
CA GLY B 108 -9.97 30.01 2.84
C GLY B 108 -8.96 29.12 3.52
N ASN B 109 -7.86 28.84 2.83
CA ASN B 109 -6.81 27.97 3.35
C ASN B 109 -5.48 28.39 2.74
N ARG B 110 -4.40 27.69 3.11
CA ARG B 110 -3.08 27.99 2.57
C ARG B 110 -3.00 27.24 1.24
N ALA B 111 -2.00 27.58 0.44
CA ALA B 111 -1.76 26.91 -0.83
C ALA B 111 -0.61 25.95 -0.56
N ALA B 112 -0.78 24.69 -0.97
CA ALA B 112 0.25 23.68 -0.75
C ALA B 112 1.48 23.84 -1.62
N SER B 113 2.29 24.85 -1.32
CA SER B 113 3.52 25.13 -2.06
C SER B 113 4.06 26.50 -1.67
N SER B 114 4.96 27.05 -2.49
CA SER B 114 5.53 28.36 -2.22
C SER B 114 4.52 29.43 -2.61
N ARG B 115 3.62 29.08 -3.52
CA ARG B 115 2.65 30.07 -3.93
C ARG B 115 1.71 30.39 -2.79
N ALA B 116 1.25 31.63 -2.77
CA ALA B 116 0.43 32.10 -1.67
C ALA B 116 -1.07 31.89 -1.84
N GLY B 117 -1.67 31.21 -0.86
CA GLY B 117 -3.11 31.00 -0.87
C GLY B 117 -3.68 32.13 -0.05
N SER B 118 -5.01 32.21 0.06
CA SER B 118 -5.63 33.29 0.83
C SER B 118 -5.10 33.39 2.25
N ALA B 119 -4.93 32.26 2.92
CA ALA B 119 -4.44 32.27 4.29
C ALA B 119 -2.98 32.72 4.36
N ASP B 120 -2.20 32.34 3.35
CA ASP B 120 -0.79 32.73 3.30
C ASP B 120 -0.69 34.24 3.13
N LEU B 121 -1.52 34.79 2.25
CA LEU B 121 -1.52 36.22 1.98
C LEU B 121 -1.90 37.01 3.23
N LEU B 122 -3.03 36.64 3.84
CA LEU B 122 -3.49 37.35 5.02
C LEU B 122 -2.49 37.26 6.16
N GLU B 123 -1.82 36.12 6.29
CA GLU B 123 -0.82 35.96 7.35
C GLU B 123 0.32 36.96 7.11
N ALA B 124 0.72 37.09 5.85
CA ALA B 124 1.80 38.01 5.49
C ALA B 124 1.38 39.46 5.78
N LEU B 125 0.07 39.71 5.75
CA LEU B 125 -0.45 41.05 6.01
C LEU B 125 -0.70 41.30 7.50
N GLY B 126 -0.30 40.36 8.33
CA GLY B 126 -0.46 40.54 9.77
C GLY B 126 -1.57 39.77 10.47
N VAL B 127 -2.39 39.05 9.71
CA VAL B 127 -3.47 38.28 10.31
C VAL B 127 -2.94 37.10 11.11
N ASP B 128 -3.38 37.01 12.37
CA ASP B 128 -2.99 35.91 13.24
C ASP B 128 -3.93 34.74 12.96
N LEU B 129 -3.47 33.79 12.17
CA LEU B 129 -4.27 32.63 11.80
C LEU B 129 -4.65 31.73 12.97
N GLU B 130 -4.01 31.95 14.12
CA GLU B 130 -4.31 31.15 15.30
C GLU B 130 -5.47 31.73 16.10
N ALA B 131 -6.00 32.86 15.67
CA ALA B 131 -7.11 33.49 16.36
C ALA B 131 -8.26 32.51 16.56
N PRO B 132 -8.80 32.42 17.78
CA PRO B 132 -9.90 31.48 18.02
C PRO B 132 -11.19 31.87 17.29
N PRO B 133 -12.02 30.86 16.96
CA PRO B 133 -13.28 31.09 16.26
C PRO B 133 -14.10 32.22 16.87
N GLU B 134 -14.19 32.24 18.20
CA GLU B 134 -14.96 33.27 18.89
C GLU B 134 -14.48 34.68 18.55
N ARG B 135 -13.16 34.86 18.48
CA ARG B 135 -12.61 36.18 18.17
C ARG B 135 -12.94 36.58 16.73
N VAL B 136 -12.79 35.65 15.81
CA VAL B 136 -13.08 35.93 14.40
C VAL B 136 -14.56 36.30 14.28
N GLY B 137 -15.41 35.63 15.05
CA GLY B 137 -16.84 35.92 15.02
C GLY B 137 -17.13 37.32 15.51
N GLU B 138 -16.39 37.75 16.53
CA GLU B 138 -16.59 39.09 17.08
C GLU B 138 -16.16 40.14 16.06
N ALA B 139 -15.13 39.81 15.28
CA ALA B 139 -14.64 40.73 14.25
C ALA B 139 -15.69 40.93 13.17
N ILE B 140 -16.35 39.84 12.76
CA ILE B 140 -17.38 39.93 11.75
C ILE B 140 -18.50 40.82 12.24
N GLU B 141 -18.91 40.62 13.49
CA GLU B 141 -19.98 41.39 14.09
C GLU B 141 -19.65 42.89 14.21
N GLU B 142 -18.45 43.18 14.69
CA GLU B 142 -18.04 44.58 14.89
C GLU B 142 -17.43 45.29 13.69
N LEU B 143 -16.61 44.60 12.90
CA LEU B 143 -15.96 45.21 11.75
C LEU B 143 -16.60 44.87 10.40
N GLY B 144 -17.42 43.82 10.38
CA GLY B 144 -18.07 43.42 9.14
C GLY B 144 -17.23 42.51 8.26
N PHE B 145 -16.10 42.05 8.77
CA PHE B 145 -15.22 41.17 8.02
C PHE B 145 -14.53 40.15 8.91
N GLY B 146 -14.33 38.96 8.35
CA GLY B 146 -13.65 37.91 9.06
C GLY B 146 -13.14 36.89 8.06
N PHE B 147 -11.99 36.30 8.35
CA PHE B 147 -11.43 35.27 7.48
C PHE B 147 -11.49 33.97 8.25
N LEU B 148 -12.15 32.98 7.64
CA LEU B 148 -12.33 31.68 8.24
C LEU B 148 -11.29 30.71 7.69
N PHE B 149 -10.26 30.46 8.50
CA PHE B 149 -9.18 29.55 8.13
C PHE B 149 -9.65 28.11 8.28
N ALA B 150 -9.71 27.39 7.16
CA ALA B 150 -10.19 26.02 7.15
C ALA B 150 -9.53 25.08 8.16
N ARG B 151 -8.22 25.22 8.35
CA ARG B 151 -7.51 24.35 9.27
C ARG B 151 -7.98 24.52 10.71
N VAL B 152 -8.42 25.72 11.06
CA VAL B 152 -8.92 25.99 12.39
C VAL B 152 -10.34 25.47 12.58
N PHE B 153 -11.19 25.70 11.59
CA PHE B 153 -12.59 25.29 11.65
C PHE B 153 -12.92 23.85 11.27
N HIS B 154 -12.08 23.20 10.47
CA HIS B 154 -12.37 21.83 10.03
C HIS B 154 -11.38 20.75 10.45
N PRO B 155 -11.26 20.49 11.76
CA PRO B 155 -10.33 19.46 12.21
C PRO B 155 -10.71 18.06 11.72
N ALA B 156 -12.00 17.84 11.46
CA ALA B 156 -12.47 16.54 11.00
C ALA B 156 -11.94 16.18 9.61
N MET B 157 -11.50 17.18 8.85
CA MET B 157 -10.98 16.92 7.52
C MET B 157 -9.67 16.14 7.55
N ARG B 158 -9.05 16.05 8.73
CA ARG B 158 -7.81 15.29 8.85
C ARG B 158 -8.09 13.81 8.66
N HIS B 159 -9.36 13.42 8.82
CA HIS B 159 -9.75 12.02 8.65
C HIS B 159 -9.71 11.60 7.18
N VAL B 160 -9.76 12.57 6.27
CA VAL B 160 -9.77 12.25 4.84
C VAL B 160 -8.65 12.85 4.00
N ALA B 161 -7.93 13.81 4.56
CA ALA B 161 -6.86 14.47 3.82
C ALA B 161 -5.87 13.51 3.14
N PRO B 162 -5.36 12.51 3.87
CA PRO B 162 -4.42 11.55 3.27
C PRO B 162 -4.99 10.80 2.08
N VAL B 163 -6.25 10.38 2.19
CA VAL B 163 -6.91 9.65 1.12
C VAL B 163 -7.07 10.54 -0.12
N ARG B 164 -7.48 11.78 0.09
CA ARG B 164 -7.65 12.71 -1.01
C ARG B 164 -6.34 12.93 -1.75
N ALA B 165 -5.25 13.10 -1.01
CA ALA B 165 -3.95 13.33 -1.62
C ALA B 165 -3.49 12.14 -2.44
N GLU B 166 -3.68 10.94 -1.89
CA GLU B 166 -3.26 9.72 -2.56
C GLU B 166 -4.05 9.36 -3.81
N LEU B 167 -5.35 9.66 -3.83
CA LEU B 167 -6.17 9.36 -5.00
C LEU B 167 -5.66 10.13 -6.21
N GLY B 168 -5.20 11.35 -5.97
CA GLY B 168 -4.66 12.18 -7.03
C GLY B 168 -5.65 12.72 -8.03
N VAL B 169 -6.94 12.62 -7.71
CA VAL B 169 -7.99 13.12 -8.60
C VAL B 169 -8.97 13.92 -7.76
N ARG B 170 -9.74 14.79 -8.41
CA ARG B 170 -10.72 15.59 -7.69
C ARG B 170 -11.85 14.69 -7.20
N THR B 171 -12.46 15.07 -6.08
CA THR B 171 -13.57 14.31 -5.52
C THR B 171 -14.64 15.27 -5.03
N VAL B 172 -15.68 14.73 -4.39
CA VAL B 172 -16.75 15.58 -3.88
C VAL B 172 -16.22 16.60 -2.88
N PHE B 173 -15.10 16.29 -2.23
CA PHE B 173 -14.54 17.23 -1.26
C PHE B 173 -14.09 18.53 -1.90
N ASN B 174 -13.74 18.48 -3.19
CA ASN B 174 -13.33 19.71 -3.87
C ASN B 174 -14.57 20.61 -3.99
N LEU B 175 -15.73 19.99 -4.23
CA LEU B 175 -16.97 20.75 -4.34
C LEU B 175 -17.45 21.25 -2.97
N LEU B 176 -17.24 20.44 -1.93
CA LEU B 176 -17.72 20.81 -0.62
C LEU B 176 -16.98 21.94 0.10
N GLY B 177 -15.71 22.12 -0.23
CA GLY B 177 -14.95 23.18 0.41
C GLY B 177 -15.69 24.51 0.46
N PRO B 178 -16.11 25.05 -0.70
CA PRO B 178 -16.82 26.34 -0.70
C PRO B 178 -18.25 26.29 -0.17
N LEU B 179 -18.78 25.08 0.02
CA LEU B 179 -20.14 24.92 0.53
C LEU B 179 -20.18 24.67 2.04
N THR B 180 -19.02 24.81 2.69
CA THR B 180 -18.96 24.57 4.13
C THR B 180 -18.50 25.77 4.93
N ASN B 181 -18.88 26.97 4.48
CA ASN B 181 -18.52 28.20 5.19
C ASN B 181 -18.91 28.00 6.66
N PRO B 182 -17.93 28.03 7.57
CA PRO B 182 -18.23 27.84 8.99
C PRO B 182 -18.99 28.94 9.73
N ALA B 183 -19.25 30.06 9.06
CA ALA B 183 -20.00 31.15 9.68
C ALA B 183 -21.45 31.16 9.18
N GLY B 184 -21.76 30.22 8.28
CA GLY B 184 -23.11 30.14 7.76
C GLY B 184 -23.45 31.21 6.72
N ALA B 185 -22.44 31.69 6.00
CA ALA B 185 -22.68 32.71 4.98
C ALA B 185 -23.82 32.25 4.07
N ASP B 186 -24.70 33.19 3.68
CA ASP B 186 -25.83 32.86 2.84
C ASP B 186 -25.80 33.48 1.43
N ALA B 187 -24.78 34.29 1.17
CA ALA B 187 -24.64 34.93 -0.15
C ALA B 187 -23.26 34.57 -0.69
N TYR B 188 -23.20 34.21 -1.98
CA TYR B 188 -21.95 33.76 -2.57
C TYR B 188 -21.60 34.19 -3.98
N VAL B 189 -20.30 34.19 -4.22
CA VAL B 189 -19.74 34.36 -5.56
C VAL B 189 -18.84 33.13 -5.44
N LEU B 190 -19.32 32.01 -5.97
CA LEU B 190 -18.61 30.74 -5.85
C LEU B 190 -18.02 30.29 -7.18
N GLY B 191 -16.69 30.21 -7.21
CA GLY B 191 -16.02 29.79 -8.43
C GLY B 191 -15.85 28.28 -8.53
N VAL B 192 -15.98 27.77 -9.75
CA VAL B 192 -15.83 26.33 -9.99
C VAL B 192 -14.76 26.02 -11.04
N PHE B 193 -14.31 24.77 -11.00
CA PHE B 193 -13.26 24.22 -11.87
C PHE B 193 -13.56 24.23 -13.37
N SER B 194 -14.81 23.93 -13.73
CA SER B 194 -15.21 23.89 -15.13
C SER B 194 -16.68 24.26 -15.27
N PRO B 195 -17.10 24.65 -16.49
CA PRO B 195 -18.48 25.04 -16.76
C PRO B 195 -19.52 24.00 -16.35
N GLU B 196 -19.19 22.72 -16.47
CA GLU B 196 -20.13 21.66 -16.14
C GLU B 196 -20.59 21.70 -14.69
N TRP B 197 -19.81 22.34 -13.82
CA TRP B 197 -20.18 22.41 -12.41
C TRP B 197 -20.97 23.64 -12.00
N LEU B 198 -21.16 24.56 -12.93
CA LEU B 198 -21.92 25.78 -12.61
C LEU B 198 -23.33 25.51 -12.11
N ALA B 199 -24.11 24.77 -12.89
CA ALA B 199 -25.50 24.49 -12.52
C ALA B 199 -25.67 23.61 -11.29
N PRO B 200 -24.94 22.49 -11.19
CA PRO B 200 -25.08 21.63 -10.02
C PRO B 200 -24.76 22.36 -8.73
N MET B 201 -23.70 23.16 -8.76
CA MET B 201 -23.30 23.93 -7.58
C MET B 201 -24.30 25.02 -7.26
N ALA B 202 -24.91 25.60 -8.29
CA ALA B 202 -25.92 26.63 -8.06
C ALA B 202 -27.12 25.99 -7.37
N GLU B 203 -27.49 24.79 -7.81
CA GLU B 203 -28.63 24.11 -7.19
C GLU B 203 -28.31 23.72 -5.76
N ALA B 204 -27.07 23.31 -5.50
CA ALA B 204 -26.67 22.94 -4.15
C ALA B 204 -26.81 24.17 -3.25
N LEU B 205 -26.39 25.33 -3.75
CA LEU B 205 -26.52 26.55 -2.96
C LEU B 205 -27.99 26.85 -2.68
N GLU B 206 -28.83 26.72 -3.71
CA GLU B 206 -30.25 26.99 -3.53
C GLU B 206 -30.84 26.05 -2.47
N ARG B 207 -30.47 24.77 -2.52
CA ARG B 207 -30.98 23.80 -1.56
C ARG B 207 -30.52 24.14 -0.14
N LEU B 208 -29.35 24.77 -0.02
CA LEU B 208 -28.81 25.16 1.29
C LEU B 208 -29.44 26.46 1.77
N GLY B 209 -30.30 27.05 0.96
CA GLY B 209 -30.95 28.29 1.33
C GLY B 209 -30.11 29.52 1.05
N ALA B 210 -29.09 29.36 0.22
CA ALA B 210 -28.21 30.47 -0.12
C ALA B 210 -28.59 31.12 -1.43
N ARG B 211 -27.96 32.26 -1.71
CA ARG B 211 -28.22 33.03 -2.92
C ARG B 211 -26.90 33.46 -3.52
N GLY B 212 -26.93 33.94 -4.76
CA GLY B 212 -25.69 34.40 -5.36
C GLY B 212 -25.37 33.93 -6.76
N LEU B 213 -24.09 33.92 -7.07
CA LEU B 213 -23.59 33.51 -8.37
C LEU B 213 -22.53 32.44 -8.29
N VAL B 214 -22.60 31.48 -9.21
CA VAL B 214 -21.59 30.43 -9.31
C VAL B 214 -20.89 30.89 -10.59
N VAL B 215 -19.56 30.95 -10.56
CA VAL B 215 -18.81 31.49 -11.69
C VAL B 215 -17.63 30.66 -12.19
N HIS B 216 -17.25 30.91 -13.43
CA HIS B 216 -16.10 30.24 -14.05
C HIS B 216 -15.53 31.17 -15.10
N GLY B 217 -14.22 31.39 -15.05
CA GLY B 217 -13.58 32.29 -15.99
C GLY B 217 -12.39 31.75 -16.75
N GLU B 218 -12.65 31.32 -17.99
CA GLU B 218 -11.62 30.78 -18.88
C GLU B 218 -10.58 29.89 -18.19
N GLY B 219 -11.05 28.86 -17.51
CA GLY B 219 -10.15 27.95 -16.82
C GLY B 219 -9.96 28.20 -15.34
N ALA B 220 -10.14 29.46 -14.93
CA ALA B 220 -9.98 29.82 -13.53
C ALA B 220 -11.28 29.65 -12.74
N ASP B 221 -11.14 29.31 -11.46
CA ASP B 221 -12.31 29.12 -10.60
C ASP B 221 -12.71 30.45 -9.99
N GLU B 222 -12.70 31.48 -10.82
CA GLU B 222 -13.08 32.81 -10.38
C GLU B 222 -13.29 33.71 -11.58
N LEU B 223 -13.89 34.86 -11.36
CA LEU B 223 -14.15 35.81 -12.43
C LEU B 223 -12.86 36.44 -12.92
N VAL B 224 -12.68 36.44 -14.23
CA VAL B 224 -11.48 37.03 -14.82
C VAL B 224 -11.89 38.09 -15.84
N LEU B 225 -10.90 38.72 -16.47
CA LEU B 225 -11.17 39.77 -17.43
C LEU B 225 -11.29 39.23 -18.84
N GLY B 226 -12.23 38.31 -19.01
CA GLY B 226 -12.50 37.70 -20.30
C GLY B 226 -13.93 37.21 -20.31
N GLU B 227 -14.19 36.18 -21.11
CA GLU B 227 -15.53 35.60 -21.21
C GLU B 227 -15.84 34.70 -20.03
N ASN B 228 -16.60 35.22 -19.07
CA ASN B 228 -16.98 34.43 -17.90
C ASN B 228 -18.34 33.79 -18.14
N ARG B 229 -18.58 32.66 -17.47
CA ARG B 229 -19.83 31.98 -17.55
C ARG B 229 -20.34 31.94 -16.14
N VAL B 230 -21.60 32.31 -15.92
CA VAL B 230 -22.14 32.40 -14.57
C VAL B 230 -23.52 31.76 -14.50
N VAL B 231 -23.88 31.27 -13.32
CA VAL B 231 -25.23 30.77 -13.08
C VAL B 231 -25.69 31.51 -11.85
N GLU B 232 -26.78 32.25 -11.98
CA GLU B 232 -27.33 32.98 -10.86
C GLU B 232 -28.30 32.04 -10.17
N VAL B 233 -28.06 31.79 -8.89
CA VAL B 233 -28.91 30.88 -8.13
C VAL B 233 -30.38 31.25 -8.25
N GLY B 234 -31.17 30.29 -8.74
CA GLY B 234 -32.60 30.50 -8.90
C GLY B 234 -33.01 31.13 -10.22
N LYS B 235 -32.05 31.47 -11.06
CA LYS B 235 -32.35 32.09 -12.35
C LYS B 235 -31.91 31.27 -13.55
N GLY B 236 -30.62 31.21 -13.79
CA GLY B 236 -30.10 30.45 -14.92
C GLY B 236 -28.70 30.90 -15.28
N ALA B 237 -28.16 30.36 -16.37
CA ALA B 237 -26.81 30.66 -16.82
C ALA B 237 -26.76 31.77 -17.88
N TYR B 238 -25.66 32.51 -17.87
CA TYR B 238 -25.46 33.57 -18.85
C TYR B 238 -24.00 33.97 -18.86
N ALA B 239 -23.59 34.69 -19.90
CA ALA B 239 -22.22 35.13 -20.00
C ALA B 239 -22.02 36.47 -19.31
N LEU B 240 -20.81 36.70 -18.80
CA LEU B 240 -20.48 37.95 -18.14
C LEU B 240 -19.12 38.43 -18.63
N THR B 241 -19.11 39.53 -19.37
CA THR B 241 -17.89 40.08 -19.92
C THR B 241 -17.51 41.38 -19.21
N PRO B 242 -16.22 41.74 -19.23
CA PRO B 242 -15.78 42.97 -18.56
C PRO B 242 -16.46 44.21 -19.13
N GLU B 243 -16.54 44.26 -20.47
CA GLU B 243 -17.14 45.42 -21.13
C GLU B 243 -18.57 45.73 -20.70
N GLU B 244 -19.37 44.70 -20.44
CA GLU B 244 -20.75 45.00 -20.09
C GLU B 244 -20.88 45.57 -18.66
N VAL B 245 -19.78 45.60 -17.90
CA VAL B 245 -19.81 46.21 -16.58
C VAL B 245 -18.80 47.35 -16.46
N GLY B 246 -18.39 47.89 -17.61
CA GLY B 246 -17.46 49.00 -17.63
C GLY B 246 -15.99 48.74 -17.43
N LEU B 247 -15.55 47.51 -17.67
CA LEU B 247 -14.14 47.16 -17.49
C LEU B 247 -13.54 46.70 -18.82
N LYS B 248 -12.22 46.70 -18.89
CA LYS B 248 -11.52 46.27 -20.10
C LYS B 248 -10.96 44.86 -19.93
N ARG B 249 -10.88 44.13 -21.03
CA ARG B 249 -10.35 42.78 -20.99
C ARG B 249 -8.84 42.82 -20.82
N ALA B 250 -8.30 41.73 -20.28
CA ALA B 250 -6.86 41.60 -20.06
C ALA B 250 -6.54 40.12 -19.97
N PRO B 251 -5.36 39.71 -20.45
CA PRO B 251 -5.00 38.29 -20.39
C PRO B 251 -4.79 37.81 -18.96
N LEU B 252 -4.93 36.50 -18.74
CA LEU B 252 -4.76 35.91 -17.42
C LEU B 252 -3.37 36.22 -16.84
N GLU B 253 -2.37 36.32 -17.71
CA GLU B 253 -1.01 36.60 -17.28
C GLU B 253 -0.95 37.87 -16.44
N ALA B 254 -1.79 38.84 -16.77
CA ALA B 254 -1.82 40.12 -16.05
C ALA B 254 -2.38 39.98 -14.65
N LEU B 255 -2.96 38.82 -14.34
CA LEU B 255 -3.55 38.60 -13.03
C LEU B 255 -2.79 37.60 -12.18
N LYS B 256 -1.58 37.24 -12.62
CA LYS B 256 -0.78 36.28 -11.88
C LYS B 256 -0.08 36.88 -10.66
N GLY B 257 0.09 36.05 -9.64
CA GLY B 257 0.74 36.49 -8.42
C GLY B 257 1.99 35.65 -8.17
N GLY B 258 2.40 35.59 -6.92
CA GLY B 258 3.58 34.81 -6.58
C GLY B 258 3.56 34.34 -5.15
N GLY B 259 4.64 34.59 -4.42
CA GLY B 259 4.73 34.19 -3.03
C GLY B 259 3.96 35.11 -2.10
N PRO B 260 3.93 34.81 -0.80
CA PRO B 260 3.24 35.59 0.23
C PRO B 260 3.60 37.07 0.28
N GLU B 261 4.90 37.37 0.28
CA GLU B 261 5.35 38.75 0.35
C GLU B 261 5.06 39.54 -0.92
N GLU B 262 5.19 38.91 -2.08
CA GLU B 262 4.91 39.60 -3.33
C GLU B 262 3.42 39.91 -3.38
N ASN B 263 2.60 38.92 -3.09
CA ASN B 263 1.15 39.12 -3.11
C ASN B 263 0.72 40.14 -2.06
N ALA B 264 1.42 40.15 -0.92
CA ALA B 264 1.08 41.09 0.13
C ALA B 264 1.38 42.50 -0.37
N ALA B 265 2.50 42.66 -1.07
CA ALA B 265 2.90 43.96 -1.60
C ALA B 265 1.86 44.47 -2.59
N LEU B 266 1.39 43.57 -3.45
CA LEU B 266 0.36 43.91 -4.43
C LEU B 266 -0.94 44.24 -3.71
N ALA B 267 -1.28 43.42 -2.73
CA ALA B 267 -2.50 43.63 -1.96
C ALA B 267 -2.52 45.03 -1.34
N ARG B 268 -1.39 45.45 -0.78
CA ARG B 268 -1.32 46.77 -0.17
C ARG B 268 -1.59 47.88 -1.19
N ARG B 269 -0.95 47.80 -2.35
CA ARG B 269 -1.15 48.82 -3.38
C ARG B 269 -2.59 48.83 -3.87
N LEU B 270 -3.16 47.65 -4.06
CA LEU B 270 -4.53 47.54 -4.55
C LEU B 270 -5.54 48.07 -3.54
N LEU B 271 -5.47 47.59 -2.31
CA LEU B 271 -6.40 48.02 -1.26
C LEU B 271 -6.27 49.51 -0.93
N LYS B 272 -5.09 50.09 -1.15
CA LYS B 272 -4.87 51.51 -0.89
C LYS B 272 -5.40 52.38 -2.03
N GLY B 273 -5.80 51.73 -3.12
CA GLY B 273 -6.31 52.45 -4.28
C GLY B 273 -5.22 53.08 -5.13
N GLU B 274 -4.00 52.57 -5.00
CA GLU B 274 -2.86 53.10 -5.74
C GLU B 274 -2.59 52.38 -7.06
N GLU B 275 -2.85 51.07 -7.10
CA GLU B 275 -2.62 50.28 -8.30
C GLU B 275 -3.94 50.19 -9.07
N LYS B 276 -3.94 50.71 -10.29
CA LYS B 276 -5.14 50.77 -11.12
C LYS B 276 -5.20 49.83 -12.32
N GLY B 277 -4.21 48.96 -12.47
CA GLY B 277 -4.18 48.05 -13.60
C GLY B 277 -5.18 46.91 -13.57
N PRO B 278 -5.00 45.89 -14.45
CA PRO B 278 -5.88 44.73 -14.55
C PRO B 278 -6.22 44.08 -13.20
N LEU B 279 -5.25 44.00 -12.30
CA LEU B 279 -5.50 43.40 -10.99
C LEU B 279 -6.64 44.13 -10.29
N ALA B 280 -6.64 45.46 -10.39
CA ALA B 280 -7.68 46.27 -9.76
C ALA B 280 -9.03 46.00 -10.43
N ASP B 281 -9.03 45.85 -11.75
CA ASP B 281 -10.27 45.58 -12.47
C ASP B 281 -10.84 44.23 -12.07
N ALA B 282 -9.98 43.23 -11.93
CA ALA B 282 -10.41 41.89 -11.55
C ALA B 282 -11.00 41.87 -10.14
N VAL B 283 -10.40 42.64 -9.23
CA VAL B 283 -10.90 42.71 -7.87
C VAL B 283 -12.27 43.39 -7.88
N ALA B 284 -12.40 44.46 -8.67
CA ALA B 284 -13.66 45.17 -8.75
C ALA B 284 -14.75 44.29 -9.34
N LEU B 285 -14.37 43.43 -10.29
CA LEU B 285 -15.34 42.54 -10.92
C LEU B 285 -15.91 41.55 -9.93
N ALA B 286 -15.03 40.90 -9.16
CA ALA B 286 -15.47 39.93 -8.17
C ALA B 286 -16.21 40.59 -7.01
N ALA B 287 -15.72 41.74 -6.57
CA ALA B 287 -16.39 42.44 -5.47
C ALA B 287 -17.76 42.93 -5.93
N GLY B 288 -17.85 43.37 -7.18
CA GLY B 288 -19.12 43.83 -7.73
C GLY B 288 -20.12 42.70 -7.79
N ALA B 289 -19.64 41.52 -8.17
CA ALA B 289 -20.50 40.34 -8.21
C ALA B 289 -20.95 40.04 -6.78
N GLY B 290 -20.07 40.29 -5.82
CA GLY B 290 -20.39 40.07 -4.42
C GLY B 290 -21.48 41.00 -3.95
N PHE B 291 -21.38 42.28 -4.30
CA PHE B 291 -22.40 43.25 -3.90
C PHE B 291 -23.74 42.84 -4.48
N TYR B 292 -23.74 42.40 -5.73
CA TYR B 292 -24.98 41.96 -6.37
C TYR B 292 -25.53 40.69 -5.72
N ALA B 293 -24.66 39.72 -5.48
CA ALA B 293 -25.06 38.46 -4.86
C ALA B 293 -25.70 38.66 -3.49
N ALA B 294 -25.17 39.61 -2.72
CA ALA B 294 -25.68 39.90 -1.38
C ALA B 294 -26.90 40.81 -1.38
N GLY B 295 -27.25 41.33 -2.55
CA GLY B 295 -28.41 42.20 -2.65
C GLY B 295 -28.10 43.65 -2.29
N LYS B 296 -26.82 43.98 -2.19
CA LYS B 296 -26.39 45.34 -1.86
C LYS B 296 -26.65 46.26 -3.05
N THR B 297 -26.43 45.76 -4.25
CA THR B 297 -26.67 46.54 -5.47
C THR B 297 -27.70 45.81 -6.32
N PRO B 298 -28.54 46.55 -7.06
CA PRO B 298 -29.57 45.96 -7.91
C PRO B 298 -29.09 45.26 -9.17
N SER B 299 -27.83 45.48 -9.53
CA SER B 299 -27.29 44.87 -10.73
C SER B 299 -25.79 44.63 -10.59
N LEU B 300 -25.25 43.85 -11.52
CA LEU B 300 -23.82 43.57 -11.55
C LEU B 300 -23.09 44.85 -11.93
N LYS B 301 -23.64 45.60 -12.87
CA LYS B 301 -23.04 46.85 -13.31
C LYS B 301 -22.89 47.81 -12.14
N GLU B 302 -23.96 47.99 -11.36
CA GLU B 302 -23.90 48.89 -10.21
C GLU B 302 -22.96 48.32 -9.15
N GLY B 303 -22.91 47.00 -9.05
CA GLY B 303 -22.00 46.39 -8.09
C GLY B 303 -20.54 46.71 -8.41
N VAL B 304 -20.20 46.58 -9.69
CA VAL B 304 -18.83 46.85 -10.12
C VAL B 304 -18.49 48.33 -9.91
N ALA B 305 -19.46 49.21 -10.18
CA ALA B 305 -19.25 50.65 -10.00
C ALA B 305 -18.93 50.93 -8.55
N LEU B 306 -19.72 50.37 -7.64
CA LEU B 306 -19.51 50.56 -6.21
C LEU B 306 -18.16 50.00 -5.79
N ALA B 307 -17.80 48.83 -6.32
CA ALA B 307 -16.54 48.20 -5.98
C ALA B 307 -15.34 49.05 -6.43
N ARG B 308 -15.43 49.65 -7.62
CA ARG B 308 -14.33 50.49 -8.12
C ARG B 308 -14.11 51.68 -7.18
N GLU B 309 -15.21 52.24 -6.68
CA GLU B 309 -15.14 53.38 -5.77
C GLU B 309 -14.55 52.99 -4.43
N VAL B 310 -14.97 51.85 -3.90
CA VAL B 310 -14.47 51.39 -2.61
C VAL B 310 -12.98 51.11 -2.69
N LEU B 311 -12.56 50.45 -3.75
CA LEU B 311 -11.14 50.15 -3.92
C LEU B 311 -10.34 51.45 -4.00
N ALA B 312 -10.83 52.39 -4.82
CA ALA B 312 -10.14 53.67 -5.01
C ALA B 312 -10.08 54.53 -3.75
N SER B 313 -11.04 54.34 -2.85
CA SER B 313 -11.10 55.13 -1.62
C SER B 313 -9.97 54.81 -0.66
N GLY B 314 -9.44 53.58 -0.76
CA GLY B 314 -8.37 53.15 0.12
C GLY B 314 -8.92 52.64 1.44
N GLU B 315 -10.24 52.67 1.59
CA GLU B 315 -10.89 52.23 2.82
C GLU B 315 -10.79 50.74 3.11
N ALA B 316 -10.60 49.93 2.07
CA ALA B 316 -10.47 48.50 2.27
C ALA B 316 -9.15 48.19 2.99
N TYR B 317 -8.14 49.02 2.74
CA TYR B 317 -6.85 48.83 3.40
C TYR B 317 -7.01 49.18 4.87
N LEU B 318 -7.77 50.24 5.15
CA LEU B 318 -8.00 50.66 6.52
C LEU B 318 -8.68 49.52 7.26
N LEU B 319 -9.68 48.92 6.62
CA LEU B 319 -10.41 47.81 7.21
C LEU B 319 -9.48 46.65 7.55
N LEU B 320 -8.59 46.32 6.62
CA LEU B 320 -7.64 45.24 6.84
C LEU B 320 -6.81 45.52 8.09
N GLU B 321 -6.33 46.76 8.22
CA GLU B 321 -5.53 47.19 9.36
C GLU B 321 -6.29 46.99 10.66
N ARG B 322 -7.55 47.41 10.66
CA ARG B 322 -8.39 47.31 11.85
C ARG B 322 -8.64 45.84 12.19
N TYR B 323 -8.76 45.01 11.16
CA TYR B 323 -8.99 43.58 11.38
C TYR B 323 -7.76 42.93 12.03
N VAL B 324 -6.59 43.25 11.48
CA VAL B 324 -5.33 42.73 12.00
C VAL B 324 -5.18 43.12 13.47
N ALA B 325 -5.46 44.38 13.77
CA ALA B 325 -5.36 44.87 15.15
C ALA B 325 -6.39 44.21 16.06
N PHE B 326 -7.59 43.99 15.53
CA PHE B 326 -8.67 43.38 16.29
C PHE B 326 -8.29 41.98 16.79
N LEU B 327 -7.69 41.18 15.92
CA LEU B 327 -7.30 39.82 16.29
C LEU B 327 -6.13 39.82 17.26
N ARG B 328 -5.36 40.91 17.27
CA ARG B 328 -4.20 41.03 18.15
C ARG B 328 -4.53 41.61 19.51
N ALA B 329 -5.71 42.21 19.65
CA ALA B 329 -6.11 42.81 20.92
C ALA B 329 -6.20 41.79 22.04
N MET C 1 0.37 11.09 -16.19
CA MET C 1 -0.70 10.22 -15.70
C MET C 1 -0.43 8.76 -16.06
N ASP C 2 -0.12 7.95 -15.04
CA ASP C 2 0.12 6.55 -15.34
C ASP C 2 -1.19 5.82 -15.57
N ALA C 3 -1.10 4.52 -15.84
CA ALA C 3 -2.26 3.71 -16.15
C ALA C 3 -3.24 3.61 -14.98
N VAL C 4 -2.72 3.59 -13.76
CA VAL C 4 -3.58 3.50 -12.59
C VAL C 4 -4.46 4.75 -12.48
N LYS C 5 -3.88 5.93 -12.71
CA LYS C 5 -4.68 7.14 -12.64
C LYS C 5 -5.73 7.15 -13.73
N LYS C 6 -5.36 6.69 -14.93
CA LYS C 6 -6.31 6.64 -16.03
C LYS C 6 -7.48 5.73 -15.66
N ALA C 7 -7.18 4.63 -14.99
CA ALA C 7 -8.22 3.69 -14.57
C ALA C 7 -9.15 4.35 -13.55
N ILE C 8 -8.57 5.06 -12.60
CA ILE C 8 -9.33 5.73 -11.55
C ILE C 8 -10.25 6.80 -12.16
N LEU C 9 -9.78 7.43 -13.24
CA LEU C 9 -10.58 8.45 -13.91
C LEU C 9 -11.73 7.86 -14.72
N GLY C 10 -11.81 6.53 -14.73
CA GLY C 10 -12.88 5.85 -15.42
C GLY C 10 -12.71 5.64 -16.92
N GLU C 11 -11.52 5.88 -17.44
CA GLU C 11 -11.26 5.71 -18.86
C GLU C 11 -10.99 4.27 -19.22
N VAL C 12 -11.47 3.84 -20.39
CA VAL C 12 -11.23 2.47 -20.83
C VAL C 12 -9.74 2.34 -21.09
N LEU C 13 -9.17 1.22 -20.68
CA LEU C 13 -7.74 0.99 -20.83
C LEU C 13 -7.38 0.20 -22.08
N GLU C 14 -6.27 0.59 -22.70
CA GLU C 14 -5.78 -0.14 -23.87
C GLU C 14 -5.25 -1.43 -23.26
N GLU C 15 -5.07 -2.46 -24.08
CA GLU C 15 -4.58 -3.73 -23.58
C GLU C 15 -3.30 -3.58 -22.75
N GLU C 16 -2.35 -2.81 -23.26
CA GLU C 16 -1.08 -2.61 -22.57
C GLU C 16 -1.24 -1.91 -21.23
N GLU C 17 -2.20 -1.00 -21.15
CA GLU C 17 -2.44 -0.28 -19.90
C GLU C 17 -3.14 -1.17 -18.88
N ALA C 18 -4.07 -2.00 -19.35
CA ALA C 18 -4.76 -2.91 -18.45
C ALA C 18 -3.72 -3.86 -17.88
N TYR C 19 -2.83 -4.34 -18.74
CA TYR C 19 -1.77 -5.24 -18.31
C TYR C 19 -0.92 -4.57 -17.24
N GLU C 20 -0.52 -3.33 -17.50
CA GLU C 20 0.32 -2.57 -16.58
C GLU C 20 -0.32 -2.39 -15.20
N VAL C 21 -1.61 -2.08 -15.18
CA VAL C 21 -2.33 -1.90 -13.93
C VAL C 21 -2.26 -3.16 -13.08
N MET C 22 -2.56 -4.30 -13.68
CA MET C 22 -2.53 -5.56 -12.92
C MET C 22 -1.09 -5.98 -12.58
N ARG C 23 -0.14 -5.67 -13.46
CA ARG C 23 1.24 -6.01 -13.20
C ARG C 23 1.67 -5.27 -11.93
N ALA C 24 1.33 -3.98 -11.87
CA ALA C 24 1.69 -3.14 -10.73
C ALA C 24 1.04 -3.66 -9.45
N LEU C 25 -0.23 -4.03 -9.53
CA LEU C 25 -0.95 -4.55 -8.37
C LEU C 25 -0.29 -5.83 -7.87
N MET C 26 0.00 -6.75 -8.78
CA MET C 26 0.64 -8.00 -8.42
C MET C 26 2.06 -7.82 -7.92
N ALA C 27 2.70 -6.73 -8.34
CA ALA C 27 4.07 -6.45 -7.93
C ALA C 27 4.16 -5.70 -6.60
N GLY C 28 3.01 -5.42 -6.01
CA GLY C 28 2.98 -4.72 -4.73
C GLY C 28 3.41 -3.27 -4.81
N GLU C 29 3.18 -2.64 -5.96
CA GLU C 29 3.55 -1.25 -6.19
C GLU C 29 2.40 -0.27 -6.03
N VAL C 30 1.20 -0.79 -5.76
CA VAL C 30 0.03 0.08 -5.64
C VAL C 30 -0.44 0.21 -4.20
N SER C 31 -0.63 1.46 -3.77
CA SER C 31 -1.11 1.71 -2.41
C SER C 31 -2.55 1.21 -2.25
N PRO C 32 -2.94 0.88 -1.01
CA PRO C 32 -4.30 0.39 -0.76
C PRO C 32 -5.36 1.37 -1.28
N VAL C 33 -5.12 2.67 -1.09
CA VAL C 33 -6.07 3.67 -1.55
C VAL C 33 -6.24 3.67 -3.08
N ARG C 34 -5.13 3.62 -3.81
CA ARG C 34 -5.25 3.62 -5.26
C ARG C 34 -5.78 2.28 -5.77
N ALA C 35 -5.48 1.20 -5.06
CA ALA C 35 -5.99 -0.11 -5.46
C ALA C 35 -7.51 -0.09 -5.31
N ALA C 36 -7.99 0.44 -4.19
CA ALA C 36 -9.43 0.52 -3.93
C ALA C 36 -10.08 1.38 -5.02
N GLY C 37 -9.46 2.52 -5.31
CA GLY C 37 -10.00 3.40 -6.32
C GLY C 37 -10.09 2.80 -7.70
N LEU C 38 -9.02 2.13 -8.14
CA LEU C 38 -9.03 1.55 -9.47
C LEU C 38 -10.03 0.40 -9.58
N LEU C 39 -10.12 -0.41 -8.54
CA LEU C 39 -11.07 -1.53 -8.57
C LEU C 39 -12.51 -1.04 -8.64
N VAL C 40 -12.83 0.03 -7.91
CA VAL C 40 -14.19 0.57 -7.93
C VAL C 40 -14.50 1.18 -9.31
N ALA C 41 -13.54 1.92 -9.86
CA ALA C 41 -13.73 2.56 -11.17
C ALA C 41 -14.02 1.52 -12.25
N LEU C 42 -13.22 0.46 -12.28
CA LEU C 42 -13.40 -0.60 -13.27
C LEU C 42 -14.75 -1.31 -13.10
N SER C 43 -15.14 -1.52 -11.85
CA SER C 43 -16.40 -2.21 -11.55
C SER C 43 -17.62 -1.41 -11.96
N LEU C 44 -17.53 -0.08 -11.90
CA LEU C 44 -18.64 0.81 -12.23
C LEU C 44 -18.98 0.83 -13.73
N ARG C 45 -17.95 0.93 -14.57
CA ARG C 45 -18.18 1.00 -16.00
C ARG C 45 -18.26 -0.37 -16.66
N GLY C 46 -17.64 -1.36 -16.02
CA GLY C 46 -17.66 -2.70 -16.56
C GLY C 46 -16.41 -2.98 -17.36
N GLU C 47 -15.65 -3.99 -16.92
CA GLU C 47 -14.40 -4.37 -17.57
C GLU C 47 -14.67 -5.10 -18.89
N ARG C 48 -14.03 -4.64 -19.96
CA ARG C 48 -14.20 -5.24 -21.27
C ARG C 48 -13.32 -6.48 -21.47
N PRO C 49 -13.67 -7.33 -22.44
CA PRO C 49 -12.93 -8.57 -22.73
C PRO C 49 -11.42 -8.43 -22.88
N HIS C 50 -10.96 -7.44 -23.64
CA HIS C 50 -9.52 -7.24 -23.83
C HIS C 50 -8.84 -6.80 -22.54
N GLU C 51 -9.56 -6.10 -21.69
CA GLU C 51 -9.01 -5.64 -20.43
C GLU C 51 -8.84 -6.82 -19.48
N ILE C 52 -9.89 -7.62 -19.35
CA ILE C 52 -9.86 -8.78 -18.49
C ILE C 52 -8.76 -9.76 -18.95
N ALA C 53 -8.67 -9.97 -20.26
CA ALA C 53 -7.67 -10.87 -20.80
C ALA C 53 -6.25 -10.39 -20.52
N ALA C 54 -6.02 -9.09 -20.67
CA ALA C 54 -4.70 -8.53 -20.41
C ALA C 54 -4.35 -8.62 -18.92
N MET C 55 -5.32 -8.36 -18.06
CA MET C 55 -5.06 -8.44 -16.63
C MET C 55 -4.82 -9.89 -16.20
N ALA C 56 -5.53 -10.81 -16.84
CA ALA C 56 -5.36 -12.22 -16.54
C ALA C 56 -3.94 -12.64 -16.92
N ARG C 57 -3.44 -12.11 -18.03
CA ARG C 57 -2.09 -12.43 -18.46
C ARG C 57 -1.06 -11.93 -17.46
N ALA C 58 -1.27 -10.73 -16.94
CA ALA C 58 -0.35 -10.18 -15.95
C ALA C 58 -0.31 -11.07 -14.71
N MET C 59 -1.48 -11.60 -14.33
CA MET C 59 -1.55 -12.47 -13.16
C MET C 59 -0.86 -13.80 -13.37
N ARG C 60 -1.06 -14.41 -14.54
CA ARG C 60 -0.42 -15.69 -14.82
C ARG C 60 1.09 -15.54 -14.85
N GLU C 61 1.57 -14.39 -15.32
CA GLU C 61 3.00 -14.14 -15.38
C GLU C 61 3.62 -13.89 -14.01
N ALA C 62 2.85 -13.34 -13.10
CA ALA C 62 3.34 -13.05 -11.75
C ALA C 62 3.18 -14.26 -10.82
N ALA C 63 2.47 -15.27 -11.27
CA ALA C 63 2.23 -16.46 -10.47
C ALA C 63 3.48 -17.29 -10.20
N ARG C 64 3.52 -17.93 -9.04
CA ARG C 64 4.65 -18.80 -8.72
C ARG C 64 4.54 -19.94 -9.71
N PRO C 65 5.64 -20.27 -10.40
CA PRO C 65 5.64 -21.35 -11.40
C PRO C 65 5.26 -22.74 -10.90
N LEU C 66 4.47 -23.43 -11.71
CA LEU C 66 4.04 -24.78 -11.42
C LEU C 66 3.61 -25.47 -12.71
N ARG C 67 4.22 -26.61 -12.99
CA ARG C 67 3.88 -27.39 -14.17
C ARG C 67 3.38 -28.75 -13.71
N VAL C 68 2.18 -29.13 -14.15
CA VAL C 68 1.58 -30.41 -13.80
C VAL C 68 1.48 -31.24 -15.08
N HIS C 69 2.00 -32.46 -15.04
CA HIS C 69 2.00 -33.31 -16.23
C HIS C 69 0.76 -34.15 -16.50
N ARG C 70 -0.35 -33.85 -15.83
CA ARG C 70 -1.56 -34.61 -16.04
C ARG C 70 -2.65 -33.77 -16.73
N ARG C 71 -3.30 -34.38 -17.72
CA ARG C 71 -4.37 -33.73 -18.48
C ARG C 71 -5.38 -34.80 -18.88
N PRO C 72 -6.67 -34.47 -18.90
CA PRO C 72 -7.22 -33.15 -18.57
C PRO C 72 -6.99 -32.85 -17.09
N LEU C 73 -6.93 -31.56 -16.76
CA LEU C 73 -6.73 -31.12 -15.38
C LEU C 73 -7.97 -30.30 -15.04
N LEU C 74 -8.78 -30.83 -14.14
CA LEU C 74 -10.04 -30.21 -13.75
C LEU C 74 -10.03 -29.25 -12.58
N ASP C 75 -10.79 -28.17 -12.73
CA ASP C 75 -10.96 -27.18 -11.67
C ASP C 75 -12.47 -26.92 -11.56
N ILE C 76 -13.00 -26.97 -10.34
CA ILE C 76 -14.40 -26.68 -10.08
C ILE C 76 -14.24 -25.43 -9.22
N VAL C 77 -14.63 -24.29 -9.77
CA VAL C 77 -14.41 -23.02 -9.09
C VAL C 77 -15.50 -22.01 -9.43
N GLY C 78 -15.70 -21.04 -8.54
CA GLY C 78 -16.71 -20.02 -8.78
C GLY C 78 -16.16 -18.63 -8.64
N THR C 79 -16.90 -17.66 -9.19
CA THR C 79 -16.51 -16.26 -9.14
C THR C 79 -16.74 -15.67 -7.76
N GLY C 80 -17.65 -16.28 -7.01
CA GLY C 80 -18.00 -15.74 -5.71
C GLY C 80 -18.85 -14.53 -6.02
N GLY C 81 -19.16 -13.73 -5.01
CA GLY C 81 -19.95 -12.53 -5.24
C GLY C 81 -21.43 -12.69 -5.53
N ASP C 82 -22.01 -13.85 -5.22
CA ASP C 82 -23.44 -14.04 -5.50
C ASP C 82 -24.33 -13.61 -4.34
N GLY C 83 -23.74 -13.44 -3.17
CA GLY C 83 -24.50 -13.02 -2.01
C GLY C 83 -25.48 -14.04 -1.44
N LYS C 84 -25.64 -15.18 -2.12
CA LYS C 84 -26.55 -16.22 -1.65
C LYS C 84 -26.05 -16.83 -0.34
N GLY C 85 -24.74 -16.77 -0.14
CA GLY C 85 -24.14 -17.31 1.08
C GLY C 85 -24.35 -18.79 1.30
N LEU C 86 -24.28 -19.58 0.23
CA LEU C 86 -24.46 -21.02 0.35
C LEU C 86 -23.12 -21.68 0.65
N MET C 87 -23.15 -22.92 1.12
CA MET C 87 -21.92 -23.63 1.44
C MET C 87 -21.13 -23.82 0.15
N ASN C 88 -19.81 -23.69 0.24
CA ASN C 88 -18.96 -23.86 -0.94
C ASN C 88 -18.74 -25.36 -1.15
N LEU C 89 -19.52 -25.93 -2.07
CA LEU C 89 -19.44 -27.36 -2.35
C LEU C 89 -18.40 -27.75 -3.40
N SER C 90 -17.88 -26.78 -4.13
CA SER C 90 -16.90 -27.06 -5.17
C SER C 90 -15.72 -27.92 -4.70
N THR C 91 -15.24 -27.65 -3.49
CA THR C 91 -14.11 -28.39 -2.93
C THR C 91 -14.44 -29.87 -2.76
N LEU C 92 -15.64 -30.16 -2.26
CA LEU C 92 -16.06 -31.53 -2.07
C LEU C 92 -16.29 -32.22 -3.41
N ALA C 93 -16.90 -31.51 -4.35
CA ALA C 93 -17.15 -32.08 -5.68
C ALA C 93 -15.81 -32.38 -6.34
N ALA C 94 -14.82 -31.51 -6.14
CA ALA C 94 -13.49 -31.70 -6.71
C ALA C 94 -12.83 -32.96 -6.16
N LEU C 95 -13.00 -33.20 -4.86
CA LEU C 95 -12.42 -34.39 -4.22
C LEU C 95 -13.10 -35.65 -4.77
N VAL C 96 -14.40 -35.58 -5.00
CA VAL C 96 -15.13 -36.72 -5.54
C VAL C 96 -14.62 -37.02 -6.96
N ALA C 97 -14.43 -35.97 -7.75
CA ALA C 97 -13.93 -36.15 -9.12
C ALA C 97 -12.55 -36.81 -9.10
N ALA C 98 -11.69 -36.39 -8.18
CA ALA C 98 -10.36 -36.96 -8.08
C ALA C 98 -10.42 -38.42 -7.61
N ALA C 99 -11.35 -38.71 -6.72
CA ALA C 99 -11.51 -40.07 -6.21
C ALA C 99 -12.02 -40.97 -7.33
N GLY C 100 -12.59 -40.34 -8.35
CA GLY C 100 -13.10 -41.09 -9.50
C GLY C 100 -12.09 -41.21 -10.62
N GLY C 101 -10.87 -40.73 -10.40
CA GLY C 101 -9.85 -40.84 -11.42
C GLY C 101 -9.47 -39.62 -12.25
N VAL C 102 -10.14 -38.50 -12.01
CA VAL C 102 -9.84 -37.27 -12.76
C VAL C 102 -8.72 -36.51 -12.06
N ALA C 103 -7.79 -35.96 -12.83
CA ALA C 103 -6.70 -35.17 -12.26
C ALA C 103 -7.35 -33.83 -11.93
N VAL C 104 -7.25 -33.43 -10.66
CA VAL C 104 -7.86 -32.20 -10.18
C VAL C 104 -6.89 -31.21 -9.56
N ALA C 105 -7.03 -29.95 -9.94
CA ALA C 105 -6.22 -28.86 -9.39
C ALA C 105 -7.24 -27.76 -9.11
N LYS C 106 -7.88 -27.84 -7.94
CA LYS C 106 -8.92 -26.90 -7.55
C LYS C 106 -8.34 -25.60 -6.99
N HIS C 107 -8.76 -24.49 -7.60
CA HIS C 107 -8.30 -23.15 -7.22
C HIS C 107 -9.23 -22.56 -6.18
N GLY C 108 -8.68 -22.11 -5.05
CA GLY C 108 -9.52 -21.55 -4.00
C GLY C 108 -8.84 -20.51 -3.13
N ASN C 109 -9.59 -19.92 -2.22
CA ASN C 109 -9.07 -18.88 -1.34
C ASN C 109 -9.79 -18.90 0.00
N ARG C 110 -9.40 -18.01 0.91
CA ARG C 110 -10.09 -17.77 2.18
C ARG C 110 -11.29 -16.80 2.01
N ALA C 111 -12.33 -16.94 2.89
CA ALA C 111 -13.47 -16.05 2.73
C ALA C 111 -13.36 -14.79 3.62
N ALA C 112 -13.89 -13.72 3.03
CA ALA C 112 -13.55 -12.38 3.48
C ALA C 112 -13.47 -12.25 4.96
N SER C 113 -14.63 -12.43 5.52
CA SER C 113 -14.79 -12.22 6.91
C SER C 113 -15.94 -13.12 7.29
N SER C 114 -15.62 -14.37 6.96
CA SER C 114 -16.22 -15.60 7.39
C SER C 114 -15.17 -16.70 7.17
N ARG C 115 -15.09 -17.69 8.09
CA ARG C 115 -14.23 -18.81 7.75
C ARG C 115 -14.99 -19.88 6.97
N ALA C 116 -15.11 -19.61 5.65
CA ALA C 116 -16.00 -20.42 4.83
C ALA C 116 -15.39 -20.70 3.45
N GLY C 117 -14.33 -19.92 3.15
CA GLY C 117 -13.68 -20.13 1.88
C GLY C 117 -13.32 -21.60 1.78
N SER C 118 -13.03 -22.03 0.55
CA SER C 118 -12.56 -23.39 0.33
C SER C 118 -11.25 -23.65 1.07
N ALA C 119 -10.40 -22.64 1.14
CA ALA C 119 -9.11 -22.78 1.84
C ALA C 119 -9.35 -22.96 3.32
N ASP C 120 -10.36 -22.26 3.85
CA ASP C 120 -10.68 -22.35 5.27
C ASP C 120 -11.17 -23.75 5.62
N LEU C 121 -12.05 -24.29 4.78
CA LEU C 121 -12.60 -25.63 4.99
C LEU C 121 -11.50 -26.69 4.95
N LEU C 122 -10.68 -26.66 3.91
CA LEU C 122 -9.60 -27.63 3.78
C LEU C 122 -8.61 -27.57 4.93
N GLU C 123 -8.34 -26.36 5.41
CA GLU C 123 -7.41 -26.19 6.52
C GLU C 123 -8.00 -26.84 7.76
N ALA C 124 -9.31 -26.71 7.92
CA ALA C 124 -10.00 -27.29 9.07
C ALA C 124 -9.97 -28.81 8.95
N LEU C 125 -9.83 -29.32 7.73
CA LEU C 125 -9.79 -30.76 7.50
C LEU C 125 -8.37 -31.30 7.55
N GLY C 126 -7.41 -30.45 7.87
CA GLY C 126 -6.03 -30.89 7.99
C GLY C 126 -5.02 -30.47 6.94
N VAL C 127 -5.47 -29.79 5.90
CA VAL C 127 -4.56 -29.37 4.84
C VAL C 127 -3.65 -28.21 5.28
N ASP C 128 -2.36 -28.37 5.06
CA ASP C 128 -1.38 -27.35 5.38
C ASP C 128 -1.32 -26.39 4.21
N LEU C 129 -1.97 -25.24 4.34
CA LEU C 129 -2.02 -24.24 3.28
C LEU C 129 -0.67 -23.63 2.94
N GLU C 130 0.33 -23.85 3.79
CA GLU C 130 1.66 -23.31 3.56
C GLU C 130 2.54 -24.21 2.69
N ALA C 131 2.01 -25.38 2.32
CA ALA C 131 2.77 -26.31 1.49
C ALA C 131 3.24 -25.60 0.21
N PRO C 132 4.50 -25.82 -0.18
CA PRO C 132 5.02 -25.18 -1.40
C PRO C 132 4.39 -25.71 -2.68
N PRO C 133 4.30 -24.85 -3.72
CA PRO C 133 3.74 -25.22 -5.02
C PRO C 133 4.28 -26.53 -5.56
N GLU C 134 5.59 -26.74 -5.41
CA GLU C 134 6.17 -27.96 -5.95
C GLU C 134 5.59 -29.21 -5.28
N ARG C 135 5.30 -29.13 -3.98
CA ARG C 135 4.71 -30.28 -3.28
C ARG C 135 3.26 -30.50 -3.70
N VAL C 136 2.53 -29.42 -3.90
CA VAL C 136 1.14 -29.51 -4.32
C VAL C 136 1.11 -30.14 -5.72
N GLY C 137 2.06 -29.76 -6.56
CA GLY C 137 2.14 -30.32 -7.90
C GLY C 137 2.40 -31.81 -7.86
N GLU C 138 3.29 -32.23 -6.94
CA GLU C 138 3.62 -33.64 -6.80
C GLU C 138 2.39 -34.42 -6.35
N ALA C 139 1.56 -33.79 -5.53
CA ALA C 139 0.34 -34.44 -5.04
C ALA C 139 -0.62 -34.66 -6.19
N ILE C 140 -0.77 -33.67 -7.06
CA ILE C 140 -1.66 -33.81 -8.20
C ILE C 140 -1.22 -34.96 -9.10
N GLU C 141 0.08 -35.03 -9.36
CA GLU C 141 0.61 -36.08 -10.23
C GLU C 141 0.47 -37.47 -9.61
N GLU C 142 0.79 -37.59 -8.33
CA GLU C 142 0.72 -38.88 -7.64
C GLU C 142 -0.64 -39.29 -7.09
N LEU C 143 -1.36 -38.35 -6.50
CA LEU C 143 -2.66 -38.65 -5.90
C LEU C 143 -3.86 -38.24 -6.74
N GLY C 144 -3.64 -37.34 -7.71
CA GLY C 144 -4.72 -36.90 -8.57
C GLY C 144 -5.49 -35.71 -8.05
N PHE C 145 -5.06 -35.16 -6.92
CA PHE C 145 -5.73 -33.99 -6.35
C PHE C 145 -4.75 -32.99 -5.77
N GLY C 146 -5.10 -31.72 -5.93
CA GLY C 146 -4.29 -30.65 -5.38
C GLY C 146 -5.16 -29.42 -5.21
N PHE C 147 -4.94 -28.69 -4.12
CA PHE C 147 -5.70 -27.47 -3.88
C PHE C 147 -4.72 -26.32 -4.07
N LEU C 148 -5.06 -25.42 -4.98
CA LEU C 148 -4.22 -24.26 -5.28
C LEU C 148 -4.70 -23.05 -4.50
N PHE C 149 -4.02 -22.76 -3.39
CA PHE C 149 -4.37 -21.63 -2.53
C PHE C 149 -3.92 -20.33 -3.19
N ALA C 150 -4.89 -19.47 -3.52
CA ALA C 150 -4.63 -18.21 -4.18
C ALA C 150 -3.44 -17.42 -3.67
N ARG C 151 -3.39 -17.20 -2.36
CA ARG C 151 -2.31 -16.42 -1.75
C ARG C 151 -0.91 -17.01 -2.00
N VAL C 152 -0.80 -18.34 -2.04
CA VAL C 152 0.48 -18.97 -2.28
C VAL C 152 0.98 -18.80 -3.71
N PHE C 153 0.09 -18.98 -4.68
CA PHE C 153 0.49 -18.85 -6.08
C PHE C 153 0.53 -17.42 -6.60
N HIS C 154 -0.32 -16.56 -6.03
CA HIS C 154 -0.36 -15.15 -6.38
C HIS C 154 -0.21 -14.40 -5.05
N PRO C 155 1.05 -14.25 -4.58
CA PRO C 155 1.35 -13.58 -3.31
C PRO C 155 0.62 -12.25 -3.08
N ALA C 156 0.50 -11.46 -4.13
CA ALA C 156 -0.16 -10.17 -4.04
C ALA C 156 -1.60 -10.27 -3.54
N MET C 157 -2.24 -11.42 -3.75
CA MET C 157 -3.61 -11.57 -3.31
C MET C 157 -3.75 -11.40 -1.80
N ARG C 158 -2.65 -11.57 -1.08
CA ARG C 158 -2.70 -11.40 0.37
C ARG C 158 -3.00 -9.95 0.70
N HIS C 159 -2.53 -9.00 -0.24
CA HIS C 159 -2.85 -7.60 0.03
C HIS C 159 -4.17 -7.13 -0.66
N VAL C 160 -4.42 -7.88 -1.82
CA VAL C 160 -5.67 -7.55 -2.51
C VAL C 160 -6.87 -7.94 -1.65
N ALA C 161 -6.75 -9.05 -0.92
CA ALA C 161 -7.86 -9.58 -0.12
C ALA C 161 -8.55 -8.56 0.78
N PRO C 162 -7.80 -7.86 1.64
CA PRO C 162 -8.44 -6.87 2.53
C PRO C 162 -9.09 -5.71 1.79
N VAL C 163 -8.55 -5.35 0.63
CA VAL C 163 -9.13 -4.28 -0.16
C VAL C 163 -10.49 -4.75 -0.68
N ARG C 164 -10.55 -5.97 -1.20
CA ARG C 164 -11.80 -6.52 -1.70
C ARG C 164 -12.82 -6.67 -0.56
N ALA C 165 -12.35 -7.14 0.59
CA ALA C 165 -13.22 -7.35 1.75
C ALA C 165 -13.84 -6.03 2.21
N GLU C 166 -13.02 -4.99 2.28
CA GLU C 166 -13.50 -3.67 2.70
C GLU C 166 -14.49 -3.06 1.72
N LEU C 167 -14.17 -3.10 0.42
CA LEU C 167 -15.06 -2.56 -0.58
C LEU C 167 -16.41 -3.27 -0.48
N GLY C 168 -16.35 -4.58 -0.25
CA GLY C 168 -17.56 -5.37 -0.10
C GLY C 168 -18.43 -5.54 -1.33
N VAL C 169 -17.89 -5.22 -2.49
CA VAL C 169 -18.65 -5.36 -3.74
C VAL C 169 -17.82 -6.17 -4.74
N ARG C 170 -18.47 -6.62 -5.81
CA ARG C 170 -17.76 -7.40 -6.81
C ARG C 170 -16.73 -6.52 -7.53
N THR C 171 -15.60 -7.11 -7.88
CA THR C 171 -14.55 -6.40 -8.59
C THR C 171 -14.05 -7.32 -9.70
N VAL C 172 -13.11 -6.83 -10.49
CA VAL C 172 -12.59 -7.64 -11.60
C VAL C 172 -11.95 -8.94 -11.08
N PHE C 173 -11.55 -8.97 -9.81
CA PHE C 173 -10.94 -10.17 -9.26
C PHE C 173 -11.91 -11.33 -9.14
N ASN C 174 -13.21 -11.05 -9.10
CA ASN C 174 -14.19 -12.12 -9.02
C ASN C 174 -14.17 -12.89 -10.33
N LEU C 175 -13.86 -12.18 -11.41
CA LEU C 175 -13.79 -12.81 -12.73
C LEU C 175 -12.41 -13.40 -12.98
N LEU C 176 -11.37 -12.71 -12.52
CA LEU C 176 -10.00 -13.17 -12.74
C LEU C 176 -9.62 -14.43 -11.98
N GLY C 177 -10.15 -14.60 -10.78
CA GLY C 177 -9.82 -15.78 -9.99
C GLY C 177 -10.03 -17.07 -10.76
N PRO C 178 -11.25 -17.33 -11.25
CA PRO C 178 -11.52 -18.55 -12.01
C PRO C 178 -10.68 -18.68 -13.28
N LEU C 179 -10.31 -17.55 -13.87
CA LEU C 179 -9.54 -17.55 -15.11
C LEU C 179 -8.03 -17.61 -14.93
N THR C 180 -7.55 -17.74 -13.70
CA THR C 180 -6.12 -17.77 -13.46
C THR C 180 -5.61 -18.99 -12.70
N ASN C 181 -6.20 -20.16 -12.96
CA ASN C 181 -5.76 -21.39 -12.31
C ASN C 181 -4.24 -21.48 -12.50
N PRO C 182 -3.48 -21.44 -11.39
CA PRO C 182 -2.01 -21.51 -11.49
C PRO C 182 -1.35 -22.83 -11.86
N ALA C 183 -2.16 -23.87 -12.06
CA ALA C 183 -1.62 -25.17 -12.46
C ALA C 183 -1.91 -25.42 -13.93
N GLY C 184 -2.55 -24.46 -14.58
CA GLY C 184 -2.87 -24.60 -15.99
C GLY C 184 -4.05 -25.51 -16.29
N ALA C 185 -4.98 -25.64 -15.35
CA ALA C 185 -6.14 -26.49 -15.56
C ALA C 185 -6.79 -26.16 -16.90
N ASP C 186 -7.21 -27.19 -17.63
CA ASP C 186 -7.81 -27.01 -18.94
C ASP C 186 -9.25 -27.51 -19.03
N ALA C 187 -9.78 -28.05 -17.92
CA ALA C 187 -11.17 -28.53 -17.88
C ALA C 187 -11.85 -27.82 -16.71
N TYR C 188 -13.06 -27.34 -16.93
CA TYR C 188 -13.75 -26.57 -15.89
C TYR C 188 -15.23 -26.78 -15.64
N VAL C 189 -15.62 -26.48 -14.40
CA VAL C 189 -17.03 -26.40 -13.99
C VAL C 189 -16.87 -25.05 -13.29
N LEU C 190 -17.10 -23.98 -14.04
CA LEU C 190 -16.91 -22.62 -13.56
C LEU C 190 -18.22 -21.91 -13.28
N GLY C 191 -18.48 -21.64 -12.00
CA GLY C 191 -19.71 -20.96 -11.61
C GLY C 191 -19.59 -19.45 -11.62
N VAL C 192 -20.66 -18.78 -12.05
CA VAL C 192 -20.67 -17.32 -12.11
C VAL C 192 -21.83 -16.73 -11.31
N PHE C 193 -21.64 -15.52 -10.79
CA PHE C 193 -22.66 -14.87 -9.96
C PHE C 193 -23.90 -14.36 -10.71
N SER C 194 -23.80 -14.20 -12.02
CA SER C 194 -24.94 -13.73 -12.82
C SER C 194 -24.94 -14.38 -14.19
N PRO C 195 -26.14 -14.67 -14.72
CA PRO C 195 -26.31 -15.31 -16.04
C PRO C 195 -25.61 -14.54 -17.16
N GLU C 196 -25.47 -13.23 -16.97
CA GLU C 196 -24.82 -12.31 -17.90
C GLU C 196 -23.38 -12.73 -18.21
N TRP C 197 -22.77 -13.45 -17.28
CA TRP C 197 -21.37 -13.83 -17.45
C TRP C 197 -21.12 -15.25 -17.95
N LEU C 198 -22.20 -15.98 -18.21
CA LEU C 198 -22.05 -17.35 -18.69
C LEU C 198 -21.33 -17.40 -20.03
N ALA C 199 -21.87 -16.69 -21.02
CA ALA C 199 -21.28 -16.66 -22.36
C ALA C 199 -19.88 -16.04 -22.37
N PRO C 200 -19.72 -14.86 -21.75
CA PRO C 200 -18.40 -14.21 -21.75
C PRO C 200 -17.30 -15.08 -21.14
N MET C 201 -17.59 -15.72 -20.03
CA MET C 201 -16.57 -16.58 -19.41
C MET C 201 -16.34 -17.83 -20.22
N ALA C 202 -17.37 -18.35 -20.90
CA ALA C 202 -17.19 -19.53 -21.74
C ALA C 202 -16.30 -19.17 -22.93
N GLU C 203 -16.52 -17.99 -23.49
CA GLU C 203 -15.71 -17.54 -24.62
C GLU C 203 -14.28 -17.33 -24.18
N ALA C 204 -14.09 -16.84 -22.97
CA ALA C 204 -12.76 -16.62 -22.43
C ALA C 204 -12.04 -17.95 -22.31
N LEU C 205 -12.74 -18.96 -21.81
CA LEU C 205 -12.15 -20.28 -21.65
C LEU C 205 -11.78 -20.87 -23.01
N GLU C 206 -12.66 -20.69 -23.99
CA GLU C 206 -12.41 -21.22 -25.32
C GLU C 206 -11.15 -20.61 -25.92
N ARG C 207 -10.97 -19.30 -25.74
CA ARG C 207 -9.79 -18.62 -26.27
C ARG C 207 -8.51 -19.14 -25.62
N LEU C 208 -8.63 -19.59 -24.37
CA LEU C 208 -7.49 -20.12 -23.64
C LEU C 208 -7.21 -21.58 -23.96
N GLY C 209 -8.06 -22.18 -24.79
CA GLY C 209 -7.88 -23.57 -25.16
C GLY C 209 -8.47 -24.51 -24.12
N ALA C 210 -9.25 -23.96 -23.20
CA ALA C 210 -9.87 -24.76 -22.16
C ALA C 210 -11.24 -25.27 -22.57
N ARG C 211 -11.75 -26.23 -21.81
CA ARG C 211 -13.05 -26.84 -22.08
C ARG C 211 -13.87 -26.96 -20.81
N GLY C 212 -15.13 -27.33 -20.96
CA GLY C 212 -15.98 -27.51 -19.80
C GLY C 212 -17.29 -26.76 -19.81
N LEU C 213 -17.82 -26.55 -18.61
CA LEU C 213 -19.09 -25.86 -18.42
C LEU C 213 -18.97 -24.63 -17.55
N VAL C 214 -19.69 -23.58 -17.92
CA VAL C 214 -19.74 -22.36 -17.11
C VAL C 214 -21.17 -22.50 -16.59
N VAL C 215 -21.35 -22.37 -15.28
CA VAL C 215 -22.66 -22.60 -14.67
C VAL C 215 -23.18 -21.50 -13.77
N HIS C 216 -24.50 -21.49 -13.59
CA HIS C 216 -25.18 -20.55 -12.73
C HIS C 216 -26.41 -21.21 -12.18
N GLY C 217 -26.59 -21.15 -10.85
CA GLY C 217 -27.72 -21.81 -10.24
C GLY C 217 -28.70 -20.94 -9.48
N GLU C 218 -29.73 -20.48 -10.20
CA GLU C 218 -30.78 -19.64 -9.63
C GLU C 218 -30.23 -18.58 -8.69
N GLY C 219 -29.19 -17.88 -9.13
CA GLY C 219 -28.60 -16.83 -8.31
C GLY C 219 -27.25 -17.15 -7.70
N ALA C 220 -26.96 -18.43 -7.51
CA ALA C 220 -25.69 -18.84 -6.92
C ALA C 220 -24.61 -19.15 -7.97
N ASP C 221 -23.35 -19.00 -7.58
CA ASP C 221 -22.25 -19.28 -8.50
C ASP C 221 -21.81 -20.74 -8.43
N GLU C 222 -22.80 -21.63 -8.34
CA GLU C 222 -22.55 -23.06 -8.29
C GLU C 222 -23.79 -23.75 -8.81
N LEU C 223 -23.67 -25.04 -9.12
CA LEU C 223 -24.80 -25.81 -9.58
C LEU C 223 -25.66 -26.11 -8.35
N VAL C 224 -26.95 -25.88 -8.46
CA VAL C 224 -27.87 -26.13 -7.36
C VAL C 224 -28.94 -27.14 -7.76
N LEU C 225 -29.79 -27.50 -6.83
CA LEU C 225 -30.85 -28.47 -7.11
C LEU C 225 -32.09 -27.76 -7.64
N GLY C 226 -31.89 -27.06 -8.75
CA GLY C 226 -32.96 -26.33 -9.39
C GLY C 226 -32.69 -26.14 -10.87
N GLU C 227 -33.24 -25.08 -11.46
CA GLU C 227 -33.06 -24.83 -12.87
C GLU C 227 -31.74 -24.09 -13.16
N ASN C 228 -30.66 -24.86 -13.29
CA ASN C 228 -29.35 -24.28 -13.57
C ASN C 228 -29.25 -23.84 -15.03
N ARG C 229 -28.45 -22.80 -15.27
CA ARG C 229 -28.20 -22.32 -16.61
C ARG C 229 -26.73 -22.63 -16.87
N VAL C 230 -26.46 -23.26 -18.02
CA VAL C 230 -25.10 -23.67 -18.36
C VAL C 230 -24.72 -23.25 -19.77
N VAL C 231 -23.42 -23.06 -19.98
CA VAL C 231 -22.89 -22.79 -21.31
C VAL C 231 -21.69 -23.71 -21.42
N GLU C 232 -21.77 -24.66 -22.34
CA GLU C 232 -20.68 -25.61 -22.55
C GLU C 232 -19.75 -25.03 -23.60
N VAL C 233 -18.49 -24.90 -23.25
CA VAL C 233 -17.49 -24.35 -24.17
C VAL C 233 -17.48 -25.07 -25.50
N GLY C 234 -17.61 -24.29 -26.57
CA GLY C 234 -17.60 -24.85 -27.92
C GLY C 234 -18.94 -25.36 -28.43
N LYS C 235 -19.88 -25.59 -27.53
CA LYS C 235 -21.21 -26.14 -27.91
C LYS C 235 -22.32 -25.07 -27.90
N GLY C 236 -22.72 -24.66 -26.69
CA GLY C 236 -23.78 -23.69 -26.56
C GLY C 236 -24.41 -23.71 -25.19
N ALA C 237 -25.52 -22.98 -25.03
CA ALA C 237 -26.22 -22.90 -23.76
C ALA C 237 -27.39 -23.86 -23.62
N TYR C 238 -27.64 -24.30 -22.38
CA TYR C 238 -28.74 -25.19 -22.09
C TYR C 238 -29.01 -25.25 -20.59
N ALA C 239 -30.17 -25.77 -20.23
CA ALA C 239 -30.54 -25.88 -18.83
C ALA C 239 -30.09 -27.23 -18.29
N LEU C 240 -29.85 -27.28 -16.98
CA LEU C 240 -29.45 -28.52 -16.33
C LEU C 240 -30.25 -28.62 -15.04
N THR C 241 -31.15 -29.59 -14.99
CA THR C 241 -32.00 -29.77 -13.82
C THR C 241 -31.66 -31.06 -13.08
N PRO C 242 -32.03 -31.15 -11.79
CA PRO C 242 -31.76 -32.35 -11.00
C PRO C 242 -32.42 -33.59 -11.59
N GLU C 243 -33.70 -33.46 -11.96
CA GLU C 243 -34.44 -34.61 -12.50
C GLU C 243 -33.82 -35.19 -13.76
N GLU C 244 -33.21 -34.34 -14.57
CA GLU C 244 -32.46 -34.67 -15.78
C GLU C 244 -31.44 -35.78 -15.52
N VAL C 245 -30.83 -35.68 -14.34
CA VAL C 245 -29.73 -36.57 -13.98
C VAL C 245 -30.05 -37.49 -12.81
N GLY C 246 -31.33 -37.71 -12.56
CA GLY C 246 -31.75 -38.59 -11.49
C GLY C 246 -31.72 -38.04 -10.07
N LEU C 247 -31.67 -36.73 -9.93
CA LEU C 247 -31.66 -36.12 -8.61
C LEU C 247 -32.96 -35.37 -8.35
N LYS C 248 -33.26 -35.12 -7.08
CA LYS C 248 -34.48 -34.41 -6.72
C LYS C 248 -34.19 -32.96 -6.43
N ARG C 249 -35.14 -32.08 -6.75
CA ARG C 249 -34.97 -30.67 -6.50
C ARG C 249 -35.10 -30.38 -5.01
N ALA C 250 -34.48 -29.30 -4.58
CA ALA C 250 -34.51 -28.87 -3.19
C ALA C 250 -34.29 -27.37 -3.18
N PRO C 251 -34.87 -26.68 -2.19
CA PRO C 251 -34.69 -25.23 -2.13
C PRO C 251 -33.24 -24.86 -1.89
N LEU C 252 -32.84 -23.68 -2.35
CA LEU C 252 -31.48 -23.21 -2.18
C LEU C 252 -31.08 -23.23 -0.71
N GLU C 253 -32.07 -23.01 0.16
CA GLU C 253 -31.84 -22.99 1.60
C GLU C 253 -31.23 -24.29 2.11
N ALA C 254 -31.60 -25.41 1.49
CA ALA C 254 -31.09 -26.70 1.90
C ALA C 254 -29.59 -26.85 1.63
N LEU C 255 -29.02 -25.93 0.85
CA LEU C 255 -27.60 -25.99 0.51
C LEU C 255 -26.81 -24.90 1.24
N LYS C 256 -27.46 -24.22 2.18
CA LYS C 256 -26.79 -23.14 2.91
C LYS C 256 -25.75 -23.66 3.91
N GLY C 257 -26.03 -24.78 4.55
CA GLY C 257 -25.09 -25.32 5.53
C GLY C 257 -25.13 -24.49 6.79
N GLY C 258 -24.01 -24.40 7.50
CA GLY C 258 -23.98 -23.62 8.72
C GLY C 258 -22.66 -22.92 8.97
N GLY C 259 -22.23 -22.91 10.22
CA GLY C 259 -20.97 -22.27 10.58
C GLY C 259 -19.76 -23.06 10.11
N PRO C 260 -18.55 -22.50 10.23
CA PRO C 260 -17.32 -23.17 9.80
C PRO C 260 -17.11 -24.54 10.44
N GLU C 261 -17.38 -24.65 11.74
CA GLU C 261 -17.21 -25.90 12.45
C GLU C 261 -18.24 -26.94 12.01
N GLU C 262 -19.48 -26.49 11.80
CA GLU C 262 -20.54 -27.39 11.38
C GLU C 262 -20.28 -27.88 9.96
N ASN C 263 -19.88 -26.97 9.09
CA ASN C 263 -19.59 -27.31 7.70
C ASN C 263 -18.41 -28.27 7.60
N ALA C 264 -17.46 -28.13 8.53
CA ALA C 264 -16.30 -29.01 8.54
C ALA C 264 -16.78 -30.41 8.89
N ALA C 265 -17.74 -30.48 9.81
CA ALA C 265 -18.31 -31.75 10.24
C ALA C 265 -19.14 -32.34 9.09
N LEU C 266 -19.94 -31.50 8.45
CA LEU C 266 -20.76 -31.93 7.32
C LEU C 266 -19.86 -32.48 6.22
N ALA C 267 -18.78 -31.76 5.93
CA ALA C 267 -17.83 -32.17 4.89
C ALA C 267 -17.33 -33.60 5.12
N ARG C 268 -16.91 -33.91 6.34
CA ARG C 268 -16.43 -35.24 6.66
C ARG C 268 -17.50 -36.30 6.41
N ARG C 269 -18.71 -36.05 6.93
CA ARG C 269 -19.80 -36.99 6.76
C ARG C 269 -20.17 -37.15 5.29
N LEU C 270 -20.12 -36.05 4.54
CA LEU C 270 -20.44 -36.09 3.12
C LEU C 270 -19.42 -36.92 2.35
N LEU C 271 -18.14 -36.62 2.55
CA LEU C 271 -17.06 -37.32 1.88
C LEU C 271 -16.98 -38.80 2.26
N LYS C 272 -17.40 -39.12 3.48
CA LYS C 272 -17.38 -40.50 3.96
C LYS C 272 -18.55 -41.29 3.40
N GLY C 273 -19.50 -40.59 2.78
CA GLY C 273 -20.65 -41.25 2.22
C GLY C 273 -21.73 -41.51 3.26
N GLU C 274 -21.70 -40.73 4.35
CA GLU C 274 -22.66 -40.89 5.43
C GLU C 274 -23.83 -39.91 5.31
N GLU C 275 -23.55 -38.66 4.95
CA GLU C 275 -24.60 -37.66 4.78
C GLU C 275 -25.31 -37.97 3.46
N LYS C 276 -26.64 -37.98 3.47
CA LYS C 276 -27.40 -38.31 2.26
C LYS C 276 -28.43 -37.30 1.76
N GLY C 277 -28.52 -36.13 2.39
CA GLY C 277 -29.50 -35.16 1.95
C GLY C 277 -29.16 -34.36 0.70
N PRO C 278 -29.84 -33.23 0.49
CA PRO C 278 -29.64 -32.35 -0.66
C PRO C 278 -28.17 -31.96 -0.84
N LEU C 279 -27.45 -31.78 0.26
CA LEU C 279 -26.04 -31.42 0.18
C LEU C 279 -25.26 -32.46 -0.59
N ALA C 280 -25.56 -33.74 -0.34
CA ALA C 280 -24.88 -34.83 -1.03
C ALA C 280 -25.27 -34.83 -2.51
N ASP C 281 -26.54 -34.55 -2.78
CA ASP C 281 -27.01 -34.51 -4.16
C ASP C 281 -26.33 -33.39 -4.94
N ALA C 282 -26.17 -32.23 -4.30
CA ALA C 282 -25.54 -31.09 -4.95
C ALA C 282 -24.06 -31.34 -5.23
N VAL C 283 -23.39 -32.04 -4.32
CA VAL C 283 -21.99 -32.37 -4.53
C VAL C 283 -21.89 -33.34 -5.70
N ALA C 284 -22.81 -34.29 -5.74
CA ALA C 284 -22.85 -35.28 -6.82
C ALA C 284 -23.11 -34.61 -8.17
N LEU C 285 -23.95 -33.59 -8.18
CA LEU C 285 -24.28 -32.86 -9.40
C LEU C 285 -23.05 -32.17 -9.96
N ALA C 286 -22.35 -31.43 -9.11
CA ALA C 286 -21.15 -30.71 -9.52
C ALA C 286 -20.03 -31.67 -9.91
N ALA C 287 -19.85 -32.74 -9.15
CA ALA C 287 -18.81 -33.71 -9.46
C ALA C 287 -19.13 -34.38 -10.80
N GLY C 288 -20.41 -34.64 -11.03
CA GLY C 288 -20.83 -35.25 -12.28
C GLY C 288 -20.52 -34.35 -13.46
N ALA C 289 -20.75 -33.05 -13.28
CA ALA C 289 -20.46 -32.08 -14.33
C ALA C 289 -18.96 -32.10 -14.55
N GLY C 290 -18.21 -32.31 -13.46
CA GLY C 290 -16.77 -32.36 -13.56
C GLY C 290 -16.28 -33.57 -14.33
N PHE C 291 -16.88 -34.74 -14.07
CA PHE C 291 -16.49 -35.95 -14.78
C PHE C 291 -16.75 -35.75 -16.27
N TYR C 292 -17.84 -35.09 -16.60
CA TYR C 292 -18.19 -34.84 -17.99
C TYR C 292 -17.23 -33.83 -18.61
N ALA C 293 -16.99 -32.72 -17.92
CA ALA C 293 -16.09 -31.69 -18.42
C ALA C 293 -14.68 -32.20 -18.66
N ALA C 294 -14.23 -33.12 -17.81
CA ALA C 294 -12.89 -33.69 -17.90
C ALA C 294 -12.80 -34.93 -18.79
N GLY C 295 -13.90 -35.27 -19.46
CA GLY C 295 -13.91 -36.41 -20.36
C GLY C 295 -13.88 -37.78 -19.70
N LYS C 296 -14.15 -37.84 -18.40
CA LYS C 296 -14.16 -39.13 -17.74
C LYS C 296 -15.40 -39.93 -18.10
N THR C 297 -16.52 -39.23 -18.30
CA THR C 297 -17.78 -39.85 -18.71
C THR C 297 -18.26 -39.12 -19.96
N PRO C 298 -18.90 -39.85 -20.90
CA PRO C 298 -19.41 -39.24 -22.13
C PRO C 298 -20.63 -38.33 -21.98
N SER C 299 -21.28 -38.38 -20.82
CA SER C 299 -22.45 -37.55 -20.60
C SER C 299 -22.55 -37.06 -19.16
N LEU C 300 -23.40 -36.07 -18.94
CA LEU C 300 -23.61 -35.52 -17.61
C LEU C 300 -24.33 -36.55 -16.74
N LYS C 301 -25.31 -37.25 -17.30
CA LYS C 301 -26.04 -38.24 -16.52
C LYS C 301 -25.13 -39.37 -16.04
N GLU C 302 -24.22 -39.81 -16.90
CA GLU C 302 -23.30 -40.87 -16.49
C GLU C 302 -22.35 -40.29 -15.43
N GLY C 303 -21.97 -39.03 -15.62
CA GLY C 303 -21.08 -38.40 -14.66
C GLY C 303 -21.70 -38.31 -13.27
N VAL C 304 -22.96 -37.92 -13.20
CA VAL C 304 -23.65 -37.82 -11.92
C VAL C 304 -23.81 -39.22 -11.33
N ALA C 305 -24.09 -40.20 -12.17
CA ALA C 305 -24.26 -41.58 -11.69
C ALA C 305 -22.95 -42.05 -11.05
N LEU C 306 -21.83 -41.77 -11.72
CA LEU C 306 -20.53 -42.15 -11.19
C LEU C 306 -20.24 -41.40 -9.89
N ALA C 307 -20.56 -40.11 -9.86
CA ALA C 307 -20.32 -39.30 -8.68
C ALA C 307 -21.09 -39.81 -7.47
N ARG C 308 -22.32 -40.26 -7.69
CA ARG C 308 -23.12 -40.77 -6.58
C ARG C 308 -22.47 -42.03 -6.04
N GLU C 309 -21.93 -42.86 -6.92
CA GLU C 309 -21.26 -44.10 -6.49
C GLU C 309 -19.99 -43.79 -5.72
N VAL C 310 -19.18 -42.89 -6.25
CA VAL C 310 -17.93 -42.51 -5.60
C VAL C 310 -18.18 -41.88 -4.24
N LEU C 311 -19.12 -40.95 -4.17
CA LEU C 311 -19.42 -40.28 -2.91
C LEU C 311 -19.86 -41.28 -1.85
N ALA C 312 -20.75 -42.19 -2.22
CA ALA C 312 -21.26 -43.20 -1.29
C ALA C 312 -20.19 -44.20 -0.84
N SER C 313 -19.16 -44.39 -1.67
CA SER C 313 -18.09 -45.34 -1.34
C SER C 313 -17.18 -44.80 -0.25
N GLY C 314 -17.19 -43.48 -0.06
CA GLY C 314 -16.34 -42.87 0.95
C GLY C 314 -14.90 -42.69 0.49
N GLU C 315 -14.63 -43.05 -0.77
CA GLU C 315 -13.28 -42.93 -1.32
C GLU C 315 -12.76 -41.50 -1.35
N ALA C 316 -13.66 -40.53 -1.41
CA ALA C 316 -13.24 -39.13 -1.44
C ALA C 316 -12.59 -38.73 -0.12
N TYR C 317 -13.06 -39.29 0.99
CA TYR C 317 -12.48 -38.97 2.28
C TYR C 317 -11.13 -39.67 2.43
N LEU C 318 -11.03 -40.88 1.91
CA LEU C 318 -9.78 -41.61 1.97
C LEU C 318 -8.74 -40.83 1.17
N LEU C 319 -9.15 -40.26 0.05
CA LEU C 319 -8.25 -39.48 -0.79
C LEU C 319 -7.83 -38.22 -0.04
N LEU C 320 -8.78 -37.54 0.58
CA LEU C 320 -8.49 -36.33 1.34
C LEU C 320 -7.42 -36.62 2.37
N GLU C 321 -7.54 -37.74 3.07
CA GLU C 321 -6.55 -38.08 4.09
C GLU C 321 -5.18 -38.38 3.48
N ARG C 322 -5.16 -38.95 2.27
CA ARG C 322 -3.89 -39.24 1.61
C ARG C 322 -3.24 -37.90 1.27
N TYR C 323 -4.08 -36.96 0.82
CA TYR C 323 -3.61 -35.63 0.45
C TYR C 323 -3.02 -34.92 1.67
N VAL C 324 -3.76 -34.96 2.77
CA VAL C 324 -3.32 -34.32 4.00
C VAL C 324 -1.97 -34.89 4.46
N ALA C 325 -1.82 -36.21 4.40
CA ALA C 325 -0.58 -36.86 4.81
C ALA C 325 0.57 -36.54 3.85
N PHE C 326 0.25 -36.42 2.57
CA PHE C 326 1.24 -36.12 1.54
C PHE C 326 1.87 -34.75 1.78
N LEU C 327 1.04 -33.77 2.11
CA LEU C 327 1.52 -32.41 2.35
C LEU C 327 2.29 -32.26 3.66
N ARG C 328 1.99 -33.10 4.64
CA ARG C 328 2.67 -33.04 5.93
C ARG C 328 4.01 -33.76 5.90
N ALA C 329 4.41 -34.24 4.72
CA ALA C 329 5.68 -34.95 4.59
C ALA C 329 6.83 -33.97 4.76
N MET D 1 6.52 8.68 1.34
CA MET D 1 7.07 9.90 0.67
C MET D 1 8.55 10.04 0.97
N ASP D 2 9.01 11.26 1.28
CA ASP D 2 10.41 11.49 1.58
C ASP D 2 10.83 10.84 2.89
N ALA D 3 9.97 10.94 3.90
CA ALA D 3 10.27 10.36 5.20
C ALA D 3 10.33 8.83 5.11
N VAL D 4 9.52 8.26 4.22
CA VAL D 4 9.53 6.80 4.05
C VAL D 4 10.88 6.37 3.50
N LYS D 5 11.39 7.11 2.52
CA LYS D 5 12.69 6.78 1.94
C LYS D 5 13.77 6.92 3.01
N LYS D 6 13.65 7.97 3.81
CA LYS D 6 14.61 8.22 4.88
C LYS D 6 14.65 7.03 5.84
N ALA D 7 13.47 6.48 6.15
CA ALA D 7 13.39 5.34 7.04
C ALA D 7 14.03 4.11 6.39
N ILE D 8 13.72 3.89 5.12
CA ILE D 8 14.27 2.75 4.38
C ILE D 8 15.79 2.80 4.33
N LEU D 9 16.35 4.01 4.26
CA LEU D 9 17.80 4.18 4.22
C LEU D 9 18.47 3.93 5.58
N GLY D 10 17.66 3.70 6.60
CA GLY D 10 18.19 3.41 7.93
C GLY D 10 18.46 4.61 8.82
N GLU D 11 17.92 5.76 8.45
CA GLU D 11 18.12 6.96 9.25
C GLU D 11 17.07 7.09 10.34
N VAL D 12 17.46 7.69 11.46
CA VAL D 12 16.53 7.89 12.56
C VAL D 12 15.62 9.05 12.14
N LEU D 13 14.32 8.89 12.40
CA LEU D 13 13.34 9.90 12.03
C LEU D 13 13.08 10.90 13.15
N GLU D 14 12.76 12.13 12.76
CA GLU D 14 12.42 13.16 13.73
C GLU D 14 11.01 12.79 14.17
N GLU D 15 10.56 13.32 15.29
CA GLU D 15 9.22 13.02 15.79
C GLU D 15 8.15 13.22 14.73
N GLU D 16 8.19 14.38 14.07
CA GLU D 16 7.20 14.71 13.05
C GLU D 16 7.26 13.73 11.87
N GLU D 17 8.47 13.32 11.50
CA GLU D 17 8.65 12.39 10.38
C GLU D 17 8.08 11.02 10.71
N ALA D 18 8.32 10.57 11.94
CA ALA D 18 7.80 9.26 12.38
C ALA D 18 6.28 9.29 12.34
N TYR D 19 5.70 10.38 12.83
CA TYR D 19 4.25 10.52 12.85
C TYR D 19 3.71 10.48 11.42
N GLU D 20 4.36 11.20 10.52
CA GLU D 20 3.93 11.25 9.13
C GLU D 20 4.02 9.91 8.43
N VAL D 21 5.09 9.16 8.71
CA VAL D 21 5.26 7.85 8.09
C VAL D 21 4.13 6.91 8.50
N MET D 22 3.83 6.86 9.79
CA MET D 22 2.76 5.99 10.27
C MET D 22 1.40 6.48 9.81
N ARG D 23 1.21 7.80 9.77
CA ARG D 23 -0.06 8.36 9.31
C ARG D 23 -0.28 7.91 7.87
N ALA D 24 0.77 7.92 7.07
CA ALA D 24 0.66 7.52 5.67
C ALA D 24 0.38 6.02 5.54
N LEU D 25 1.06 5.22 6.34
CA LEU D 25 0.88 3.77 6.32
C LEU D 25 -0.57 3.40 6.65
N MET D 26 -1.07 3.96 7.76
CA MET D 26 -2.42 3.66 8.19
C MET D 26 -3.47 4.23 7.23
N ALA D 27 -3.15 5.34 6.56
CA ALA D 27 -4.10 5.95 5.64
C ALA D 27 -4.16 5.23 4.29
N GLY D 28 -3.31 4.23 4.09
CA GLY D 28 -3.31 3.49 2.84
C GLY D 28 -2.58 4.16 1.70
N GLU D 29 -1.59 4.98 2.04
CA GLU D 29 -0.80 5.71 1.04
C GLU D 29 0.50 5.01 0.67
N VAL D 30 0.82 3.93 1.36
CA VAL D 30 2.07 3.22 1.11
C VAL D 30 1.88 1.85 0.47
N SER D 31 2.58 1.62 -0.63
CA SER D 31 2.50 0.36 -1.34
C SER D 31 3.05 -0.76 -0.46
N PRO D 32 2.65 -2.01 -0.72
CA PRO D 32 3.13 -3.13 0.08
C PRO D 32 4.66 -3.23 0.11
N VAL D 33 5.29 -3.01 -1.04
CA VAL D 33 6.75 -3.07 -1.14
C VAL D 33 7.45 -2.02 -0.27
N ARG D 34 6.99 -0.77 -0.34
CA ARG D 34 7.61 0.27 0.48
C ARG D 34 7.28 0.09 1.96
N ALA D 35 6.11 -0.46 2.24
CA ALA D 35 5.71 -0.72 3.63
C ALA D 35 6.63 -1.80 4.21
N ALA D 36 6.90 -2.83 3.43
CA ALA D 36 7.77 -3.91 3.87
C ALA D 36 9.18 -3.39 4.12
N GLY D 37 9.67 -2.57 3.19
CA GLY D 37 11.00 -2.02 3.32
C GLY D 37 11.15 -1.15 4.55
N LEU D 38 10.15 -0.31 4.78
CA LEU D 38 10.17 0.60 5.92
C LEU D 38 10.15 -0.16 7.24
N LEU D 39 9.28 -1.16 7.35
CA LEU D 39 9.18 -1.93 8.59
C LEU D 39 10.46 -2.70 8.91
N VAL D 40 11.08 -3.28 7.89
CA VAL D 40 12.32 -4.01 8.10
C VAL D 40 13.44 -3.06 8.51
N ALA D 41 13.54 -1.91 7.83
CA ALA D 41 14.58 -0.94 8.14
C ALA D 41 14.44 -0.46 9.59
N LEU D 42 13.22 -0.10 9.99
CA LEU D 42 12.98 0.37 11.35
C LEU D 42 13.38 -0.68 12.37
N SER D 43 13.02 -1.93 12.10
CA SER D 43 13.32 -3.02 13.02
C SER D 43 14.81 -3.30 13.17
N LEU D 44 15.53 -3.31 12.05
CA LEU D 44 16.97 -3.58 12.10
C LEU D 44 17.75 -2.46 12.77
N ARG D 45 17.39 -1.21 12.47
CA ARG D 45 18.07 -0.07 13.08
C ARG D 45 17.76 0.05 14.57
N GLY D 46 16.50 -0.17 14.91
CA GLY D 46 16.08 -0.06 16.30
C GLY D 46 15.25 1.19 16.49
N GLU D 47 13.96 1.03 16.71
CA GLU D 47 13.07 2.17 16.89
C GLU D 47 13.36 2.89 18.22
N ARG D 48 13.36 4.21 18.18
CA ARG D 48 13.62 5.02 19.38
C ARG D 48 12.31 5.46 20.03
N PRO D 49 12.31 5.69 21.36
CA PRO D 49 11.12 6.11 22.08
C PRO D 49 10.33 7.28 21.46
N HIS D 50 11.02 8.32 20.98
CA HIS D 50 10.29 9.44 20.40
C HIS D 50 9.60 9.04 19.10
N GLU D 51 10.17 8.07 18.40
CA GLU D 51 9.57 7.60 17.16
C GLU D 51 8.36 6.74 17.48
N ILE D 52 8.53 5.85 18.44
CA ILE D 52 7.48 4.95 18.87
C ILE D 52 6.25 5.72 19.35
N ALA D 53 6.46 6.72 20.17
CA ALA D 53 5.35 7.52 20.68
C ALA D 53 4.64 8.28 19.57
N ALA D 54 5.41 8.86 18.64
CA ALA D 54 4.84 9.60 17.53
C ALA D 54 3.99 8.69 16.64
N MET D 55 4.49 7.48 16.39
CA MET D 55 3.73 6.57 15.55
C MET D 55 2.50 6.08 16.28
N ALA D 56 2.58 5.94 17.60
CA ALA D 56 1.43 5.52 18.38
C ALA D 56 0.35 6.59 18.27
N ARG D 57 0.76 7.85 18.28
CA ARG D 57 -0.21 8.94 18.14
C ARG D 57 -0.90 8.88 16.79
N ALA D 58 -0.13 8.63 15.74
CA ALA D 58 -0.71 8.54 14.41
C ALA D 58 -1.75 7.42 14.35
N MET D 59 -1.43 6.28 14.94
CA MET D 59 -2.36 5.15 14.94
C MET D 59 -3.61 5.45 15.76
N ARG D 60 -3.43 6.08 16.91
CA ARG D 60 -4.57 6.43 17.76
C ARG D 60 -5.52 7.36 17.03
N GLU D 61 -4.98 8.27 16.23
CA GLU D 61 -5.79 9.22 15.49
C GLU D 61 -6.54 8.57 14.32
N ALA D 62 -5.97 7.50 13.77
CA ALA D 62 -6.60 6.79 12.66
C ALA D 62 -7.68 5.81 13.10
N ALA D 63 -7.68 5.46 14.38
CA ALA D 63 -8.64 4.51 14.92
C ALA D 63 -10.07 5.04 14.99
N ARG D 64 -11.02 4.12 15.11
CA ARG D 64 -12.43 4.47 15.25
C ARG D 64 -12.49 5.21 16.58
N PRO D 65 -13.00 6.45 16.58
CA PRO D 65 -13.07 7.22 17.82
C PRO D 65 -13.93 6.59 18.92
N LEU D 66 -13.46 6.72 20.15
CA LEU D 66 -14.16 6.22 21.32
C LEU D 66 -13.66 7.00 22.52
N ARG D 67 -14.57 7.71 23.16
CA ARG D 67 -14.22 8.48 24.35
C ARG D 67 -15.08 8.00 25.49
N VAL D 68 -14.46 7.72 26.63
CA VAL D 68 -15.20 7.30 27.80
C VAL D 68 -14.75 8.16 28.96
N HIS D 69 -15.65 8.37 29.90
CA HIS D 69 -15.37 9.21 31.06
C HIS D 69 -14.63 8.50 32.18
N ARG D 70 -14.83 7.19 32.30
CA ARG D 70 -14.21 6.43 33.37
C ARG D 70 -12.69 6.59 33.48
N ARG D 71 -12.24 6.94 34.69
CA ARG D 71 -10.82 7.08 35.00
C ARG D 71 -10.64 6.73 36.48
N PRO D 72 -9.54 6.06 36.84
CA PRO D 72 -8.48 5.61 35.93
C PRO D 72 -9.05 4.52 35.03
N LEU D 73 -8.46 4.36 33.85
CA LEU D 73 -8.90 3.35 32.90
C LEU D 73 -7.70 2.45 32.63
N LEU D 74 -7.82 1.19 33.06
CA LEU D 74 -6.75 0.22 32.98
C LEU D 74 -6.79 -0.76 31.82
N ASP D 75 -5.60 -1.09 31.32
CA ASP D 75 -5.43 -2.08 30.27
C ASP D 75 -4.28 -2.98 30.69
N ILE D 76 -4.43 -4.28 30.48
CA ILE D 76 -3.39 -5.26 30.77
C ILE D 76 -3.25 -5.88 29.39
N VAL D 77 -2.10 -5.63 28.78
CA VAL D 77 -1.88 -6.02 27.40
C VAL D 77 -0.42 -6.30 27.09
N GLY D 78 -0.17 -7.09 26.06
CA GLY D 78 1.19 -7.42 25.68
C GLY D 78 1.50 -7.13 24.22
N THR D 79 2.79 -7.15 23.90
CA THR D 79 3.27 -6.91 22.55
C THR D 79 3.14 -8.13 21.67
N GLY D 80 3.00 -9.29 22.33
CA GLY D 80 2.95 -10.54 21.61
C GLY D 80 4.36 -10.80 21.11
N GLY D 81 4.53 -11.83 20.29
CA GLY D 81 5.83 -12.13 19.74
C GLY D 81 6.90 -12.74 20.62
N ASP D 82 6.52 -13.33 21.76
CA ASP D 82 7.52 -13.91 22.64
C ASP D 82 7.81 -15.38 22.28
N GLY D 83 6.96 -15.95 21.43
CA GLY D 83 7.15 -17.33 21.03
C GLY D 83 7.19 -18.31 22.19
N LYS D 84 6.66 -17.88 23.34
CA LYS D 84 6.64 -18.72 24.53
C LYS D 84 5.38 -19.58 24.48
N GLY D 85 4.36 -19.07 23.80
CA GLY D 85 3.10 -19.80 23.66
C GLY D 85 2.34 -20.09 24.93
N LEU D 86 2.46 -19.19 25.92
CA LEU D 86 1.75 -19.39 27.18
C LEU D 86 0.32 -18.89 27.04
N MET D 87 -0.55 -19.33 27.95
CA MET D 87 -1.95 -18.92 27.92
C MET D 87 -2.04 -17.42 28.17
N ASN D 88 -2.83 -16.73 27.36
CA ASN D 88 -3.00 -15.29 27.49
C ASN D 88 -3.86 -14.99 28.72
N LEU D 89 -3.20 -14.73 29.84
CA LEU D 89 -3.87 -14.45 31.10
C LEU D 89 -4.30 -13.01 31.29
N SER D 90 -3.82 -12.12 30.44
CA SER D 90 -4.17 -10.70 30.58
C SER D 90 -5.68 -10.45 30.60
N THR D 91 -6.42 -11.21 29.81
CA THR D 91 -7.86 -11.06 29.75
C THR D 91 -8.54 -11.40 31.08
N LEU D 92 -8.07 -12.45 31.72
CA LEU D 92 -8.64 -12.87 33.00
C LEU D 92 -8.25 -11.88 34.09
N ALA D 93 -7.01 -11.41 34.06
CA ALA D 93 -6.54 -10.44 35.04
C ALA D 93 -7.34 -9.15 34.89
N ALA D 94 -7.67 -8.80 33.64
CA ALA D 94 -8.44 -7.58 33.38
C ALA D 94 -9.84 -7.70 33.97
N LEU D 95 -10.47 -8.86 33.83
CA LEU D 95 -11.80 -9.07 34.38
C LEU D 95 -11.75 -8.99 35.91
N VAL D 96 -10.68 -9.53 36.49
CA VAL D 96 -10.51 -9.50 37.94
C VAL D 96 -10.38 -8.06 38.41
N ALA D 97 -9.54 -7.28 37.72
CA ALA D 97 -9.34 -5.89 38.09
C ALA D 97 -10.65 -5.10 38.00
N ALA D 98 -11.44 -5.38 36.97
CA ALA D 98 -12.71 -4.69 36.80
C ALA D 98 -13.69 -5.08 37.90
N ALA D 99 -13.71 -6.37 38.25
CA ALA D 99 -14.61 -6.84 39.29
C ALA D 99 -14.21 -6.27 40.65
N GLY D 100 -12.96 -5.85 40.75
CA GLY D 100 -12.44 -5.28 41.98
C GLY D 100 -12.65 -3.78 42.10
N GLY D 101 -13.26 -3.16 41.09
CA GLY D 101 -13.52 -1.74 41.18
C GLY D 101 -12.71 -0.79 40.31
N VAL D 102 -11.97 -1.32 39.34
CA VAL D 102 -11.19 -0.46 38.46
C VAL D 102 -11.79 -0.52 37.06
N ALA D 103 -12.03 0.65 36.45
CA ALA D 103 -12.58 0.67 35.09
C ALA D 103 -11.52 0.08 34.17
N VAL D 104 -11.94 -0.87 33.33
CA VAL D 104 -11.02 -1.56 32.43
C VAL D 104 -11.48 -1.51 30.97
N ALA D 105 -10.53 -1.24 30.09
CA ALA D 105 -10.78 -1.23 28.65
C ALA D 105 -9.61 -2.07 28.11
N LYS D 106 -9.81 -3.38 28.04
CA LYS D 106 -8.75 -4.27 27.59
C LYS D 106 -8.70 -4.38 26.07
N HIS D 107 -7.51 -4.12 25.53
CA HIS D 107 -7.24 -4.12 24.10
C HIS D 107 -6.76 -5.52 23.69
N GLY D 108 -7.39 -6.11 22.68
CA GLY D 108 -6.99 -7.44 22.26
C GLY D 108 -7.32 -7.78 20.82
N ASN D 109 -6.90 -8.96 20.39
CA ASN D 109 -7.14 -9.42 19.03
C ASN D 109 -7.23 -10.93 18.95
N ARG D 110 -7.56 -11.43 17.75
CA ARG D 110 -7.50 -12.87 17.55
C ARG D 110 -6.05 -13.31 17.38
N ALA D 111 -5.81 -14.61 17.58
CA ALA D 111 -4.45 -15.10 17.39
C ALA D 111 -4.35 -16.00 16.17
N ALA D 112 -3.39 -15.67 15.30
CA ALA D 112 -2.98 -16.64 14.32
C ALA D 112 -1.95 -17.56 14.97
N SER D 113 -2.28 -18.86 14.94
CA SER D 113 -3.63 -19.23 14.58
C SER D 113 -4.17 -20.27 15.56
N SER D 114 -3.54 -20.28 16.74
CA SER D 114 -4.07 -21.11 17.81
C SER D 114 -5.55 -20.83 18.01
N ARG D 115 -6.02 -19.76 17.34
CA ARG D 115 -7.24 -19.17 17.82
C ARG D 115 -7.15 -19.07 19.34
N ALA D 116 -5.98 -18.53 19.76
CA ALA D 116 -5.64 -18.47 21.18
C ALA D 116 -5.41 -17.04 21.62
N GLY D 117 -5.96 -16.11 20.83
CA GLY D 117 -5.89 -14.70 21.19
C GLY D 117 -6.93 -14.34 22.25
N SER D 118 -6.82 -13.16 22.86
CA SER D 118 -7.78 -12.73 23.85
C SER D 118 -9.19 -12.66 23.25
N ALA D 119 -9.28 -12.22 22.01
CA ALA D 119 -10.56 -12.12 21.33
C ALA D 119 -11.17 -13.51 21.13
N ASP D 120 -10.31 -14.47 20.78
CA ASP D 120 -10.75 -15.85 20.58
C ASP D 120 -11.34 -16.42 21.86
N LEU D 121 -10.65 -16.19 22.98
CA LEU D 121 -11.10 -16.68 24.27
C LEU D 121 -12.42 -16.07 24.68
N LEU D 122 -12.52 -14.75 24.60
CA LEU D 122 -13.76 -14.08 24.99
C LEU D 122 -14.94 -14.47 24.11
N GLU D 123 -14.68 -14.69 22.83
CA GLU D 123 -15.74 -15.10 21.92
C GLU D 123 -16.24 -16.48 22.34
N ALA D 124 -15.32 -17.36 22.71
CA ALA D 124 -15.68 -18.70 23.14
C ALA D 124 -16.49 -18.64 24.43
N LEU D 125 -16.26 -17.59 25.22
CA LEU D 125 -16.97 -17.41 26.47
C LEU D 125 -18.31 -16.70 26.29
N GLY D 126 -18.65 -16.36 25.06
CA GLY D 126 -19.93 -15.73 24.80
C GLY D 126 -19.95 -14.29 24.34
N VAL D 127 -18.78 -13.64 24.24
CA VAL D 127 -18.73 -12.25 23.81
C VAL D 127 -18.95 -12.10 22.31
N ASP D 128 -19.91 -11.26 21.94
CA ASP D 128 -20.20 -10.98 20.55
C ASP D 128 -19.19 -9.94 20.06
N LEU D 129 -18.17 -10.39 19.35
CA LEU D 129 -17.13 -9.51 18.84
C LEU D 129 -17.62 -8.51 17.78
N GLU D 130 -18.85 -8.68 17.31
CA GLU D 130 -19.40 -7.77 16.31
C GLU D 130 -20.09 -6.56 16.93
N ALA D 131 -20.11 -6.50 18.26
CA ALA D 131 -20.75 -5.37 18.94
C ALA D 131 -20.12 -4.06 18.46
N PRO D 132 -20.94 -3.04 18.18
CA PRO D 132 -20.41 -1.77 17.71
C PRO D 132 -19.61 -1.03 18.79
N PRO D 133 -18.64 -0.21 18.37
CA PRO D 133 -17.79 0.55 19.30
C PRO D 133 -18.58 1.29 20.37
N GLU D 134 -19.68 1.93 19.95
CA GLU D 134 -20.51 2.69 20.88
C GLU D 134 -21.06 1.82 22.01
N ARG D 135 -21.42 0.57 21.69
CA ARG D 135 -21.96 -0.31 22.72
C ARG D 135 -20.87 -0.74 23.70
N VAL D 136 -19.66 -0.96 23.19
CA VAL D 136 -18.55 -1.34 24.06
C VAL D 136 -18.24 -0.15 24.96
N GLY D 137 -18.38 1.05 24.42
CA GLY D 137 -18.14 2.25 25.22
C GLY D 137 -19.16 2.34 26.34
N GLU D 138 -20.42 2.05 26.03
CA GLU D 138 -21.47 2.09 27.04
C GLU D 138 -21.20 1.05 28.13
N ALA D 139 -20.65 -0.11 27.75
CA ALA D 139 -20.34 -1.14 28.72
C ALA D 139 -19.27 -0.64 29.70
N ILE D 140 -18.26 0.06 29.20
CA ILE D 140 -17.21 0.57 30.06
C ILE D 140 -17.80 1.56 31.06
N GLU D 141 -18.69 2.43 30.59
CA GLU D 141 -19.31 3.43 31.46
C GLU D 141 -20.26 2.81 32.49
N GLU D 142 -21.10 1.88 32.04
CA GLU D 142 -22.08 1.25 32.93
C GLU D 142 -21.59 0.07 33.77
N LEU D 143 -20.79 -0.79 33.18
CA LEU D 143 -20.30 -1.98 33.87
C LEU D 143 -18.86 -1.89 34.38
N GLY D 144 -18.09 -0.96 33.84
CA GLY D 144 -16.72 -0.81 34.27
C GLY D 144 -15.75 -1.74 33.54
N PHE D 145 -16.23 -2.36 32.48
CA PHE D 145 -15.40 -3.27 31.69
C PHE D 145 -15.81 -3.27 30.23
N GLY D 146 -14.80 -3.34 29.37
CA GLY D 146 -15.05 -3.39 27.94
C GLY D 146 -13.86 -4.06 27.29
N PHE D 147 -14.11 -4.84 26.24
CA PHE D 147 -13.02 -5.47 25.51
C PHE D 147 -12.98 -4.79 24.15
N LEU D 148 -11.84 -4.20 23.84
CA LEU D 148 -11.66 -3.48 22.59
C LEU D 148 -11.00 -4.38 21.56
N PHE D 149 -11.81 -4.92 20.65
CA PHE D 149 -11.34 -5.80 19.60
C PHE D 149 -10.64 -4.99 18.52
N ALA D 150 -9.34 -5.26 18.35
CA ALA D 150 -8.53 -4.54 17.38
C ALA D 150 -9.12 -4.43 15.98
N ARG D 151 -9.75 -5.49 15.50
CA ARG D 151 -10.33 -5.48 14.16
C ARG D 151 -11.46 -4.46 14.00
N VAL D 152 -12.16 -4.18 15.10
CA VAL D 152 -13.26 -3.23 15.07
C VAL D 152 -12.77 -1.79 15.18
N PHE D 153 -11.82 -1.56 16.08
CA PHE D 153 -11.30 -0.22 16.30
C PHE D 153 -10.20 0.25 15.37
N HIS D 154 -9.51 -0.69 14.74
CA HIS D 154 -8.42 -0.35 13.84
C HIS D 154 -8.65 -0.90 12.43
N PRO D 155 -9.74 -0.45 11.77
CA PRO D 155 -10.01 -0.96 10.42
C PRO D 155 -8.87 -0.72 9.44
N ALA D 156 -8.10 0.34 9.64
CA ALA D 156 -6.99 0.65 8.75
C ALA D 156 -5.90 -0.42 8.81
N MET D 157 -5.86 -1.20 9.89
CA MET D 157 -4.86 -2.26 10.02
C MET D 157 -5.13 -3.40 9.04
N ARG D 158 -6.33 -3.42 8.46
CA ARG D 158 -6.69 -4.48 7.52
C ARG D 158 -5.75 -4.55 6.31
N HIS D 159 -5.32 -3.39 5.81
CA HIS D 159 -4.43 -3.39 4.66
C HIS D 159 -2.96 -3.47 5.04
N VAL D 160 -2.68 -3.36 6.34
CA VAL D 160 -1.31 -3.43 6.85
C VAL D 160 -0.97 -4.84 7.33
N ALA D 161 -1.97 -5.53 7.88
CA ALA D 161 -1.78 -6.89 8.40
C ALA D 161 -1.11 -7.86 7.43
N PRO D 162 -1.49 -7.84 6.13
CA PRO D 162 -0.89 -8.75 5.14
C PRO D 162 0.64 -8.58 5.02
N VAL D 163 1.10 -7.33 5.05
CA VAL D 163 2.52 -7.07 4.94
C VAL D 163 3.25 -7.66 6.15
N ARG D 164 2.66 -7.47 7.33
CA ARG D 164 3.25 -8.00 8.56
C ARG D 164 3.33 -9.51 8.52
N ALA D 165 2.24 -10.14 8.10
CA ALA D 165 2.17 -11.60 8.04
C ALA D 165 3.19 -12.16 7.06
N GLU D 166 3.30 -11.53 5.90
CA GLU D 166 4.23 -12.01 4.89
C GLU D 166 5.67 -11.87 5.35
N LEU D 167 6.01 -10.76 6.00
CA LEU D 167 7.37 -10.58 6.50
C LEU D 167 7.71 -11.67 7.50
N GLY D 168 6.70 -12.08 8.28
CA GLY D 168 6.88 -13.14 9.25
C GLY D 168 7.84 -12.87 10.39
N VAL D 169 8.11 -11.61 10.68
CA VAL D 169 9.01 -11.25 11.76
C VAL D 169 8.38 -10.13 12.57
N ARG D 170 8.91 -9.88 13.77
CA ARG D 170 8.38 -8.81 14.61
C ARG D 170 8.71 -7.47 13.96
N THR D 171 7.84 -6.49 14.17
CA THR D 171 8.02 -5.15 13.64
C THR D 171 7.56 -4.15 14.68
N VAL D 172 7.63 -2.86 14.32
CA VAL D 172 7.23 -1.83 15.25
C VAL D 172 5.76 -2.00 15.67
N PHE D 173 4.97 -2.70 14.86
CA PHE D 173 3.57 -2.89 15.22
C PHE D 173 3.40 -3.75 16.46
N ASN D 174 4.39 -4.57 16.79
CA ASN D 174 4.29 -5.36 18.02
C ASN D 174 4.30 -4.39 19.19
N LEU D 175 5.13 -3.35 19.07
CA LEU D 175 5.25 -2.35 20.12
C LEU D 175 4.04 -1.40 20.14
N LEU D 176 3.52 -1.07 18.97
CA LEU D 176 2.40 -0.15 18.89
C LEU D 176 1.06 -0.70 19.37
N GLY D 177 0.86 -2.00 19.23
CA GLY D 177 -0.39 -2.60 19.66
C GLY D 177 -0.78 -2.16 21.06
N PRO D 178 0.08 -2.41 22.06
CA PRO D 178 -0.22 -2.03 23.44
C PRO D 178 -0.31 -0.52 23.66
N LEU D 179 0.34 0.25 22.79
CA LEU D 179 0.35 1.71 22.91
C LEU D 179 -0.78 2.41 22.17
N THR D 180 -1.71 1.65 21.62
CA THR D 180 -2.79 2.26 20.87
C THR D 180 -4.18 1.87 21.38
N ASN D 181 -4.34 1.80 22.69
CA ASN D 181 -5.63 1.51 23.27
C ASN D 181 -6.66 2.46 22.72
N PRO D 182 -7.69 2.00 21.98
CA PRO D 182 -8.70 2.91 21.45
C PRO D 182 -9.66 3.61 22.40
N ALA D 183 -9.63 3.26 23.68
CA ALA D 183 -10.52 3.92 24.64
C ALA D 183 -9.76 4.97 25.43
N GLY D 184 -8.47 5.08 25.18
CA GLY D 184 -7.67 6.07 25.88
C GLY D 184 -7.27 5.67 27.27
N ALA D 185 -7.12 4.38 27.52
CA ALA D 185 -6.71 3.91 28.84
C ALA D 185 -5.44 4.65 29.25
N ASP D 186 -5.35 5.00 30.52
CA ASP D 186 -4.18 5.73 30.99
C ASP D 186 -3.30 4.97 32.00
N ALA D 187 -3.75 3.80 32.43
CA ALA D 187 -3.00 2.97 33.38
C ALA D 187 -2.74 1.61 32.72
N TYR D 188 -1.50 1.13 32.85
CA TYR D 188 -1.10 -0.12 32.18
C TYR D 188 -0.25 -1.11 32.95
N VAL D 189 -0.33 -2.36 32.50
CA VAL D 189 0.51 -3.47 32.94
C VAL D 189 0.76 -3.95 31.52
N LEU D 190 1.86 -3.47 30.96
CA LEU D 190 2.23 -3.74 29.57
C LEU D 190 3.38 -4.73 29.44
N GLY D 191 3.10 -5.90 28.88
CA GLY D 191 4.12 -6.91 28.72
C GLY D 191 4.87 -6.79 27.40
N VAL D 192 6.17 -7.04 27.44
CA VAL D 192 7.01 -6.97 26.24
C VAL D 192 7.72 -8.30 26.01
N PHE D 193 8.06 -8.61 24.76
CA PHE D 193 8.69 -9.89 24.44
C PHE D 193 10.16 -10.04 24.79
N SER D 194 10.82 -8.94 25.12
CA SER D 194 12.24 -8.96 25.48
C SER D 194 12.58 -7.82 26.43
N PRO D 195 13.51 -8.05 27.37
CA PRO D 195 13.94 -7.06 28.36
C PRO D 195 14.44 -5.73 27.78
N GLU D 196 15.04 -5.79 26.59
CA GLU D 196 15.57 -4.59 25.97
C GLU D 196 14.48 -3.57 25.67
N TRP D 197 13.22 -4.02 25.64
CA TRP D 197 12.12 -3.12 25.35
C TRP D 197 11.43 -2.53 26.57
N LEU D 198 11.84 -2.95 27.76
CA LEU D 198 11.22 -2.42 28.98
C LEU D 198 11.37 -0.91 29.11
N ALA D 199 12.61 -0.43 29.07
CA ALA D 199 12.86 1.00 29.20
C ALA D 199 12.28 1.85 28.07
N PRO D 200 12.53 1.47 26.81
CA PRO D 200 11.97 2.25 25.69
C PRO D 200 10.44 2.36 25.74
N MET D 201 9.78 1.26 26.08
CA MET D 201 8.33 1.25 26.15
C MET D 201 7.80 2.06 27.33
N ALA D 202 8.52 2.06 28.44
CA ALA D 202 8.08 2.85 29.58
C ALA D 202 8.18 4.33 29.20
N GLU D 203 9.23 4.68 28.47
CA GLU D 203 9.38 6.08 28.04
C GLU D 203 8.26 6.43 27.08
N ALA D 204 7.94 5.50 26.17
CA ALA D 204 6.86 5.75 25.21
C ALA D 204 5.57 6.00 25.97
N LEU D 205 5.29 5.17 26.98
CA LEU D 205 4.07 5.37 27.77
C LEU D 205 4.05 6.74 28.40
N GLU D 206 5.17 7.13 29.00
CA GLU D 206 5.26 8.43 29.64
C GLU D 206 5.03 9.56 28.65
N ARG D 207 5.62 9.45 27.45
CA ARG D 207 5.44 10.46 26.42
C ARG D 207 3.99 10.57 26.00
N LEU D 208 3.26 9.47 26.13
CA LEU D 208 1.84 9.45 25.76
C LEU D 208 0.92 9.86 26.91
N GLY D 209 1.52 10.23 28.04
CA GLY D 209 0.74 10.65 29.18
C GLY D 209 0.14 9.53 30.00
N ALA D 210 0.67 8.32 29.83
CA ALA D 210 0.16 7.15 30.56
C ALA D 210 1.09 6.76 31.70
N ARG D 211 0.63 5.85 32.54
CA ARG D 211 1.42 5.40 33.67
C ARG D 211 1.25 3.90 33.89
N GLY D 212 2.04 3.34 34.81
CA GLY D 212 1.94 1.92 35.09
C GLY D 212 3.24 1.17 35.01
N LEU D 213 3.14 -0.13 34.76
CA LEU D 213 4.31 -1.00 34.69
C LEU D 213 4.50 -1.67 33.34
N VAL D 214 5.74 -1.70 32.88
CA VAL D 214 6.08 -2.40 31.63
C VAL D 214 6.76 -3.64 32.21
N VAL D 215 6.31 -4.81 31.80
CA VAL D 215 6.81 -6.06 32.36
C VAL D 215 7.31 -7.11 31.37
N HIS D 216 8.13 -8.03 31.89
CA HIS D 216 8.67 -9.13 31.10
C HIS D 216 8.92 -10.28 32.07
N GLY D 217 8.40 -11.46 31.72
CA GLY D 217 8.55 -12.61 32.61
C GLY D 217 9.29 -13.81 32.06
N GLU D 218 10.60 -13.85 32.28
CA GLU D 218 11.46 -14.94 31.84
C GLU D 218 11.16 -15.39 30.42
N GLY D 219 11.13 -14.44 29.49
CA GLY D 219 10.87 -14.77 28.10
C GLY D 219 9.47 -14.46 27.59
N ALA D 220 8.50 -14.43 28.49
CA ALA D 220 7.12 -14.15 28.11
C ALA D 220 6.73 -12.68 28.23
N ASP D 221 5.75 -12.25 27.44
CA ASP D 221 5.30 -10.87 27.47
C ASP D 221 4.17 -10.69 28.49
N GLU D 222 4.37 -11.26 29.67
CA GLU D 222 3.41 -11.17 30.75
C GLU D 222 4.14 -11.46 32.05
N LEU D 223 3.51 -11.10 33.17
CA LEU D 223 4.10 -11.39 34.47
C LEU D 223 3.97 -12.89 34.69
N VAL D 224 5.04 -13.53 35.13
CA VAL D 224 5.01 -14.96 35.40
C VAL D 224 5.43 -15.23 36.84
N LEU D 225 5.40 -16.49 37.25
CA LEU D 225 5.76 -16.85 38.61
C LEU D 225 7.25 -17.15 38.73
N GLY D 226 8.04 -16.15 38.37
CA GLY D 226 9.49 -16.25 38.44
C GLY D 226 10.10 -14.88 38.60
N GLU D 227 11.34 -14.71 38.14
CA GLU D 227 12.01 -13.43 38.28
C GLU D 227 11.63 -12.47 37.13
N ASN D 228 10.57 -11.71 37.37
CA ASN D 228 10.09 -10.74 36.39
C ASN D 228 10.96 -9.48 36.38
N ARG D 229 11.09 -8.88 35.21
CA ARG D 229 11.82 -7.63 35.08
C ARG D 229 10.76 -6.58 34.80
N VAL D 230 10.87 -5.46 35.48
CA VAL D 230 9.89 -4.38 35.36
C VAL D 230 10.53 -3.01 35.22
N VAL D 231 9.81 -2.11 34.57
CA VAL D 231 10.23 -0.72 34.47
C VAL D 231 8.92 0.00 34.72
N GLU D 232 8.85 0.68 35.86
CA GLU D 232 7.64 1.40 36.24
C GLU D 232 7.78 2.87 35.86
N VAL D 233 6.76 3.39 35.20
CA VAL D 233 6.79 4.79 34.81
C VAL D 233 6.94 5.64 36.08
N GLY D 234 7.97 6.48 36.11
CA GLY D 234 8.19 7.34 37.26
C GLY D 234 9.04 6.73 38.36
N LYS D 235 9.42 5.47 38.23
CA LYS D 235 10.23 4.82 39.27
C LYS D 235 11.48 4.14 38.74
N GLY D 236 11.44 3.63 37.52
CA GLY D 236 12.61 2.97 36.98
C GLY D 236 12.54 1.46 36.95
N ALA D 237 13.70 0.83 36.76
CA ALA D 237 13.79 -0.63 36.67
C ALA D 237 14.01 -1.37 37.98
N TYR D 238 13.39 -2.54 38.07
CA TYR D 238 13.52 -3.40 39.24
C TYR D 238 12.95 -4.77 38.92
N ALA D 239 13.33 -5.77 39.71
CA ALA D 239 12.83 -7.11 39.49
C ALA D 239 11.63 -7.33 40.41
N LEU D 240 10.72 -8.21 39.99
CA LEU D 240 9.53 -8.50 40.76
C LEU D 240 9.35 -10.01 40.83
N THR D 241 9.38 -10.54 42.04
CA THR D 241 9.25 -11.97 42.27
C THR D 241 7.93 -12.32 42.95
N PRO D 242 7.47 -13.57 42.79
CA PRO D 242 6.22 -14.00 43.42
C PRO D 242 6.29 -13.97 44.94
N GLU D 243 7.41 -14.44 45.49
CA GLU D 243 7.57 -14.49 46.94
C GLU D 243 7.45 -13.15 47.64
N GLU D 244 7.82 -12.07 46.97
CA GLU D 244 7.74 -10.78 47.65
C GLU D 244 6.32 -10.24 47.72
N VAL D 245 5.39 -10.92 47.04
CA VAL D 245 3.98 -10.52 47.08
C VAL D 245 3.09 -11.67 47.60
N GLY D 246 3.71 -12.60 48.33
CA GLY D 246 2.99 -13.71 48.91
C GLY D 246 2.62 -14.89 48.03
N LEU D 247 3.26 -15.01 46.87
CA LEU D 247 2.96 -16.10 45.96
C LEU D 247 4.16 -17.03 45.80
N LYS D 248 3.91 -18.25 45.36
CA LYS D 248 4.99 -19.22 45.16
C LYS D 248 5.41 -19.26 43.69
N ARG D 249 6.68 -19.57 43.46
CA ARG D 249 7.18 -19.66 42.11
C ARG D 249 6.70 -20.96 41.49
N ALA D 250 6.62 -20.98 40.17
CA ALA D 250 6.19 -22.16 39.43
C ALA D 250 6.80 -22.06 38.04
N PRO D 251 7.07 -23.21 37.41
CA PRO D 251 7.66 -23.20 36.07
C PRO D 251 6.72 -22.60 35.03
N LEU D 252 7.28 -22.00 33.99
CA LEU D 252 6.48 -21.39 32.94
C LEU D 252 5.51 -22.42 32.36
N GLU D 253 5.96 -23.68 32.35
CA GLU D 253 5.16 -24.77 31.81
C GLU D 253 3.80 -24.85 32.50
N ALA D 254 3.75 -24.46 33.77
CA ALA D 254 2.51 -24.50 34.54
C ALA D 254 1.52 -23.43 34.07
N LEU D 255 1.99 -22.49 33.28
CA LEU D 255 1.13 -21.41 32.78
C LEU D 255 0.78 -21.59 31.30
N LYS D 256 1.24 -22.70 30.73
CA LYS D 256 0.97 -23.01 29.30
C LYS D 256 -0.53 -23.09 28.89
N GLY D 257 -1.24 -24.08 29.48
CA GLY D 257 -2.53 -24.41 28.99
C GLY D 257 -2.48 -25.30 27.75
N GLY D 258 -3.41 -24.99 26.84
CA GLY D 258 -3.68 -25.96 25.76
C GLY D 258 -4.40 -25.38 24.55
N GLY D 259 -5.32 -26.24 24.07
CA GLY D 259 -6.20 -25.87 22.97
C GLY D 259 -7.13 -24.85 23.46
N PRO D 260 -7.70 -24.12 22.48
CA PRO D 260 -8.69 -23.08 22.76
C PRO D 260 -9.83 -23.58 23.64
N GLU D 261 -10.29 -24.80 23.36
CA GLU D 261 -11.38 -25.41 24.11
C GLU D 261 -11.00 -25.60 25.58
N GLU D 262 -9.80 -26.14 25.82
CA GLU D 262 -9.33 -26.37 27.17
C GLU D 262 -9.22 -25.06 27.93
N ASN D 263 -8.77 -24.00 27.25
CA ASN D 263 -8.60 -22.74 27.96
C ASN D 263 -9.95 -22.07 28.28
N ALA D 264 -10.97 -22.28 27.47
CA ALA D 264 -12.29 -21.73 27.79
C ALA D 264 -12.80 -22.29 29.10
N ALA D 265 -12.71 -23.61 29.26
CA ALA D 265 -13.16 -24.26 30.48
C ALA D 265 -12.26 -23.85 31.65
N LEU D 266 -10.98 -23.73 31.38
CA LEU D 266 -9.96 -23.28 32.31
C LEU D 266 -10.31 -21.90 32.83
N ALA D 267 -10.60 -21.03 31.86
CA ALA D 267 -10.92 -19.65 32.16
C ALA D 267 -12.13 -19.56 33.09
N ARG D 268 -13.16 -20.36 32.80
CA ARG D 268 -14.35 -20.36 33.62
C ARG D 268 -14.04 -20.79 35.06
N ARG D 269 -13.30 -21.88 35.21
CA ARG D 269 -12.95 -22.37 36.54
C ARG D 269 -12.10 -21.36 37.32
N LEU D 270 -11.23 -20.65 36.61
CA LEU D 270 -10.38 -19.65 37.26
C LEU D 270 -11.22 -18.47 37.75
N LEU D 271 -12.04 -17.93 36.86
CA LEU D 271 -12.89 -16.79 37.20
C LEU D 271 -13.93 -17.11 38.28
N LYS D 272 -14.33 -18.37 38.36
CA LYS D 272 -15.31 -18.78 39.37
C LYS D 272 -14.65 -19.00 40.73
N GLY D 273 -13.31 -19.01 40.73
CA GLY D 273 -12.59 -19.22 41.97
C GLY D 273 -12.45 -20.69 42.32
N GLU D 274 -12.57 -21.55 41.31
CA GLU D 274 -12.46 -22.99 41.51
C GLU D 274 -11.03 -23.49 41.32
N GLU D 275 -10.36 -23.02 40.26
CA GLU D 275 -8.99 -23.39 39.97
C GLU D 275 -8.07 -22.59 40.90
N LYS D 276 -7.26 -23.28 41.69
CA LYS D 276 -6.36 -22.64 42.65
C LYS D 276 -4.87 -22.82 42.39
N GLY D 277 -4.52 -23.40 41.25
CA GLY D 277 -3.11 -23.63 40.94
C GLY D 277 -2.31 -22.40 40.52
N PRO D 278 -1.12 -22.62 39.92
CA PRO D 278 -0.23 -21.55 39.45
C PRO D 278 -0.94 -20.56 38.53
N LEU D 279 -1.87 -21.05 37.72
CA LEU D 279 -2.61 -20.18 36.81
C LEU D 279 -3.37 -19.11 37.60
N ALA D 280 -3.95 -19.50 38.73
CA ALA D 280 -4.69 -18.56 39.56
C ALA D 280 -3.72 -17.54 40.16
N ASP D 281 -2.55 -18.01 40.56
CA ASP D 281 -1.54 -17.12 41.14
C ASP D 281 -1.05 -16.12 40.10
N ALA D 282 -0.86 -16.57 38.87
CA ALA D 282 -0.37 -15.71 37.80
C ALA D 282 -1.42 -14.65 37.44
N VAL D 283 -2.69 -15.02 37.48
CA VAL D 283 -3.75 -14.06 37.19
C VAL D 283 -3.79 -13.03 38.31
N ALA D 284 -3.65 -13.50 39.54
CA ALA D 284 -3.66 -12.61 40.70
C ALA D 284 -2.49 -11.63 40.66
N LEU D 285 -1.34 -12.12 40.20
CA LEU D 285 -0.15 -11.28 40.11
C LEU D 285 -0.36 -10.13 39.13
N ALA D 286 -0.86 -10.45 37.93
CA ALA D 286 -1.10 -9.43 36.93
C ALA D 286 -2.23 -8.48 37.32
N ALA D 287 -3.32 -9.03 37.87
CA ALA D 287 -4.43 -8.20 38.30
C ALA D 287 -3.95 -7.28 39.42
N GLY D 288 -3.13 -7.83 40.31
CA GLY D 288 -2.60 -7.04 41.41
C GLY D 288 -1.75 -5.89 40.90
N ALA D 289 -0.95 -6.16 39.87
CA ALA D 289 -0.13 -5.12 39.28
C ALA D 289 -1.06 -4.07 38.70
N GLY D 290 -2.21 -4.52 38.17
CA GLY D 290 -3.19 -3.62 37.60
C GLY D 290 -3.80 -2.69 38.65
N PHE D 291 -4.19 -3.25 39.79
CA PHE D 291 -4.77 -2.45 40.86
C PHE D 291 -3.76 -1.38 41.29
N TYR D 292 -2.50 -1.76 41.41
CA TYR D 292 -1.46 -0.82 41.80
C TYR D 292 -1.24 0.24 40.73
N ALA D 293 -1.11 -0.20 39.48
CA ALA D 293 -0.90 0.71 38.37
C ALA D 293 -2.00 1.76 38.26
N ALA D 294 -3.24 1.34 38.53
CA ALA D 294 -4.39 2.23 38.43
C ALA D 294 -4.57 3.12 39.66
N GLY D 295 -3.93 2.76 40.77
CA GLY D 295 -4.05 3.56 41.97
C GLY D 295 -5.11 3.06 42.94
N LYS D 296 -5.68 1.90 42.66
CA LYS D 296 -6.71 1.30 43.51
C LYS D 296 -6.12 0.82 44.84
N THR D 297 -4.90 0.30 44.80
CA THR D 297 -4.21 -0.16 45.99
C THR D 297 -2.86 0.56 46.03
N PRO D 298 -2.44 0.99 47.23
CA PRO D 298 -1.17 1.71 47.36
C PRO D 298 0.12 0.91 47.12
N SER D 299 0.03 -0.42 47.10
CA SER D 299 1.21 -1.24 46.85
C SER D 299 0.88 -2.43 45.97
N LEU D 300 1.92 -3.06 45.43
CA LEU D 300 1.74 -4.23 44.60
C LEU D 300 1.20 -5.41 45.40
N LYS D 301 1.76 -5.64 46.58
CA LYS D 301 1.30 -6.76 47.41
C LYS D 301 -0.16 -6.62 47.79
N GLU D 302 -0.59 -5.39 48.12
CA GLU D 302 -1.98 -5.15 48.49
C GLU D 302 -2.87 -5.40 47.27
N GLY D 303 -2.34 -5.10 46.09
CA GLY D 303 -3.09 -5.33 44.87
C GLY D 303 -3.27 -6.82 44.65
N VAL D 304 -2.20 -7.58 44.87
CA VAL D 304 -2.26 -9.03 44.72
C VAL D 304 -3.24 -9.61 45.74
N ALA D 305 -3.22 -9.07 46.97
CA ALA D 305 -4.13 -9.55 48.01
C ALA D 305 -5.56 -9.35 47.56
N LEU D 306 -5.87 -8.16 47.04
CA LEU D 306 -7.21 -7.85 46.57
C LEU D 306 -7.59 -8.77 45.40
N ALA D 307 -6.64 -8.99 44.49
CA ALA D 307 -6.89 -9.84 43.34
C ALA D 307 -7.24 -11.27 43.77
N ARG D 308 -6.51 -11.78 44.77
CA ARG D 308 -6.77 -13.13 45.25
C ARG D 308 -8.17 -13.21 45.86
N GLU D 309 -8.56 -12.16 46.58
CA GLU D 309 -9.89 -12.15 47.18
C GLU D 309 -10.97 -12.11 46.11
N VAL D 310 -10.80 -11.24 45.11
CA VAL D 310 -11.75 -11.14 44.02
C VAL D 310 -11.88 -12.46 43.25
N LEU D 311 -10.75 -13.07 42.93
CA LEU D 311 -10.76 -14.33 42.20
C LEU D 311 -11.55 -15.39 42.98
N ALA D 312 -11.23 -15.54 44.26
CA ALA D 312 -11.88 -16.53 45.11
C ALA D 312 -13.37 -16.28 45.27
N SER D 313 -13.79 -15.02 45.17
CA SER D 313 -15.20 -14.66 45.34
C SER D 313 -16.04 -15.08 44.14
N GLY D 314 -15.40 -15.22 42.98
CA GLY D 314 -16.11 -15.61 41.78
C GLY D 314 -16.79 -14.44 41.10
N GLU D 315 -16.63 -13.24 41.64
CA GLU D 315 -17.26 -12.05 41.07
C GLU D 315 -16.77 -11.72 39.66
N ALA D 316 -15.56 -12.13 39.33
CA ALA D 316 -15.05 -11.84 37.99
C ALA D 316 -15.84 -12.64 36.96
N TYR D 317 -16.34 -13.81 37.35
CA TYR D 317 -17.13 -14.62 36.44
C TYR D 317 -18.49 -13.98 36.25
N LEU D 318 -19.04 -13.44 37.34
CA LEU D 318 -20.34 -12.78 37.28
C LEU D 318 -20.23 -11.57 36.36
N LEU D 319 -19.10 -10.88 36.43
CA LEU D 319 -18.87 -9.71 35.59
C LEU D 319 -18.81 -10.13 34.13
N LEU D 320 -18.12 -11.22 33.84
CA LEU D 320 -18.03 -11.73 32.48
C LEU D 320 -19.41 -11.99 31.90
N GLU D 321 -20.26 -12.67 32.67
CA GLU D 321 -21.59 -12.98 32.19
C GLU D 321 -22.44 -11.71 32.04
N ARG D 322 -22.24 -10.75 32.94
CA ARG D 322 -22.96 -9.49 32.89
C ARG D 322 -22.59 -8.79 31.57
N TYR D 323 -21.31 -8.84 31.22
CA TYR D 323 -20.82 -8.22 30.01
C TYR D 323 -21.37 -8.94 28.77
N VAL D 324 -21.31 -10.27 28.80
CA VAL D 324 -21.81 -11.08 27.70
C VAL D 324 -23.27 -10.75 27.41
N ALA D 325 -24.08 -10.69 28.46
CA ALA D 325 -25.51 -10.39 28.31
C ALA D 325 -25.75 -8.96 27.84
N PHE D 326 -24.91 -8.04 28.30
CA PHE D 326 -25.02 -6.63 27.95
C PHE D 326 -24.96 -6.40 26.45
N LEU D 327 -24.14 -7.19 25.77
CA LEU D 327 -23.96 -7.04 24.33
C LEU D 327 -25.06 -7.70 23.49
N ARG D 328 -25.91 -8.51 24.12
CA ARG D 328 -26.98 -9.20 23.39
C ARG D 328 -28.18 -8.30 23.12
N ALA D 329 -28.85 -8.53 21.99
CA ALA D 329 -30.02 -7.75 21.63
C ALA D 329 -31.12 -7.94 22.66
C1 GOL E . 25.42 -1.39 -15.01
O1 GOL E . 25.42 -0.80 -13.72
C2 GOL E . 25.62 -2.91 -14.89
O2 GOL E . 24.55 -3.47 -14.11
C3 GOL E . 25.62 -3.53 -16.28
O3 GOL E . 25.80 -4.94 -16.18
C1 GOL F . 35.77 -17.24 -15.26
O1 GOL F . 35.76 -18.26 -16.26
C2 GOL F . 34.55 -16.32 -15.46
O2 GOL F . 33.34 -17.08 -15.37
C3 GOL F . 34.56 -15.22 -14.41
O3 GOL F . 33.44 -14.36 -14.60
C1 GOL G . 29.87 5.80 -15.52
O1 GOL G . 28.89 5.08 -16.26
C2 GOL G . 29.19 6.99 -14.81
O2 GOL G . 28.17 6.50 -13.92
C3 GOL G . 30.23 7.78 -14.00
O3 GOL G . 29.58 8.88 -13.35
C1 GOL H . 55.12 6.15 -25.86
O1 GOL H . 56.39 6.77 -25.71
C2 GOL H . 54.02 7.23 -25.79
O2 GOL H . 54.22 8.18 -26.84
C3 GOL H . 52.65 6.56 -25.94
O3 GOL H . 51.63 7.56 -25.87
NA NA I . -5.29 56.56 -5.79
C1 GOL J . -16.14 15.86 -8.03
O1 GOL J . -16.06 14.44 -7.87
C2 GOL J . -15.15 16.29 -9.09
O2 GOL J . -15.49 15.65 -10.33
C3 GOL J . -15.21 17.82 -9.26
O3 GOL J . -14.28 18.23 -10.26
C1 GOL K . -22.82 16.41 -11.88
O1 GOL K . -23.73 15.31 -11.80
C2 GOL K . -22.20 16.46 -13.29
O2 GOL K . -23.25 16.65 -14.25
C3 GOL K . -21.22 17.63 -13.37
O3 GOL K . -20.64 17.69 -14.67
C1 GOL L . 0.96 44.06 6.63
O1 GOL L . 2.30 44.46 6.91
C2 GOL L . -0.01 45.17 7.05
O2 GOL L . 0.31 46.36 6.32
C3 GOL L . -1.44 44.75 6.76
O3 GOL L . -2.33 45.79 7.15
C1 GOL M . -17.35 -8.50 -12.08
O1 GOL M . -17.03 -9.00 -10.78
C2 GOL M . -17.65 -7.01 -12.03
O2 GOL M . -16.51 -6.30 -11.52
C3 GOL M . -18.00 -6.50 -13.43
O3 GOL M . -18.28 -5.12 -13.39
C1 GOL N . -12.18 -18.20 -5.55
O1 GOL N . -13.50 -17.90 -6.01
C2 GOL N . -11.17 -17.86 -6.65
O2 GOL N . -11.28 -16.48 -7.00
C3 GOL N . -9.75 -18.17 -6.14
O3 GOL N . -8.82 -17.85 -7.17
C1 GOL O . -20.42 -21.32 -3.58
O1 GOL O . -19.09 -21.22 -3.08
C2 GOL O . -21.29 -20.21 -2.96
O2 GOL O . -20.75 -18.93 -3.31
C3 GOL O . -22.72 -20.33 -3.49
O3 GOL O . -23.52 -19.30 -2.91
NA NA P . -0.05 4.91 44.03
C1 GOL Q . 0.52 -13.82 26.82
O1 GOL Q . -0.56 -13.64 25.90
C2 GOL Q . 1.50 -14.86 26.28
O2 GOL Q . 2.01 -14.40 25.01
C3 GOL Q . 2.66 -15.05 27.26
O3 GOL Q . 3.57 -16.03 26.74
C1 GOL R . 11.41 5.65 34.12
O1 GOL R . 11.04 5.36 35.48
C2 GOL R . 10.17 5.91 33.27
O2 GOL R . 9.42 7.01 33.80
C3 GOL R . 10.59 6.21 31.84
O3 GOL R . 9.44 6.46 31.05
#